data_2GGH
#
_entry.id   2GGH
#
_cell.length_a   116.188
_cell.length_b   116.188
_cell.length_c   120.815
_cell.angle_alpha   90.00
_cell.angle_beta   90.00
_cell.angle_gamma   90.00
#
_symmetry.space_group_name_H-M   'P 4'
#
loop_
_entity.id
_entity.type
_entity.pdbx_description
1 polymer 'N-acylamino acid racemase'
2 non-polymer 'MAGNESIUM ION'
3 non-polymer N~2~-ACETYL-L-GLUTAMINE
4 water water
#
_entity_poly.entity_id   1
_entity_poly.type   'polypeptide(L)'
_entity_poly.pdbx_seq_one_letter_code
;MAHTGRMFKIEAAEIVVARLPLKFRFETSFGVQTHKVVPLLILHGEGVQGVAEGTMEARPMYREETICGALCLLRGTFLP
AILGQTFANPEAVSDALGSYRGNRMARAMVEMAAWDLWARTLGVPLGTLLGGHKEQVEVGVSLGIQADEQATVDLVRRHV
EQGYRRIKLKIKPGWDVQPVRATREAFPDIRLTVDANSAYTLADAGRLRQLDEYDLTYIEQPLAWDDLVDHAELARRIRT
PLCLDESVASASDARKALALGAGGVINLKVARVGGHAESRRVHDVAQSFGAPVWCGGMLESGIGRAHNIHLSTLSNFRLP
GDTSSASRYWERDLIQEPLEAVDGLMPVPQGPGTGVTLDREFLATVTEAQEEHRA
;
_entity_poly.pdbx_strand_id   A,B,C,D
#
# COMPACT_ATOMS: atom_id res chain seq x y z
N ARG A 6 -1.10 5.24 -46.89
CA ARG A 6 -2.30 4.54 -47.44
C ARG A 6 -3.23 3.96 -46.37
N MET A 7 -4.40 3.50 -46.82
CA MET A 7 -5.50 3.13 -45.95
C MET A 7 -5.23 1.86 -45.15
N PHE A 8 -6.02 1.65 -44.11
CA PHE A 8 -5.87 0.43 -43.31
C PHE A 8 -7.16 -0.38 -43.17
N LYS A 9 -6.98 -1.70 -43.25
CA LYS A 9 -8.09 -2.63 -43.12
C LYS A 9 -8.10 -3.21 -41.71
N ILE A 10 -9.26 -3.20 -41.05
CA ILE A 10 -9.35 -3.83 -39.75
C ILE A 10 -9.77 -5.29 -39.88
N GLU A 11 -8.81 -6.18 -39.63
CA GLU A 11 -9.00 -7.59 -39.90
C GLU A 11 -9.53 -8.38 -38.71
N ALA A 12 -9.18 -7.94 -37.52
CA ALA A 12 -9.52 -8.68 -36.32
C ALA A 12 -9.58 -7.79 -35.08
N ALA A 13 -10.36 -8.22 -34.09
CA ALA A 13 -10.45 -7.49 -32.84
C ALA A 13 -10.51 -8.50 -31.70
N GLU A 14 -9.76 -8.21 -30.63
CA GLU A 14 -9.91 -8.95 -29.38
C GLU A 14 -10.44 -8.07 -28.26
N ILE A 15 -11.33 -8.66 -27.47
CA ILE A 15 -11.72 -8.07 -26.21
C ILE A 15 -11.13 -8.90 -25.09
N VAL A 16 -10.32 -8.26 -24.25
CA VAL A 16 -9.74 -8.92 -23.10
C VAL A 16 -10.21 -8.16 -21.89
N VAL A 17 -10.80 -8.88 -20.92
CA VAL A 17 -11.19 -8.26 -19.67
C VAL A 17 -10.25 -8.76 -18.58
N ALA A 18 -9.48 -7.84 -17.99
CA ALA A 18 -8.53 -8.21 -16.95
C ALA A 18 -9.02 -7.74 -15.59
N ARG A 19 -8.55 -8.44 -14.55
CA ARG A 19 -8.78 -8.03 -13.17
C ARG A 19 -7.40 -7.76 -12.58
N LEU A 20 -7.07 -6.48 -12.49
CA LEU A 20 -5.74 -6.05 -12.14
C LEU A 20 -5.68 -5.67 -10.66
N PRO A 21 -4.81 -6.35 -9.89
CA PRO A 21 -4.70 -6.06 -8.46
C PRO A 21 -4.25 -4.62 -8.22
N LEU A 22 -4.99 -3.90 -7.38
CA LEU A 22 -4.56 -2.59 -6.93
C LEU A 22 -3.41 -2.77 -5.93
N LYS A 23 -2.77 -1.67 -5.54
CA LYS A 23 -1.74 -1.73 -4.51
C LYS A 23 -2.09 -0.79 -3.36
N THR A 34 -8.30 -6.21 -3.21
CA THR A 34 -9.16 -5.44 -4.12
C THR A 34 -8.51 -5.31 -5.50
N HIS A 35 -9.34 -5.22 -6.53
CA HIS A 35 -8.87 -5.27 -7.91
C HIS A 35 -9.60 -4.23 -8.73
N LYS A 36 -9.15 -4.06 -9.98
CA LYS A 36 -9.94 -3.29 -10.93
C LYS A 36 -10.12 -4.04 -12.23
N VAL A 37 -11.35 -4.05 -12.72
CA VAL A 37 -11.66 -4.63 -14.00
C VAL A 37 -11.23 -3.72 -15.14
N VAL A 38 -10.32 -4.21 -15.97
CA VAL A 38 -9.79 -3.44 -17.08
C VAL A 38 -10.19 -4.07 -18.42
N PRO A 39 -11.19 -3.49 -19.10
CA PRO A 39 -11.60 -3.94 -20.43
C PRO A 39 -10.69 -3.37 -21.49
N LEU A 40 -10.15 -4.24 -22.34
CA LEU A 40 -9.28 -3.79 -23.42
C LEU A 40 -9.84 -4.17 -24.79
N LEU A 41 -9.59 -3.31 -25.77
CA LEU A 41 -9.87 -3.66 -27.15
C LEU A 41 -8.55 -3.59 -27.95
N ILE A 42 -8.27 -4.66 -28.68
CA ILE A 42 -7.11 -4.68 -29.54
C ILE A 42 -7.59 -4.84 -30.96
N LEU A 43 -7.24 -3.89 -31.82
CA LEU A 43 -7.59 -3.95 -33.23
C LEU A 43 -6.37 -4.30 -34.04
N HIS A 44 -6.54 -5.23 -34.98
CA HIS A 44 -5.43 -5.76 -35.77
C HIS A 44 -5.58 -5.39 -37.23
N GLY A 45 -4.50 -4.87 -37.81
CA GLY A 45 -4.50 -4.57 -39.23
C GLY A 45 -3.10 -4.24 -39.70
N GLU A 46 -2.84 -4.52 -40.98
CA GLU A 46 -1.59 -4.11 -41.64
C GLU A 46 -0.33 -4.56 -40.92
N GLY A 47 -0.42 -5.64 -40.16
CA GLY A 47 0.72 -6.14 -39.43
C GLY A 47 1.03 -5.42 -38.14
N VAL A 48 0.14 -4.51 -37.72
CA VAL A 48 0.29 -3.86 -36.43
C VAL A 48 -0.99 -4.05 -35.63
N GLN A 49 -1.00 -3.50 -34.42
CA GLN A 49 -2.22 -3.53 -33.62
C GLN A 49 -2.38 -2.23 -32.84
N GLY A 50 -3.65 -1.90 -32.57
CA GLY A 50 -3.98 -0.75 -31.77
C GLY A 50 -4.66 -1.29 -30.52
N VAL A 51 -4.37 -0.68 -29.38
CA VAL A 51 -4.93 -1.10 -28.12
C VAL A 51 -5.53 0.11 -27.43
N ALA A 52 -6.74 -0.08 -26.88
CA ALA A 52 -7.37 0.95 -26.07
C ALA A 52 -8.04 0.33 -24.85
N GLU A 53 -8.32 1.17 -23.86
CA GLU A 53 -8.85 0.72 -22.57
C GLU A 53 -10.18 1.38 -22.26
N GLY A 54 -11.16 0.58 -21.86
CA GLY A 54 -12.46 1.16 -21.50
C GLY A 54 -12.47 1.74 -20.10
N THR A 55 -13.21 2.83 -19.90
CA THR A 55 -13.28 3.48 -18.59
C THR A 55 -14.67 3.41 -17.92
N MET A 56 -15.59 2.68 -18.54
CA MET A 56 -16.88 2.41 -17.91
C MET A 56 -16.70 1.39 -16.77
N GLU A 57 -17.57 1.47 -15.77
CA GLU A 57 -17.49 0.66 -14.55
C GLU A 57 -18.46 -0.50 -14.65
N ALA A 58 -18.48 -1.40 -13.66
CA ALA A 58 -19.47 -2.49 -13.65
C ALA A 58 -20.90 -1.97 -13.48
N ARG A 59 -21.03 -0.94 -12.64
CA ARG A 59 -22.28 -0.22 -12.45
C ARG A 59 -22.09 1.24 -12.81
N PRO A 60 -23.19 1.92 -13.18
CA PRO A 60 -23.17 3.32 -13.63
C PRO A 60 -23.01 4.35 -12.49
N MET A 61 -21.76 4.63 -12.11
CA MET A 61 -21.51 5.48 -10.94
C MET A 61 -20.91 6.85 -11.27
N TYR A 62 -19.81 6.85 -12.01
CA TYR A 62 -19.19 8.07 -12.50
C TYR A 62 -20.02 8.67 -13.62
N ARG A 63 -20.53 7.79 -14.48
CA ARG A 63 -21.47 8.22 -15.51
C ARG A 63 -22.35 7.03 -15.87
N GLU A 64 -22.98 7.08 -17.04
CA GLU A 64 -24.12 6.24 -17.35
C GLU A 64 -23.79 4.84 -17.90
N GLU A 65 -22.55 4.66 -18.37
CA GLU A 65 -22.22 3.43 -19.10
C GLU A 65 -21.78 2.32 -18.16
N THR A 66 -21.84 1.08 -18.66
CA THR A 66 -21.35 -0.07 -17.89
C THR A 66 -20.53 -0.98 -18.78
N ILE A 67 -19.70 -1.82 -18.17
CA ILE A 67 -18.92 -2.79 -18.91
C ILE A 67 -19.84 -3.76 -19.67
N CYS A 68 -20.86 -4.26 -18.99
CA CYS A 68 -21.82 -5.15 -19.63
C CYS A 68 -22.50 -4.54 -20.86
N GLY A 69 -23.01 -3.32 -20.74
CA GLY A 69 -23.64 -2.63 -21.89
C GLY A 69 -22.67 -2.30 -23.00
N ALA A 70 -21.47 -1.86 -22.61
CA ALA A 70 -20.42 -1.49 -23.56
C ALA A 70 -19.92 -2.67 -24.38
N LEU A 71 -19.58 -3.77 -23.70
CA LEU A 71 -19.09 -4.95 -24.43
C LEU A 71 -20.17 -5.51 -25.37
N CYS A 72 -21.43 -5.47 -24.94
CA CYS A 72 -22.55 -5.82 -25.84
C CYS A 72 -22.58 -5.00 -27.11
N LEU A 73 -22.46 -3.69 -26.92
CA LEU A 73 -22.44 -2.76 -28.04
C LEU A 73 -21.25 -3.04 -28.98
N LEU A 74 -20.08 -3.32 -28.40
CA LEU A 74 -18.88 -3.60 -29.21
C LEU A 74 -19.04 -4.85 -30.08
N ARG A 75 -19.40 -5.96 -29.44
CA ARG A 75 -19.45 -7.23 -30.15
C ARG A 75 -20.67 -7.35 -31.08
N GLY A 76 -21.81 -6.81 -30.65
CA GLY A 76 -23.01 -6.86 -31.48
C GLY A 76 -23.18 -5.74 -32.50
N THR A 77 -22.48 -4.60 -32.32
CA THR A 77 -22.73 -3.45 -33.20
C THR A 77 -21.49 -2.78 -33.77
N PHE A 78 -20.61 -2.29 -32.89
CA PHE A 78 -19.44 -1.55 -33.36
C PHE A 78 -18.45 -2.44 -34.11
N LEU A 79 -18.15 -3.60 -33.55
CA LEU A 79 -17.16 -4.48 -34.16
C LEU A 79 -17.63 -5.05 -35.52
N PRO A 80 -18.88 -5.56 -35.61
CA PRO A 80 -19.34 -6.00 -36.95
C PRO A 80 -19.39 -4.87 -37.98
N ALA A 81 -19.52 -3.63 -37.53
CA ALA A 81 -19.55 -2.50 -38.46
C ALA A 81 -18.18 -2.21 -39.08
N ILE A 82 -17.10 -2.47 -38.35
CA ILE A 82 -15.75 -2.16 -38.82
C ILE A 82 -14.92 -3.38 -39.28
N LEU A 83 -15.22 -4.56 -38.78
CA LEU A 83 -14.39 -5.70 -39.16
C LEU A 83 -14.42 -5.96 -40.65
N GLY A 84 -13.24 -6.00 -41.25
CA GLY A 84 -13.11 -6.32 -42.67
C GLY A 84 -13.16 -5.10 -43.55
N GLN A 85 -13.34 -3.93 -42.94
CA GLN A 85 -13.45 -2.69 -43.71
C GLN A 85 -12.12 -1.96 -43.75
N THR A 86 -11.95 -1.14 -44.78
CA THR A 86 -10.70 -0.42 -45.00
C THR A 86 -10.98 1.06 -44.74
N PHE A 87 -10.05 1.71 -44.05
CA PHE A 87 -10.26 3.07 -43.60
C PHE A 87 -9.09 3.99 -43.94
N ALA A 88 -9.41 5.24 -44.25
CA ALA A 88 -8.38 6.24 -44.53
C ALA A 88 -7.76 6.79 -43.25
N ASN A 89 -8.57 6.91 -42.21
CA ASN A 89 -8.08 7.48 -40.94
C ASN A 89 -9.03 7.12 -39.82
N PRO A 90 -8.63 7.40 -38.56
CA PRO A 90 -9.48 7.09 -37.41
C PRO A 90 -10.82 7.82 -37.41
N GLU A 91 -10.88 8.99 -38.05
CA GLU A 91 -12.13 9.70 -38.21
C GLU A 91 -13.08 8.88 -39.09
N ALA A 92 -12.56 8.25 -40.14
CA ALA A 92 -13.42 7.40 -40.96
C ALA A 92 -13.94 6.21 -40.17
N VAL A 93 -13.15 5.66 -39.26
CA VAL A 93 -13.60 4.53 -38.44
C VAL A 93 -14.76 4.98 -37.55
N SER A 94 -14.57 6.13 -36.94
CA SER A 94 -15.56 6.66 -36.03
C SER A 94 -16.86 7.00 -36.75
N ASP A 95 -16.76 7.65 -37.91
CA ASP A 95 -17.91 7.96 -38.78
C ASP A 95 -18.71 6.70 -39.14
N ALA A 96 -18.01 5.58 -39.31
CA ALA A 96 -18.66 4.32 -39.64
C ALA A 96 -19.50 3.79 -38.49
N LEU A 97 -19.56 4.55 -37.39
CA LEU A 97 -20.38 4.20 -36.20
C LEU A 97 -21.38 5.28 -35.79
N GLY A 98 -21.46 6.38 -36.55
CA GLY A 98 -22.17 7.57 -36.10
C GLY A 98 -23.69 7.58 -36.06
N SER A 99 -24.34 6.45 -36.36
CA SER A 99 -25.80 6.39 -36.29
C SER A 99 -26.29 6.26 -34.85
N TYR A 100 -25.42 5.75 -33.99
CA TYR A 100 -25.81 5.40 -32.64
C TYR A 100 -25.60 6.55 -31.67
N ARG A 101 -26.43 6.61 -30.64
CA ARG A 101 -26.49 7.74 -29.74
C ARG A 101 -25.80 7.45 -28.42
N GLY A 102 -25.15 8.48 -27.87
CA GLY A 102 -24.42 8.38 -26.61
C GLY A 102 -23.38 7.28 -26.63
N ASN A 103 -23.22 6.58 -25.52
CA ASN A 103 -22.24 5.50 -25.42
C ASN A 103 -20.82 5.91 -25.85
N ARG A 104 -20.37 7.06 -25.34
CA ARG A 104 -19.12 7.63 -25.80
C ARG A 104 -17.87 6.86 -25.37
N MET A 105 -17.89 6.28 -24.17
CA MET A 105 -16.78 5.44 -23.70
C MET A 105 -16.65 4.10 -24.48
N ALA A 106 -17.79 3.47 -24.78
CA ALA A 106 -17.77 2.30 -25.67
C ALA A 106 -17.18 2.67 -27.01
N ARG A 107 -17.61 3.82 -27.54
CA ARG A 107 -17.12 4.30 -28.83
C ARG A 107 -15.64 4.67 -28.79
N ALA A 108 -15.22 5.21 -27.66
CA ALA A 108 -13.83 5.64 -27.50
C ALA A 108 -12.90 4.44 -27.59
N MET A 109 -13.36 3.28 -27.14
CA MET A 109 -12.53 2.06 -27.19
C MET A 109 -12.12 1.76 -28.63
N VAL A 110 -13.11 1.73 -29.53
CA VAL A 110 -12.84 1.56 -30.96
C VAL A 110 -12.01 2.72 -31.51
N GLU A 111 -12.45 3.96 -31.24
CA GLU A 111 -11.81 5.14 -31.80
C GLU A 111 -10.34 5.24 -31.39
N MET A 112 -10.06 5.00 -30.11
CA MET A 112 -8.69 5.16 -29.57
C MET A 112 -7.75 4.04 -30.01
N ALA A 113 -8.24 2.80 -30.08
CA ALA A 113 -7.49 1.70 -30.68
C ALA A 113 -7.20 2.01 -32.15
N ALA A 114 -8.18 2.59 -32.84
CA ALA A 114 -7.98 3.00 -34.24
C ALA A 114 -6.85 4.04 -34.40
N TRP A 115 -6.83 5.04 -33.50
CA TRP A 115 -5.72 6.00 -33.49
C TRP A 115 -4.36 5.34 -33.29
N ASP A 116 -4.29 4.42 -32.34
CA ASP A 116 -3.06 3.69 -32.02
C ASP A 116 -2.62 2.82 -33.23
N LEU A 117 -3.56 2.06 -33.79
CA LEU A 117 -3.28 1.28 -35.00
C LEU A 117 -2.79 2.16 -36.15
N TRP A 118 -3.55 3.23 -36.45
CA TRP A 118 -3.21 4.16 -37.55
C TRP A 118 -1.81 4.73 -37.37
N ALA A 119 -1.53 5.28 -36.19
CA ALA A 119 -0.20 5.80 -35.88
C ALA A 119 0.91 4.75 -36.05
N ARG A 120 0.60 3.51 -35.68
CA ARG A 120 1.60 2.46 -35.84
C ARG A 120 1.80 1.99 -37.31
N THR A 121 0.78 2.16 -38.16
CA THR A 121 0.99 1.91 -39.60
C THR A 121 1.93 2.97 -40.19
N LEU A 122 1.89 4.18 -39.64
CA LEU A 122 2.74 5.28 -40.10
C LEU A 122 4.10 5.34 -39.42
N GLY A 123 4.26 4.64 -38.30
CA GLY A 123 5.47 4.72 -37.49
C GLY A 123 5.61 6.02 -36.69
N VAL A 124 4.49 6.72 -36.43
CA VAL A 124 4.53 8.06 -35.79
C VAL A 124 3.90 8.04 -34.38
N PRO A 125 4.53 8.73 -33.39
CA PRO A 125 3.92 8.82 -32.07
C PRO A 125 2.49 9.40 -32.16
N LEU A 126 1.60 8.92 -31.31
CA LEU A 126 0.22 9.38 -31.35
C LEU A 126 0.10 10.89 -31.10
N GLY A 127 0.69 11.38 -30.02
CA GLY A 127 0.64 12.82 -29.71
C GLY A 127 1.07 13.71 -30.85
N THR A 128 2.09 13.27 -31.58
CA THR A 128 2.62 13.95 -32.76
C THR A 128 1.56 14.03 -33.86
N LEU A 129 0.84 12.95 -34.08
CA LEU A 129 -0.24 12.97 -35.10
C LEU A 129 -1.41 13.86 -34.72
N LEU A 130 -1.64 14.02 -33.41
CA LEU A 130 -2.70 14.90 -32.91
C LEU A 130 -2.27 16.37 -32.85
N GLY A 131 -0.99 16.62 -33.11
CA GLY A 131 -0.46 17.98 -33.15
C GLY A 131 0.33 18.43 -31.92
N GLY A 132 0.57 17.52 -30.98
CA GLY A 132 1.36 17.87 -29.81
C GLY A 132 2.86 17.88 -30.08
N HIS A 133 3.61 18.72 -29.36
CA HIS A 133 5.06 18.63 -29.40
C HIS A 133 5.76 18.79 -28.04
N LYS A 134 5.06 18.43 -26.96
CA LYS A 134 5.69 18.38 -25.65
C LYS A 134 6.36 17.01 -25.49
N GLU A 135 7.52 16.99 -24.82
CA GLU A 135 8.23 15.75 -24.52
C GLU A 135 7.92 15.27 -23.09
N GLN A 136 7.30 16.16 -22.32
CA GLN A 136 6.88 15.86 -20.97
C GLN A 136 5.64 16.62 -20.61
N VAL A 137 4.83 16.02 -19.73
CA VAL A 137 3.60 16.65 -19.28
C VAL A 137 3.55 16.85 -17.77
N GLU A 138 2.98 17.96 -17.34
CA GLU A 138 2.91 18.27 -15.93
C GLU A 138 1.79 17.51 -15.26
N VAL A 139 2.10 16.99 -14.07
CA VAL A 139 1.16 16.13 -13.37
C VAL A 139 0.78 16.70 -12.03
N GLY A 140 -0.48 16.49 -11.64
CA GLY A 140 -0.98 16.93 -10.35
C GLY A 140 -1.31 15.73 -9.49
N VAL A 141 -1.64 15.99 -8.23
CA VAL A 141 -2.00 14.93 -7.31
C VAL A 141 -3.42 15.18 -6.77
N SER A 142 -4.11 14.08 -6.48
CA SER A 142 -5.47 14.09 -5.94
C SER A 142 -5.52 13.51 -4.53
N LEU A 143 -6.04 14.28 -3.58
CA LEU A 143 -6.15 13.80 -2.19
C LEU A 143 -7.59 13.63 -1.78
N GLY A 144 -7.89 12.52 -1.10
CA GLY A 144 -9.20 12.27 -0.57
C GLY A 144 -9.41 13.04 0.72
N ILE A 145 -10.55 12.85 1.34
CA ILE A 145 -10.86 13.56 2.58
C ILE A 145 -9.98 13.02 3.69
N GLN A 146 -9.28 13.91 4.40
CA GLN A 146 -8.50 13.48 5.54
C GLN A 146 -9.28 13.74 6.82
N ALA A 147 -8.76 13.29 7.96
CA ALA A 147 -9.52 13.31 9.21
C ALA A 147 -9.70 14.73 9.74
N ASP A 148 -8.69 15.56 9.54
CA ASP A 148 -8.69 16.92 10.07
C ASP A 148 -7.76 17.79 9.25
N GLU A 149 -7.64 19.04 9.67
CA GLU A 149 -6.85 20.07 8.99
C GLU A 149 -5.35 19.75 8.90
N GLN A 150 -4.74 19.40 10.03
CA GLN A 150 -3.32 19.14 10.05
C GLN A 150 -2.93 17.88 9.27
N ALA A 151 -3.82 16.89 9.27
CA ALA A 151 -3.60 15.68 8.48
C ALA A 151 -3.67 15.99 6.96
N THR A 152 -4.55 16.92 6.59
CA THR A 152 -4.61 17.44 5.23
C THR A 152 -3.29 18.13 4.85
N VAL A 153 -2.84 19.05 5.70
CA VAL A 153 -1.61 19.83 5.47
C VAL A 153 -0.34 18.95 5.41
N ASP A 154 -0.29 17.91 6.24
CA ASP A 154 0.85 16.99 6.23
C ASP A 154 0.95 16.22 4.92
N LEU A 155 -0.19 15.83 4.36
CA LEU A 155 -0.17 15.11 3.10
C LEU A 155 0.08 16.06 1.92
N VAL A 156 -0.41 17.30 2.01
CA VAL A 156 -0.11 18.27 0.97
C VAL A 156 1.39 18.56 0.94
N ARG A 157 1.98 18.70 2.13
CA ARG A 157 3.42 18.95 2.26
C ARG A 157 4.23 17.81 1.65
N ARG A 158 3.82 16.58 1.92
CA ARG A 158 4.46 15.45 1.28
C ARG A 158 4.47 15.63 -0.24
N HIS A 159 3.29 15.87 -0.80
CA HIS A 159 3.13 15.88 -2.25
C HIS A 159 3.77 17.09 -2.91
N VAL A 160 3.82 18.20 -2.18
CA VAL A 160 4.55 19.38 -2.65
C VAL A 160 6.05 19.07 -2.74
N GLU A 161 6.56 18.31 -1.77
CA GLU A 161 7.98 17.96 -1.72
C GLU A 161 8.36 16.96 -2.82
N GLN A 162 7.41 16.12 -3.23
CA GLN A 162 7.58 15.20 -4.36
C GLN A 162 7.59 15.92 -5.71
N GLY A 163 7.24 17.20 -5.69
CA GLY A 163 7.31 18.03 -6.89
C GLY A 163 6.06 18.13 -7.76
N TYR A 164 4.92 17.69 -7.24
CA TYR A 164 3.66 17.84 -8.00
C TYR A 164 3.37 19.30 -8.20
N ARG A 165 2.82 19.62 -9.37
CA ARG A 165 2.58 21.01 -9.77
C ARG A 165 1.13 21.46 -9.61
N ARG A 166 0.30 20.59 -9.08
CA ARG A 166 -1.07 20.96 -8.67
C ARG A 166 -1.55 20.04 -7.56
N ILE A 167 -2.20 20.63 -6.56
CA ILE A 167 -2.80 19.90 -5.47
C ILE A 167 -4.31 19.94 -5.63
N LYS A 168 -4.92 18.76 -5.73
CA LYS A 168 -6.37 18.65 -5.74
C LYS A 168 -6.86 18.12 -4.40
N LEU A 169 -7.74 18.87 -3.73
CA LEU A 169 -8.40 18.34 -2.53
C LEU A 169 -9.85 17.93 -2.80
N LYS A 170 -10.20 16.71 -2.41
CA LYS A 170 -11.59 16.30 -2.33
C LYS A 170 -12.25 17.08 -1.18
N ILE A 171 -13.36 17.76 -1.47
CA ILE A 171 -14.14 18.45 -0.45
C ILE A 171 -15.57 17.92 -0.45
N LYS A 172 -16.33 18.26 0.58
CA LYS A 172 -17.74 17.87 0.67
C LYS A 172 -18.47 18.81 1.64
N PRO A 173 -19.82 18.86 1.58
CA PRO A 173 -20.50 19.73 2.56
C PRO A 173 -20.08 19.37 4.00
N GLY A 174 -19.81 20.37 4.81
CA GLY A 174 -19.26 20.14 6.14
C GLY A 174 -17.73 20.13 6.17
N TRP A 175 -17.08 19.92 5.04
CA TRP A 175 -15.62 19.83 5.02
C TRP A 175 -15.04 20.40 3.72
N ASP A 176 -14.84 21.71 3.69
CA ASP A 176 -14.41 22.38 2.48
C ASP A 176 -13.58 23.61 2.81
N VAL A 177 -14.19 24.60 3.44
CA VAL A 177 -13.41 25.78 3.83
C VAL A 177 -12.25 25.42 4.76
N GLN A 178 -12.45 24.47 5.67
CA GLN A 178 -11.43 24.13 6.68
C GLN A 178 -10.13 23.59 6.07
N PRO A 179 -10.21 22.51 5.26
CA PRO A 179 -9.01 21.99 4.61
C PRO A 179 -8.37 22.97 3.63
N VAL A 180 -9.18 23.67 2.84
CA VAL A 180 -8.66 24.68 1.93
C VAL A 180 -7.93 25.78 2.70
N ARG A 181 -8.56 26.29 3.75
CA ARG A 181 -7.96 27.33 4.60
C ARG A 181 -6.63 26.87 5.19
N ALA A 182 -6.65 25.71 5.87
CA ALA A 182 -5.43 25.19 6.48
C ALA A 182 -4.33 25.02 5.46
N THR A 183 -4.68 24.53 4.28
CA THR A 183 -3.70 24.29 3.22
C THR A 183 -3.09 25.59 2.66
N ARG A 184 -3.94 26.58 2.39
CA ARG A 184 -3.49 27.82 1.80
C ARG A 184 -2.63 28.61 2.78
N GLU A 185 -2.97 28.49 4.06
CA GLU A 185 -2.21 29.08 5.16
C GLU A 185 -0.80 28.50 5.19
N ALA A 186 -0.69 27.19 5.06
CA ALA A 186 0.63 26.58 5.10
C ALA A 186 1.36 26.78 3.77
N PHE A 187 0.59 26.92 2.68
CA PHE A 187 1.12 26.94 1.31
C PHE A 187 0.51 28.07 0.48
N PRO A 188 0.98 29.31 0.69
CA PRO A 188 0.39 30.52 0.12
C PRO A 188 0.47 30.61 -1.41
N ASP A 189 1.42 29.92 -2.03
CA ASP A 189 1.68 30.11 -3.46
C ASP A 189 1.44 28.90 -4.36
N ILE A 190 1.15 27.74 -3.78
CA ILE A 190 0.91 26.56 -4.61
C ILE A 190 -0.36 26.67 -5.44
N ARG A 191 -0.39 25.90 -6.53
CA ARG A 191 -1.59 25.74 -7.30
C ARG A 191 -2.51 24.77 -6.59
N LEU A 192 -3.65 25.28 -6.14
CA LEU A 192 -4.55 24.48 -5.32
C LEU A 192 -5.94 24.48 -5.94
N THR A 193 -6.54 23.30 -6.00
CA THR A 193 -7.88 23.15 -6.53
C THR A 193 -8.67 22.20 -5.65
N VAL A 194 -9.98 22.13 -5.86
CA VAL A 194 -10.80 21.18 -5.13
C VAL A 194 -11.72 20.41 -6.08
N ASP A 195 -12.11 19.22 -5.64
CA ASP A 195 -13.06 18.41 -6.37
C ASP A 195 -14.33 18.35 -5.51
N ALA A 196 -15.41 18.94 -6.01
CA ALA A 196 -16.65 19.05 -5.23
C ALA A 196 -17.60 17.88 -5.46
N ASN A 197 -17.29 17.05 -6.45
CA ASN A 197 -17.93 15.75 -6.60
C ASN A 197 -19.47 15.82 -6.60
N SER A 198 -20.02 16.84 -7.28
CA SER A 198 -21.47 17.04 -7.46
C SER A 198 -22.28 16.95 -6.17
N ALA A 199 -21.71 17.41 -5.06
CA ALA A 199 -22.30 17.15 -3.75
C ALA A 199 -23.00 18.36 -3.21
N TYR A 200 -23.00 19.43 -4.01
CA TYR A 200 -23.54 20.71 -3.56
C TYR A 200 -24.80 21.11 -4.32
N THR A 201 -25.46 22.16 -3.85
CA THR A 201 -26.65 22.73 -4.48
C THR A 201 -26.48 24.25 -4.48
N LEU A 202 -27.38 24.95 -5.15
CA LEU A 202 -27.30 26.41 -5.24
C LEU A 202 -27.45 27.07 -3.87
N ALA A 203 -28.02 26.34 -2.91
CA ALA A 203 -28.18 26.87 -1.56
C ALA A 203 -26.83 26.95 -0.86
N ASP A 204 -25.84 26.28 -1.45
CA ASP A 204 -24.48 26.24 -0.91
C ASP A 204 -23.60 27.38 -1.42
N ALA A 205 -24.17 28.25 -2.24
CA ALA A 205 -23.42 29.37 -2.83
C ALA A 205 -22.61 30.20 -1.84
N GLY A 206 -23.24 30.59 -0.72
CA GLY A 206 -22.56 31.35 0.33
C GLY A 206 -21.36 30.64 0.96
N ARG A 207 -21.50 29.33 1.18
CA ARG A 207 -20.41 28.53 1.71
C ARG A 207 -19.25 28.39 0.70
N LEU A 208 -19.59 28.06 -0.56
CA LEU A 208 -18.60 28.00 -1.64
C LEU A 208 -17.89 29.33 -1.89
N ARG A 209 -18.60 30.44 -1.76
CA ARG A 209 -18.00 31.76 -1.91
C ARG A 209 -16.92 32.01 -0.85
N GLN A 210 -17.09 31.39 0.32
CA GLN A 210 -16.04 31.42 1.36
C GLN A 210 -14.69 30.84 0.89
N LEU A 211 -14.68 30.05 -0.19
CA LEU A 211 -13.43 29.55 -0.75
C LEU A 211 -12.67 30.63 -1.51
N ASP A 212 -13.39 31.68 -1.94
CA ASP A 212 -12.85 32.70 -2.84
C ASP A 212 -11.58 33.36 -2.32
N GLU A 213 -11.50 33.56 -1.01
CA GLU A 213 -10.34 34.27 -0.47
C GLU A 213 -9.05 33.45 -0.51
N TYR A 214 -9.16 32.14 -0.78
CA TYR A 214 -8.00 31.26 -0.81
C TYR A 214 -7.49 30.99 -2.21
N ASP A 215 -8.01 31.73 -3.18
CA ASP A 215 -7.49 31.77 -4.53
C ASP A 215 -7.31 30.38 -5.14
N LEU A 216 -8.36 29.57 -5.15
CA LEU A 216 -8.30 28.26 -5.81
C LEU A 216 -8.27 28.50 -7.30
N THR A 217 -7.58 27.61 -8.03
CA THR A 217 -7.57 27.71 -9.48
C THR A 217 -8.93 27.34 -10.05
N TYR A 218 -9.64 26.43 -9.39
CA TYR A 218 -11.01 26.09 -9.78
C TYR A 218 -11.62 25.14 -8.78
N ILE A 219 -12.95 25.11 -8.78
CA ILE A 219 -13.73 24.12 -8.08
C ILE A 219 -14.37 23.22 -9.13
N GLU A 220 -14.12 21.93 -9.01
CA GLU A 220 -14.60 20.96 -9.99
C GLU A 220 -16.02 20.46 -9.75
N GLN A 221 -16.86 20.64 -10.78
CA GLN A 221 -18.24 20.13 -10.82
C GLN A 221 -18.99 20.08 -9.46
N PRO A 222 -19.24 21.25 -8.82
CA PRO A 222 -19.93 21.27 -7.53
C PRO A 222 -21.39 20.84 -7.57
N LEU A 223 -22.07 21.09 -8.68
CA LEU A 223 -23.51 20.84 -8.82
C LEU A 223 -23.73 19.60 -9.69
N ALA A 224 -24.96 19.40 -10.17
CA ALA A 224 -25.29 18.13 -10.81
C ALA A 224 -24.34 17.71 -11.95
N TRP A 225 -24.03 16.41 -12.02
CA TRP A 225 -23.03 15.89 -12.98
C TRP A 225 -23.36 16.18 -14.44
N ASP A 226 -24.64 16.26 -14.75
CA ASP A 226 -25.01 16.52 -16.13
C ASP A 226 -25.47 17.96 -16.37
N ASP A 227 -25.22 18.83 -15.40
CA ASP A 227 -25.70 20.20 -15.52
C ASP A 227 -24.67 21.18 -16.08
N LEU A 228 -25.16 22.15 -16.87
CA LEU A 228 -24.41 23.34 -17.21
C LEU A 228 -25.08 24.64 -16.74
N VAL A 229 -26.41 24.68 -16.85
CA VAL A 229 -27.16 25.90 -16.58
C VAL A 229 -27.08 26.38 -15.13
N ASP A 230 -27.24 25.46 -14.17
CA ASP A 230 -27.13 25.84 -12.75
C ASP A 230 -25.68 26.20 -12.39
N HIS A 231 -24.71 25.51 -12.98
CA HIS A 231 -23.30 25.93 -12.86
C HIS A 231 -23.09 27.37 -13.34
N ALA A 232 -23.68 27.72 -14.48
CA ALA A 232 -23.66 29.11 -14.92
C ALA A 232 -24.19 30.09 -13.84
N GLU A 233 -25.29 29.75 -13.20
CA GLU A 233 -25.84 30.59 -12.15
C GLU A 233 -24.85 30.68 -10.97
N LEU A 234 -24.32 29.52 -10.57
CA LEU A 234 -23.39 29.49 -9.44
C LEU A 234 -22.12 30.32 -9.71
N ALA A 235 -21.58 30.24 -10.93
CA ALA A 235 -20.46 31.07 -11.36
C ALA A 235 -20.69 32.59 -11.23
N ARG A 236 -21.94 33.04 -11.30
CA ARG A 236 -22.23 34.46 -11.11
C ARG A 236 -22.16 34.82 -9.62
N ARG A 237 -22.34 33.81 -8.76
CA ARG A 237 -22.46 34.05 -7.33
C ARG A 237 -21.14 33.96 -6.59
N ILE A 238 -20.14 33.36 -7.21
CA ILE A 238 -18.86 33.21 -6.55
C ILE A 238 -17.78 33.59 -7.55
N ARG A 239 -16.61 33.95 -7.03
CA ARG A 239 -15.51 34.38 -7.88
C ARG A 239 -14.54 33.25 -8.20
N THR A 240 -14.60 32.15 -7.45
CA THR A 240 -13.75 31.00 -7.75
C THR A 240 -14.24 30.41 -9.06
N PRO A 241 -13.32 30.19 -10.02
CA PRO A 241 -13.66 29.55 -11.28
C PRO A 241 -14.24 28.14 -11.11
N LEU A 242 -15.21 27.81 -11.95
CA LEU A 242 -15.73 26.44 -11.99
C LEU A 242 -15.06 25.65 -13.11
N CYS A 243 -14.70 24.42 -12.79
CA CYS A 243 -14.21 23.46 -13.74
C CYS A 243 -15.30 22.41 -14.03
N LEU A 244 -15.58 22.16 -15.31
CA LEU A 244 -16.56 21.14 -15.69
C LEU A 244 -15.90 19.80 -15.93
N ASP A 245 -16.60 18.75 -15.54
CA ASP A 245 -16.17 17.37 -15.76
C ASP A 245 -17.23 16.63 -16.56
N GLU A 246 -18.16 15.97 -15.87
CA GLU A 246 -19.12 15.07 -16.48
C GLU A 246 -20.09 15.69 -17.46
N SER A 247 -20.27 16.99 -17.39
CA SER A 247 -21.25 17.66 -18.28
C SER A 247 -20.62 18.15 -19.59
N VAL A 248 -19.33 17.86 -19.80
CA VAL A 248 -18.70 18.08 -21.09
C VAL A 248 -18.34 16.74 -21.73
N ALA A 249 -19.20 16.27 -22.62
CA ALA A 249 -19.00 14.96 -23.26
C ALA A 249 -18.81 15.09 -24.77
N SER A 250 -18.56 16.29 -25.25
CA SER A 250 -18.45 16.58 -26.69
C SER A 250 -17.94 18.00 -26.88
N ALA A 251 -17.50 18.33 -28.10
CA ALA A 251 -17.11 19.70 -28.43
C ALA A 251 -18.28 20.70 -28.35
N SER A 252 -19.49 20.29 -28.72
CA SER A 252 -20.64 21.19 -28.60
C SER A 252 -21.03 21.44 -27.13
N ASP A 253 -20.92 20.43 -26.27
CA ASP A 253 -20.99 20.67 -24.82
C ASP A 253 -19.93 21.66 -24.33
N ALA A 254 -18.73 21.61 -24.88
CA ALA A 254 -17.67 22.49 -24.36
C ALA A 254 -18.02 23.92 -24.75
N ARG A 255 -18.44 24.07 -26.01
CA ARG A 255 -18.91 25.37 -26.51
C ARG A 255 -20.04 25.94 -25.67
N LYS A 256 -21.04 25.11 -25.38
CA LYS A 256 -22.19 25.59 -24.64
C LYS A 256 -21.79 25.98 -23.23
N ALA A 257 -20.97 25.12 -22.60
CA ALA A 257 -20.47 25.38 -21.25
C ALA A 257 -19.73 26.73 -21.17
N LEU A 258 -18.79 26.94 -22.09
CA LEU A 258 -17.96 28.14 -22.04
C LEU A 258 -18.75 29.41 -22.35
N ALA A 259 -19.66 29.31 -23.33
CA ALA A 259 -20.46 30.45 -23.78
C ALA A 259 -21.55 30.82 -22.77
N LEU A 260 -22.12 29.81 -22.09
CA LEU A 260 -23.06 30.08 -20.99
C LEU A 260 -22.38 30.61 -19.71
N GLY A 261 -21.05 30.51 -19.64
CA GLY A 261 -20.34 30.83 -18.40
C GLY A 261 -20.58 29.77 -17.33
N ALA A 262 -20.77 28.52 -17.73
CA ALA A 262 -20.88 27.43 -16.76
C ALA A 262 -19.56 27.17 -16.03
N GLY A 263 -18.47 27.54 -16.67
CA GLY A 263 -17.14 27.37 -16.06
C GLY A 263 -16.08 28.03 -16.92
N GLY A 264 -14.84 28.02 -16.43
CA GLY A 264 -13.72 28.63 -17.12
C GLY A 264 -12.62 27.61 -17.36
N VAL A 265 -12.86 26.37 -16.96
CA VAL A 265 -11.87 25.29 -17.07
C VAL A 265 -12.60 23.99 -17.34
N ILE A 266 -12.01 23.11 -18.14
CA ILE A 266 -12.60 21.81 -18.42
C ILE A 266 -11.62 20.69 -18.08
N ASN A 267 -12.05 19.80 -17.19
CA ASN A 267 -11.38 18.53 -16.92
C ASN A 267 -11.69 17.63 -18.11
N LEU A 268 -10.71 17.44 -18.99
CA LEU A 268 -10.89 16.71 -20.23
C LEU A 268 -10.48 15.26 -20.07
N LYS A 269 -11.46 14.35 -20.18
CA LYS A 269 -11.22 12.91 -20.13
C LYS A 269 -11.47 12.32 -21.51
N VAL A 270 -10.44 11.73 -22.11
CA VAL A 270 -10.50 11.30 -23.52
C VAL A 270 -11.66 10.34 -23.86
N ALA A 271 -11.88 9.33 -23.02
CA ALA A 271 -12.92 8.36 -23.30
C ALA A 271 -14.35 8.90 -23.07
N ARG A 272 -14.51 9.78 -22.10
CA ARG A 272 -15.80 10.40 -21.78
C ARG A 272 -16.38 11.22 -22.96
N VAL A 273 -15.51 11.84 -23.74
CA VAL A 273 -15.97 12.64 -24.87
C VAL A 273 -15.99 11.83 -26.18
N GLY A 274 -15.49 10.59 -26.13
CA GLY A 274 -15.58 9.72 -27.28
C GLY A 274 -14.30 9.49 -28.03
N GLY A 275 -13.16 9.86 -27.43
CA GLY A 275 -11.85 9.58 -28.03
C GLY A 275 -10.99 10.80 -28.36
N HIS A 276 -9.87 10.54 -29.03
CA HIS A 276 -8.86 11.57 -29.35
C HIS A 276 -9.31 12.69 -30.29
N ALA A 277 -10.02 12.36 -31.36
CA ALA A 277 -10.41 13.41 -32.32
C ALA A 277 -11.34 14.43 -31.65
N GLU A 278 -12.36 13.92 -30.97
CA GLU A 278 -13.32 14.76 -30.27
C GLU A 278 -12.65 15.46 -29.10
N SER A 279 -11.73 14.80 -28.42
CA SER A 279 -10.92 15.46 -27.37
C SER A 279 -10.13 16.65 -27.89
N ARG A 280 -9.49 16.48 -29.04
CA ARG A 280 -8.79 17.60 -29.64
C ARG A 280 -9.78 18.71 -30.00
N ARG A 281 -10.96 18.34 -30.48
CA ARG A 281 -11.99 19.38 -30.72
C ARG A 281 -12.43 20.07 -29.41
N VAL A 282 -12.55 19.33 -28.31
CA VAL A 282 -12.88 19.98 -27.03
C VAL A 282 -11.75 20.96 -26.66
N HIS A 283 -10.52 20.48 -26.73
CA HIS A 283 -9.31 21.25 -26.52
C HIS A 283 -9.22 22.53 -27.38
N ASP A 284 -9.58 22.41 -28.65
CA ASP A 284 -9.56 23.57 -29.55
C ASP A 284 -10.69 24.54 -29.30
N VAL A 285 -11.87 24.04 -28.95
CA VAL A 285 -12.98 24.95 -28.67
C VAL A 285 -12.66 25.79 -27.44
N ALA A 286 -12.22 25.11 -26.38
CA ALA A 286 -11.75 25.74 -25.15
C ALA A 286 -10.71 26.78 -25.44
N GLN A 287 -9.68 26.39 -26.16
CA GLN A 287 -8.63 27.31 -26.56
C GLN A 287 -9.21 28.55 -27.25
N SER A 288 -10.16 28.35 -28.16
CA SER A 288 -10.73 29.50 -28.89
C SER A 288 -11.44 30.47 -27.96
N PHE A 289 -11.83 29.98 -26.77
CA PHE A 289 -12.42 30.81 -25.71
C PHE A 289 -11.34 31.31 -24.77
N GLY A 290 -10.08 30.93 -25.01
CA GLY A 290 -9.01 31.23 -24.05
C GLY A 290 -9.17 30.53 -22.68
N ALA A 291 -9.88 29.41 -22.66
CA ALA A 291 -10.04 28.62 -21.45
C ALA A 291 -9.09 27.43 -21.49
N PRO A 292 -8.43 27.11 -20.36
CA PRO A 292 -7.54 25.96 -20.40
C PRO A 292 -8.25 24.62 -20.20
N VAL A 293 -7.63 23.55 -20.67
CA VAL A 293 -8.07 22.22 -20.27
C VAL A 293 -6.97 21.50 -19.48
N TRP A 294 -7.38 20.44 -18.77
CA TRP A 294 -6.41 19.56 -18.14
C TRP A 294 -6.85 18.11 -18.26
N CYS A 295 -5.90 17.20 -18.09
CA CYS A 295 -6.20 15.80 -18.36
C CYS A 295 -6.71 15.09 -17.13
N GLY A 296 -7.99 14.76 -17.10
CA GLY A 296 -8.56 13.99 -16.01
C GLY A 296 -8.16 12.53 -16.08
N GLY A 297 -8.29 11.84 -14.94
CA GLY A 297 -7.91 10.45 -14.80
C GLY A 297 -9.05 9.55 -14.36
N MET A 298 -8.90 8.25 -14.64
CA MET A 298 -9.92 7.25 -14.35
C MET A 298 -9.25 5.93 -13.93
N LEU A 299 -8.19 6.03 -13.15
CA LEU A 299 -7.54 4.84 -12.59
C LEU A 299 -7.04 3.90 -13.69
N GLU A 300 -6.46 4.46 -14.74
CA GLU A 300 -6.14 3.65 -15.93
C GLU A 300 -4.93 2.74 -15.75
N SER A 301 -5.00 1.56 -16.35
CA SER A 301 -3.81 0.75 -16.57
C SER A 301 -2.92 1.54 -17.54
N GLY A 302 -1.77 0.99 -17.88
CA GLY A 302 -0.77 1.75 -18.64
C GLY A 302 -1.23 2.05 -20.05
N ILE A 303 -2.14 1.24 -20.56
CA ILE A 303 -2.74 1.52 -21.86
C ILE A 303 -3.48 2.86 -21.85
N GLY A 304 -4.47 3.00 -20.97
CA GLY A 304 -5.17 4.27 -20.79
C GLY A 304 -4.29 5.43 -20.36
N ARG A 305 -3.38 5.18 -19.42
CA ARG A 305 -2.44 6.23 -18.97
C ARG A 305 -1.59 6.78 -20.12
N ALA A 306 -1.13 5.89 -21.00
CA ALA A 306 -0.33 6.26 -22.18
C ALA A 306 -1.13 7.04 -23.21
N HIS A 307 -2.35 6.59 -23.51
CA HIS A 307 -3.25 7.40 -24.35
C HIS A 307 -3.42 8.82 -23.78
N ASN A 308 -3.56 8.89 -22.46
CA ASN A 308 -3.73 10.17 -21.74
C ASN A 308 -2.51 11.07 -21.85
N ILE A 309 -1.33 10.48 -21.65
CA ILE A 309 -0.07 11.22 -21.70
C ILE A 309 0.09 11.79 -23.11
N HIS A 310 -0.18 10.98 -24.12
CA HIS A 310 -0.11 11.45 -25.50
C HIS A 310 -1.11 12.59 -25.82
N LEU A 311 -2.38 12.44 -25.43
CA LEU A 311 -3.32 13.54 -25.59
C LEU A 311 -2.82 14.80 -24.89
N SER A 312 -2.21 14.65 -23.71
CA SER A 312 -1.82 15.78 -22.87
C SER A 312 -0.70 16.66 -23.45
N THR A 313 -0.04 16.19 -24.50
CA THR A 313 1.05 16.96 -25.13
C THR A 313 0.55 18.16 -25.95
N LEU A 314 -0.76 18.31 -26.07
CA LEU A 314 -1.34 19.39 -26.86
C LEU A 314 -1.28 20.69 -26.05
N SER A 315 -1.20 21.83 -26.75
CA SER A 315 -0.76 23.08 -26.13
C SER A 315 -1.74 23.76 -25.16
N ASN A 316 -3.02 23.42 -25.23
CA ASN A 316 -3.98 24.02 -24.32
C ASN A 316 -4.19 23.17 -23.08
N PHE A 317 -3.42 22.09 -22.95
CA PHE A 317 -3.34 21.37 -21.68
C PHE A 317 -2.40 22.13 -20.75
N ARG A 318 -2.91 23.26 -20.25
CA ARG A 318 -2.07 24.26 -19.57
C ARG A 318 -2.13 24.16 -18.06
N LEU A 319 -2.93 23.24 -17.55
CA LEU A 319 -2.92 22.94 -16.13
C LEU A 319 -2.54 21.46 -15.99
N PRO A 320 -1.93 21.08 -14.86
CA PRO A 320 -1.44 19.69 -14.68
C PRO A 320 -2.54 18.61 -14.67
N GLY A 321 -2.17 17.40 -15.10
CA GLY A 321 -3.13 16.33 -15.35
C GLY A 321 -2.99 15.16 -14.40
N ASP A 322 -4.02 14.33 -14.35
CA ASP A 322 -4.00 13.14 -13.49
C ASP A 322 -3.41 11.98 -14.27
N THR A 323 -2.14 12.13 -14.61
CA THR A 323 -1.40 11.06 -15.24
C THR A 323 -0.12 10.86 -14.43
N SER A 324 -0.31 10.66 -13.13
CA SER A 324 0.78 10.39 -12.22
C SER A 324 1.24 8.94 -12.38
N SER A 325 2.28 8.58 -11.62
CA SER A 325 2.97 7.30 -11.76
C SER A 325 2.08 6.06 -11.70
N ALA A 326 2.30 5.15 -12.65
CA ALA A 326 1.60 3.85 -12.65
C ALA A 326 1.78 3.10 -11.33
N SER A 327 2.97 3.24 -10.73
CA SER A 327 3.30 2.53 -9.48
C SER A 327 2.45 2.95 -8.29
N ARG A 328 1.74 4.07 -8.40
CA ARG A 328 0.88 4.52 -7.33
C ARG A 328 -0.44 3.71 -7.30
N TYR A 329 -0.70 2.96 -8.35
CA TYR A 329 -1.99 2.31 -8.51
C TYR A 329 -1.85 0.81 -8.59
N TRP A 330 -0.75 0.37 -9.20
CA TRP A 330 -0.59 -1.03 -9.52
C TRP A 330 0.74 -1.55 -9.00
N GLU A 331 0.64 -2.62 -8.23
CA GLU A 331 1.73 -3.53 -7.98
C GLU A 331 2.52 -3.75 -9.26
N ARG A 332 1.81 -4.18 -10.30
CA ARG A 332 2.39 -4.45 -11.61
C ARG A 332 1.41 -4.08 -12.73
N ASP A 333 1.91 -3.33 -13.72
CA ASP A 333 1.07 -2.82 -14.82
C ASP A 333 0.96 -3.82 -15.98
N LEU A 334 -0.01 -3.59 -16.87
CA LEU A 334 -0.29 -4.51 -17.98
C LEU A 334 0.65 -4.31 -19.18
N ILE A 335 1.44 -3.25 -19.12
CA ILE A 335 2.37 -2.91 -20.18
C ILE A 335 3.80 -3.18 -19.72
N GLN A 336 4.72 -3.29 -20.67
CA GLN A 336 6.12 -3.54 -20.37
C GLN A 336 6.86 -2.26 -19.92
N GLU A 337 6.36 -1.10 -20.31
CA GLU A 337 7.04 0.15 -19.99
C GLU A 337 6.59 0.78 -18.67
N PRO A 338 7.55 1.27 -17.88
CA PRO A 338 7.17 1.99 -16.67
C PRO A 338 6.73 3.42 -17.03
N LEU A 339 5.58 3.84 -16.53
CA LEU A 339 5.17 5.23 -16.67
C LEU A 339 5.35 5.92 -15.33
N GLU A 340 6.54 6.49 -15.12
CA GLU A 340 6.84 7.08 -13.83
C GLU A 340 7.17 8.55 -13.93
N ALA A 341 6.40 9.37 -13.21
CA ALA A 341 6.65 10.80 -13.16
C ALA A 341 7.75 11.13 -12.14
N VAL A 342 8.56 12.12 -12.46
CA VAL A 342 9.64 12.57 -11.60
C VAL A 342 9.46 14.07 -11.46
N ASP A 343 9.45 14.58 -10.23
CA ASP A 343 9.32 16.01 -9.98
C ASP A 343 8.12 16.62 -10.71
N GLY A 344 7.02 15.88 -10.78
CA GLY A 344 5.78 16.44 -11.38
C GLY A 344 5.79 16.52 -12.90
N LEU A 345 6.72 15.83 -13.53
CA LEU A 345 6.79 15.69 -14.98
C LEU A 345 6.73 14.22 -15.43
N MET A 346 5.70 13.90 -16.22
CA MET A 346 5.63 12.58 -16.83
C MET A 346 6.17 12.63 -18.24
N PRO A 347 7.21 11.82 -18.50
CA PRO A 347 7.78 11.70 -19.85
C PRO A 347 6.79 11.06 -20.82
N VAL A 348 6.81 11.51 -22.07
CA VAL A 348 5.95 10.89 -23.08
C VAL A 348 6.63 9.57 -23.47
N PRO A 349 5.89 8.45 -23.36
CA PRO A 349 6.50 7.15 -23.69
C PRO A 349 6.90 7.07 -25.15
N GLN A 350 8.14 6.65 -25.40
CA GLN A 350 8.72 6.66 -26.74
C GLN A 350 8.19 5.52 -27.61
N GLY A 351 8.13 5.77 -28.91
CA GLY A 351 7.66 4.77 -29.86
C GLY A 351 6.49 5.27 -30.69
N PRO A 352 6.00 4.42 -31.60
CA PRO A 352 4.86 4.78 -32.44
C PRO A 352 3.55 4.61 -31.66
N GLY A 353 2.51 5.30 -32.12
CA GLY A 353 1.24 5.31 -31.41
C GLY A 353 1.44 5.72 -29.96
N THR A 354 0.86 4.95 -29.06
CA THR A 354 0.97 5.24 -27.63
C THR A 354 2.39 5.06 -27.07
N GLY A 355 3.22 4.30 -27.78
CA GLY A 355 4.59 4.00 -27.33
C GLY A 355 4.68 3.02 -26.17
N VAL A 356 3.60 2.29 -25.91
CA VAL A 356 3.62 1.26 -24.87
C VAL A 356 3.17 -0.06 -25.45
N THR A 357 3.50 -1.15 -24.75
CA THR A 357 3.36 -2.48 -25.32
C THR A 357 2.78 -3.40 -24.27
N LEU A 358 1.67 -4.04 -24.60
CA LEU A 358 1.08 -5.02 -23.68
C LEU A 358 2.08 -6.10 -23.32
N ASP A 359 2.13 -6.45 -22.04
CA ASP A 359 2.87 -7.61 -21.59
C ASP A 359 1.91 -8.79 -21.67
N ARG A 360 1.96 -9.55 -22.76
CA ARG A 360 0.94 -10.56 -23.00
C ARG A 360 0.92 -11.69 -21.98
N GLU A 361 2.10 -12.08 -21.48
CA GLU A 361 2.09 -13.17 -20.51
C GLU A 361 1.57 -12.74 -19.15
N PHE A 362 1.97 -11.56 -18.70
CA PHE A 362 1.43 -11.09 -17.45
C PHE A 362 -0.06 -10.90 -17.58
N LEU A 363 -0.49 -10.26 -18.66
CA LEU A 363 -1.91 -10.07 -18.96
C LEU A 363 -2.71 -11.37 -18.80
N ALA A 364 -2.19 -12.47 -19.34
CA ALA A 364 -2.89 -13.75 -19.32
C ALA A 364 -3.12 -14.27 -17.89
N THR A 365 -2.20 -13.95 -16.98
CA THR A 365 -2.33 -14.37 -15.59
C THR A 365 -3.45 -13.61 -14.87
N VAL A 366 -3.87 -12.47 -15.44
CA VAL A 366 -4.92 -11.66 -14.79
C VAL A 366 -6.18 -11.50 -15.66
N THR A 367 -6.29 -12.32 -16.70
CA THR A 367 -7.42 -12.25 -17.61
C THR A 367 -8.61 -13.03 -17.06
N GLU A 368 -9.76 -12.38 -16.93
CA GLU A 368 -10.98 -13.07 -16.52
C GLU A 368 -11.74 -13.61 -17.74
N ALA A 369 -11.65 -12.91 -18.86
CA ALA A 369 -12.33 -13.32 -20.08
C ALA A 369 -11.70 -12.67 -21.32
N GLN A 370 -11.66 -13.43 -22.42
CA GLN A 370 -11.14 -12.92 -23.68
C GLN A 370 -12.00 -13.47 -24.83
N GLU A 371 -12.03 -12.75 -25.96
CA GLU A 371 -12.73 -13.20 -27.15
C GLU A 371 -12.10 -12.59 -28.40
N GLU A 372 -12.17 -13.29 -29.53
CA GLU A 372 -11.69 -12.76 -30.78
C GLU A 372 -12.83 -12.61 -31.79
N HIS A 373 -12.79 -11.55 -32.58
CA HIS A 373 -13.82 -11.31 -33.59
C HIS A 373 -13.19 -11.04 -34.95
N ARG A 374 -13.75 -11.63 -36.00
CA ARG A 374 -13.34 -11.37 -37.38
C ARG A 374 -14.58 -11.09 -38.20
N ALA A 375 -14.40 -10.63 -39.44
CA ALA A 375 -15.53 -10.25 -40.31
C ALA A 375 -16.39 -11.44 -40.74
N ARG B 6 29.88 26.64 24.30
CA ARG B 6 30.22 26.08 25.64
C ARG B 6 29.43 24.80 26.02
N MET B 7 29.59 24.37 27.27
CA MET B 7 29.10 23.07 27.72
C MET B 7 27.59 22.98 27.85
N PHE B 8 27.06 21.76 27.72
CA PHE B 8 25.61 21.54 27.91
C PHE B 8 25.32 20.61 29.07
N LYS B 9 24.26 20.93 29.80
CA LYS B 9 23.84 20.13 30.94
C LYS B 9 22.60 19.34 30.52
N ILE B 10 22.61 18.03 30.76
CA ILE B 10 21.41 17.27 30.45
C ILE B 10 20.49 17.17 31.67
N GLU B 11 19.34 17.84 31.55
CA GLU B 11 18.41 17.99 32.64
C GLU B 11 17.33 16.92 32.66
N ALA B 12 16.83 16.55 31.50
CA ALA B 12 15.69 15.64 31.43
C ALA B 12 15.79 14.71 30.24
N ALA B 13 15.17 13.54 30.37
CA ALA B 13 15.07 12.61 29.27
C ALA B 13 13.64 12.09 29.20
N GLU B 14 13.12 11.96 27.98
CA GLU B 14 11.89 11.22 27.77
C GLU B 14 12.13 9.97 26.96
N ILE B 15 11.50 8.88 27.36
CA ILE B 15 11.40 7.72 26.50
C ILE B 15 9.95 7.60 26.03
N VAL B 16 9.78 7.63 24.72
CA VAL B 16 8.48 7.51 24.11
C VAL B 16 8.57 6.32 23.17
N VAL B 17 7.68 5.35 23.38
CA VAL B 17 7.60 4.21 22.49
C VAL B 17 6.32 4.36 21.68
N ALA B 18 6.46 4.47 20.37
CA ALA B 18 5.31 4.61 19.49
C ALA B 18 5.05 3.35 18.66
N ARG B 19 3.81 3.26 18.17
CA ARG B 19 3.34 2.16 17.37
C ARG B 19 2.87 2.81 16.09
N LEU B 20 3.77 2.89 15.12
CA LEU B 20 3.57 3.70 13.93
C LEU B 20 3.08 2.80 12.80
N PRO B 21 1.91 3.14 12.22
CA PRO B 21 1.31 2.34 11.15
C PRO B 21 2.14 2.35 9.85
N LEU B 22 2.42 1.15 9.35
CA LEU B 22 3.06 0.98 8.04
C LEU B 22 2.11 1.37 6.90
N LYS B 23 2.67 1.75 5.75
CA LYS B 23 1.85 2.15 4.61
C LYS B 23 1.16 0.94 4.01
N THR B 34 1.45 -4.82 10.56
CA THR B 34 0.70 -3.63 10.22
C THR B 34 1.28 -2.37 10.87
N HIS B 35 2.06 -2.55 11.93
CA HIS B 35 2.63 -1.43 12.67
C HIS B 35 4.11 -1.66 12.94
N LYS B 36 4.83 -0.59 13.28
CA LYS B 36 6.21 -0.73 13.76
C LYS B 36 6.44 0.01 15.06
N VAL B 37 7.07 -0.67 16.03
CA VAL B 37 7.41 -0.07 17.31
C VAL B 37 8.63 0.83 17.18
N VAL B 38 8.43 2.12 17.42
CA VAL B 38 9.50 3.10 17.33
C VAL B 38 9.87 3.63 18.70
N PRO B 39 11.02 3.18 19.26
CA PRO B 39 11.49 3.74 20.52
C PRO B 39 12.26 5.04 20.31
N LEU B 40 11.87 6.10 21.02
CA LEU B 40 12.55 7.39 20.91
C LEU B 40 13.15 7.85 22.25
N LEU B 41 14.30 8.49 22.18
CA LEU B 41 14.86 9.19 23.33
C LEU B 41 14.97 10.68 23.03
N ILE B 42 14.41 11.49 23.93
CA ILE B 42 14.50 12.92 23.83
C ILE B 42 15.31 13.45 25.01
N LEU B 43 16.41 14.13 24.71
CA LEU B 43 17.22 14.71 25.77
C LEU B 43 17.05 16.21 25.77
N HIS B 44 16.88 16.77 26.96
CA HIS B 44 16.58 18.18 27.16
C HIS B 44 17.71 18.89 27.86
N GLY B 45 18.07 20.06 27.35
CA GLY B 45 19.10 20.88 27.98
C GLY B 45 19.23 22.18 27.24
N GLU B 46 19.59 23.23 27.97
CA GLU B 46 19.95 24.54 27.42
C GLU B 46 18.88 25.17 26.53
N GLY B 47 17.62 24.89 26.83
CA GLY B 47 16.53 25.41 26.03
C GLY B 47 16.23 24.62 24.76
N VAL B 48 17.01 23.58 24.50
CA VAL B 48 16.76 22.74 23.32
C VAL B 48 16.59 21.26 23.66
N GLN B 49 16.39 20.45 22.62
CA GLN B 49 16.20 19.02 22.83
C GLN B 49 16.85 18.25 21.69
N GLY B 50 17.37 17.06 22.00
CA GLY B 50 17.92 16.17 20.99
C GLY B 50 17.02 14.94 20.93
N VAL B 51 16.73 14.47 19.72
CA VAL B 51 15.92 13.27 19.56
C VAL B 51 16.67 12.21 18.77
N ALA B 52 16.54 10.97 19.22
CA ALA B 52 17.08 9.83 18.49
C ALA B 52 16.15 8.62 18.58
N GLU B 53 16.38 7.63 17.72
CA GLU B 53 15.43 6.56 17.49
C GLU B 53 16.16 5.25 17.59
N GLY B 54 15.65 4.33 18.40
CA GLY B 54 16.29 3.03 18.53
C GLY B 54 16.01 2.13 17.36
N THR B 55 16.98 1.28 17.01
CA THR B 55 16.80 0.35 15.89
C THR B 55 16.79 -1.12 16.32
N MET B 56 16.81 -1.34 17.63
CA MET B 56 16.65 -2.68 18.18
C MET B 56 15.18 -3.10 18.06
N GLU B 57 14.97 -4.41 17.87
CA GLU B 57 13.64 -4.98 17.62
C GLU B 57 13.03 -5.56 18.91
N ALA B 58 11.76 -5.94 18.86
CA ALA B 58 11.12 -6.66 19.97
C ALA B 58 11.88 -7.94 20.32
N ARG B 59 12.32 -8.68 19.30
CA ARG B 59 13.14 -9.89 19.48
C ARG B 59 14.45 -9.77 18.72
N PRO B 60 15.47 -10.53 19.13
CA PRO B 60 16.82 -10.42 18.54
C PRO B 60 16.95 -11.10 17.18
N MET B 61 16.50 -10.41 16.13
CA MET B 61 16.46 -11.01 14.79
C MET B 61 17.53 -10.53 13.82
N TYR B 62 17.64 -9.22 13.66
CA TYR B 62 18.72 -8.60 12.87
C TYR B 62 20.04 -8.64 13.63
N ARG B 63 19.97 -8.40 14.93
CA ARG B 63 21.15 -8.55 15.79
C ARG B 63 20.73 -8.90 17.22
N GLU B 64 21.61 -8.65 18.18
CA GLU B 64 21.48 -9.23 19.51
C GLU B 64 20.55 -8.47 20.49
N GLU B 65 20.31 -7.19 20.21
CA GLU B 65 19.62 -6.33 21.18
C GLU B 65 18.13 -6.39 21.00
N THR B 66 17.40 -6.04 22.06
CA THR B 66 15.94 -5.98 22.01
C THR B 66 15.48 -4.68 22.66
N ILE B 67 14.27 -4.24 22.34
CA ILE B 67 13.69 -3.05 22.96
C ILE B 67 13.62 -3.17 24.48
N CYS B 68 13.15 -4.32 24.98
CA CYS B 68 13.07 -4.54 26.43
C CYS B 68 14.42 -4.39 27.15
N GLY B 69 15.44 -5.11 26.68
CA GLY B 69 16.79 -4.97 27.26
C GLY B 69 17.38 -3.58 27.09
N ALA B 70 17.08 -2.95 25.95
CA ALA B 70 17.65 -1.64 25.66
C ALA B 70 17.05 -0.58 26.57
N LEU B 71 15.73 -0.62 26.77
CA LEU B 71 15.08 0.38 27.62
C LEU B 71 15.45 0.23 29.09
N CYS B 72 15.60 -1.02 29.54
CA CYS B 72 16.11 -1.29 30.89
C CYS B 72 17.46 -0.64 31.10
N LEU B 73 18.35 -0.87 30.14
CA LEU B 73 19.69 -0.31 30.19
C LEU B 73 19.65 1.22 30.21
N LEU B 74 18.81 1.83 29.39
CA LEU B 74 18.60 3.28 29.41
C LEU B 74 18.10 3.77 30.78
N ARG B 75 16.97 3.22 31.20
CA ARG B 75 16.33 3.54 32.48
C ARG B 75 17.24 3.39 33.67
N GLY B 76 17.80 2.19 33.83
CA GLY B 76 18.56 1.85 35.03
C GLY B 76 20.03 2.20 35.02
N THR B 77 20.61 2.45 33.84
CA THR B 77 22.06 2.70 33.78
C THR B 77 22.51 3.95 33.02
N PHE B 78 22.15 4.06 31.75
CA PHE B 78 22.69 5.16 30.93
C PHE B 78 22.12 6.54 31.30
N LEU B 79 20.83 6.59 31.58
CA LEU B 79 20.22 7.86 31.88
C LEU B 79 20.64 8.41 33.24
N PRO B 80 20.60 7.57 34.31
CA PRO B 80 21.13 8.02 35.61
C PRO B 80 22.60 8.48 35.55
N ALA B 81 23.37 7.89 34.65
CA ALA B 81 24.77 8.29 34.46
C ALA B 81 24.92 9.70 33.89
N ILE B 82 24.01 10.11 33.01
CA ILE B 82 24.15 11.42 32.36
C ILE B 82 23.21 12.53 32.86
N LEU B 83 22.12 12.15 33.54
CA LEU B 83 21.15 13.17 33.98
C LEU B 83 21.73 14.06 35.06
N GLY B 84 21.59 15.37 34.86
CA GLY B 84 22.09 16.34 35.82
C GLY B 84 23.52 16.75 35.55
N GLN B 85 24.19 16.03 34.65
CA GLN B 85 25.60 16.24 34.33
C GLN B 85 25.84 17.21 33.17
N THR B 86 27.03 17.82 33.16
CA THR B 86 27.37 18.85 32.19
C THR B 86 28.46 18.29 31.27
N PHE B 87 28.35 18.59 29.98
CA PHE B 87 29.21 17.95 28.98
C PHE B 87 29.80 18.93 27.97
N ALA B 88 31.02 18.67 27.50
CA ALA B 88 31.65 19.55 26.52
C ALA B 88 31.23 19.20 25.09
N ASN B 89 30.96 17.93 24.83
CA ASN B 89 30.58 17.47 23.49
C ASN B 89 29.93 16.10 23.63
N PRO B 90 29.38 15.56 22.52
CA PRO B 90 28.74 14.24 22.59
C PRO B 90 29.73 13.12 22.91
N GLU B 91 31.01 13.33 22.62
CA GLU B 91 32.05 12.38 22.93
C GLU B 91 32.22 12.24 24.46
N ALA B 92 32.14 13.36 25.16
CA ALA B 92 32.16 13.29 26.61
C ALA B 92 30.97 12.47 27.11
N VAL B 93 29.85 12.58 26.41
CA VAL B 93 28.62 11.92 26.86
C VAL B 93 28.75 10.40 26.76
N SER B 94 29.19 9.92 25.61
CA SER B 94 29.29 8.48 25.48
C SER B 94 30.46 7.91 26.29
N ASP B 95 31.50 8.73 26.51
CA ASP B 95 32.59 8.36 27.43
C ASP B 95 32.07 8.09 28.84
N ALA B 96 31.05 8.85 29.26
CA ALA B 96 30.44 8.65 30.58
C ALA B 96 29.68 7.31 30.67
N LEU B 97 29.51 6.63 29.55
CA LEU B 97 28.88 5.31 29.52
C LEU B 97 29.87 4.16 29.25
N GLY B 98 31.14 4.49 29.10
CA GLY B 98 32.11 3.57 28.50
C GLY B 98 32.44 2.25 29.18
N SER B 99 32.15 2.11 30.46
CA SER B 99 32.59 0.87 31.14
C SER B 99 31.62 -0.29 30.95
N TYR B 100 30.70 -0.16 30.00
CA TYR B 100 29.72 -1.19 29.75
C TYR B 100 29.94 -1.84 28.37
N ARG B 101 29.71 -3.14 28.29
CA ARG B 101 30.07 -3.91 27.09
C ARG B 101 28.89 -4.05 26.12
N GLY B 102 29.23 -4.02 24.83
CA GLY B 102 28.24 -4.20 23.74
C GLY B 102 27.11 -3.18 23.80
N ASN B 103 25.90 -3.62 23.49
CA ASN B 103 24.71 -2.76 23.58
C ASN B 103 24.83 -1.45 22.79
N ARG B 104 25.39 -1.55 21.58
CA ARG B 104 25.73 -0.36 20.81
C ARG B 104 24.52 0.44 20.31
N MET B 105 23.41 -0.24 20.02
CA MET B 105 22.18 0.42 19.59
C MET B 105 21.51 1.18 20.73
N ALA B 106 21.52 0.59 21.93
CA ALA B 106 21.06 1.29 23.13
C ALA B 106 21.96 2.50 23.39
N ARG B 107 23.25 2.30 23.24
CA ARG B 107 24.22 3.36 23.45
C ARG B 107 24.01 4.45 22.42
N ALA B 108 23.70 4.04 21.20
CA ALA B 108 23.53 4.99 20.09
C ALA B 108 22.35 5.94 20.31
N MET B 109 21.31 5.50 21.01
CA MET B 109 20.15 6.37 21.27
C MET B 109 20.54 7.57 22.11
N VAL B 110 21.36 7.33 23.13
CA VAL B 110 21.91 8.43 23.94
C VAL B 110 22.91 9.26 23.15
N GLU B 111 23.86 8.61 22.48
CA GLU B 111 24.91 9.31 21.77
C GLU B 111 24.34 10.20 20.66
N MET B 112 23.37 9.69 19.91
CA MET B 112 22.81 10.41 18.76
C MET B 112 21.88 11.54 19.16
N ALA B 113 21.05 11.34 20.19
CA ALA B 113 20.28 12.43 20.79
C ALA B 113 21.21 13.52 21.28
N ALA B 114 22.33 13.11 21.91
CA ALA B 114 23.34 14.08 22.34
C ALA B 114 23.93 14.92 21.19
N TRP B 115 24.21 14.29 20.06
CA TRP B 115 24.68 15.03 18.88
C TRP B 115 23.66 16.06 18.45
N ASP B 116 22.40 15.62 18.32
CA ASP B 116 21.31 16.51 17.95
C ASP B 116 21.18 17.71 18.93
N LEU B 117 21.18 17.42 20.23
CA LEU B 117 21.07 18.47 21.24
C LEU B 117 22.25 19.44 21.12
N TRP B 118 23.46 18.89 21.07
CA TRP B 118 24.69 19.66 20.99
C TRP B 118 24.67 20.60 19.78
N ALA B 119 24.43 20.03 18.60
CA ALA B 119 24.30 20.79 17.36
C ALA B 119 23.25 21.92 17.47
N ARG B 120 22.13 21.61 18.11
CA ARG B 120 21.11 22.62 18.34
C ARG B 120 21.50 23.71 19.36
N THR B 121 22.38 23.41 20.32
CA THR B 121 22.90 24.48 21.19
C THR B 121 23.77 25.46 20.40
N LEU B 122 24.36 24.99 19.31
CA LEU B 122 25.22 25.83 18.47
C LEU B 122 24.48 26.46 17.28
N GLY B 123 23.29 25.94 16.98
CA GLY B 123 22.55 26.35 15.77
C GLY B 123 23.14 25.84 14.45
N VAL B 124 23.82 24.69 14.49
CA VAL B 124 24.53 24.13 13.33
C VAL B 124 23.94 22.77 12.90
N PRO B 125 23.73 22.57 11.59
CA PRO B 125 23.28 21.26 11.09
C PRO B 125 24.21 20.13 11.56
N LEU B 126 23.65 18.97 11.82
CA LEU B 126 24.44 17.83 12.28
C LEU B 126 25.55 17.39 11.31
N GLY B 127 25.21 17.23 10.03
CA GLY B 127 26.18 16.78 9.05
C GLY B 127 27.38 17.71 8.97
N THR B 128 27.11 19.00 9.01
CA THR B 128 28.14 20.02 9.03
C THR B 128 29.12 19.83 10.18
N LEU B 129 28.61 19.71 11.41
CA LEU B 129 29.48 19.41 12.57
C LEU B 129 30.28 18.12 12.46
N LEU B 130 29.73 17.12 11.74
CA LEU B 130 30.44 15.86 11.51
C LEU B 130 31.42 15.96 10.33
N GLY B 131 31.38 17.12 9.66
CA GLY B 131 32.32 17.40 8.58
C GLY B 131 31.83 17.15 7.19
N GLY B 132 30.54 16.81 7.04
CA GLY B 132 29.97 16.67 5.70
C GLY B 132 29.65 18.01 5.07
N HIS B 133 29.71 18.10 3.74
CA HIS B 133 29.22 19.29 3.07
C HIS B 133 28.44 19.00 1.76
N LYS B 134 27.79 17.84 1.70
CA LYS B 134 26.82 17.57 0.65
C LYS B 134 25.48 18.21 1.05
N GLU B 135 24.71 18.66 0.06
CA GLU B 135 23.37 19.19 0.28
C GLU B 135 22.31 18.18 -0.18
N GLN B 136 22.77 17.14 -0.87
CA GLN B 136 21.92 16.03 -1.26
C GLN B 136 22.71 14.75 -1.23
N VAL B 137 22.01 13.64 -0.94
CA VAL B 137 22.63 12.32 -0.91
C VAL B 137 21.94 11.36 -1.86
N GLU B 138 22.72 10.48 -2.48
CA GLU B 138 22.19 9.53 -3.45
C GLU B 138 21.53 8.37 -2.74
N VAL B 139 20.36 7.99 -3.24
CA VAL B 139 19.63 6.90 -2.64
C VAL B 139 19.48 5.69 -3.58
N GLY B 140 19.53 4.50 -2.98
CA GLY B 140 19.32 3.27 -3.74
C GLY B 140 17.98 2.69 -3.36
N VAL B 141 17.56 1.63 -4.05
CA VAL B 141 16.33 0.93 -3.70
C VAL B 141 16.65 -0.54 -3.43
N SER B 142 15.84 -1.15 -2.55
CA SER B 142 15.97 -2.55 -2.17
C SER B 142 14.73 -3.35 -2.58
N LEU B 143 14.95 -4.41 -3.35
CA LEU B 143 13.83 -5.24 -3.79
C LEU B 143 13.85 -6.60 -3.11
N GLY B 144 12.69 -7.03 -2.64
CA GLY B 144 12.55 -8.35 -2.09
C GLY B 144 12.54 -9.38 -3.19
N ILE B 145 12.47 -10.65 -2.81
CA ILE B 145 12.44 -11.75 -3.76
C ILE B 145 11.10 -11.75 -4.50
N GLN B 146 11.15 -11.79 -5.83
CA GLN B 146 9.95 -11.82 -6.65
C GLN B 146 9.71 -13.24 -7.14
N ALA B 147 8.61 -13.44 -7.84
CA ALA B 147 8.19 -14.77 -8.30
C ALA B 147 9.09 -15.37 -9.37
N ASP B 148 9.55 -14.54 -10.30
CA ASP B 148 10.35 -15.03 -11.42
C ASP B 148 11.25 -13.95 -11.96
N GLU B 149 11.93 -14.27 -13.06
CA GLU B 149 12.89 -13.38 -13.69
C GLU B 149 12.19 -12.13 -14.22
N GLN B 150 11.17 -12.36 -15.05
CA GLN B 150 10.42 -11.27 -15.65
C GLN B 150 9.77 -10.35 -14.59
N ALA B 151 9.25 -10.90 -13.51
CA ALA B 151 8.70 -10.07 -12.44
C ALA B 151 9.78 -9.22 -11.73
N THR B 152 10.97 -9.80 -11.55
CA THR B 152 12.14 -9.07 -11.05
C THR B 152 12.53 -7.93 -11.99
N VAL B 153 12.70 -8.24 -13.28
CA VAL B 153 13.10 -7.25 -14.28
C VAL B 153 12.08 -6.10 -14.40
N ASP B 154 10.80 -6.43 -14.30
CA ASP B 154 9.76 -5.38 -14.35
C ASP B 154 9.80 -4.45 -13.14
N LEU B 155 10.16 -4.96 -11.98
CA LEU B 155 10.27 -4.10 -10.82
C LEU B 155 11.57 -3.25 -10.87
N VAL B 156 12.64 -3.83 -11.40
CA VAL B 156 13.87 -3.08 -11.59
C VAL B 156 13.63 -1.93 -12.58
N ARG B 157 12.92 -2.22 -13.67
CA ARG B 157 12.61 -1.20 -14.68
C ARG B 157 11.85 -0.04 -14.06
N ARG B 158 10.87 -0.33 -13.20
CA ARG B 158 10.16 0.73 -12.51
C ARG B 158 11.13 1.62 -11.75
N HIS B 159 11.94 1.02 -10.89
CA HIS B 159 12.80 1.80 -10.02
C HIS B 159 13.92 2.51 -10.75
N VAL B 160 14.38 1.92 -11.85
CA VAL B 160 15.36 2.61 -12.71
C VAL B 160 14.74 3.89 -13.29
N GLU B 161 13.48 3.80 -13.69
CA GLU B 161 12.75 4.93 -14.24
C GLU B 161 12.44 6.03 -13.21
N GLN B 162 12.28 5.64 -11.94
CA GLN B 162 12.10 6.61 -10.85
C GLN B 162 13.39 7.32 -10.49
N GLY B 163 14.51 6.82 -11.00
CA GLY B 163 15.80 7.47 -10.80
C GLY B 163 16.68 7.00 -9.65
N TYR B 164 16.40 5.87 -9.04
CA TYR B 164 17.32 5.34 -8.03
C TYR B 164 18.70 5.12 -8.63
N ARG B 165 19.73 5.38 -7.84
CA ARG B 165 21.12 5.27 -8.33
C ARG B 165 21.79 3.90 -8.06
N ARG B 166 21.06 3.01 -7.40
CA ARG B 166 21.54 1.64 -7.17
C ARG B 166 20.34 0.70 -7.01
N ILE B 167 20.45 -0.49 -7.58
CA ILE B 167 19.44 -1.53 -7.39
C ILE B 167 20.00 -2.62 -6.49
N LYS B 168 19.31 -2.88 -5.38
CA LYS B 168 19.64 -4.00 -4.51
C LYS B 168 18.61 -5.13 -4.68
N LEU B 169 19.08 -6.33 -5.04
CA LEU B 169 18.22 -7.51 -5.06
C LEU B 169 18.47 -8.39 -3.83
N LYS B 170 17.40 -8.76 -3.13
CA LYS B 170 17.51 -9.86 -2.19
C LYS B 170 17.67 -11.17 -2.97
N ILE B 171 18.59 -12.01 -2.53
CA ILE B 171 18.78 -13.31 -3.14
C ILE B 171 18.82 -14.36 -2.04
N LYS B 172 18.71 -15.63 -2.42
CA LYS B 172 18.81 -16.74 -1.48
C LYS B 172 19.24 -18.00 -2.23
N PRO B 173 19.71 -19.03 -1.50
CA PRO B 173 20.09 -20.23 -2.24
C PRO B 173 18.91 -20.70 -3.11
N GLY B 174 19.21 -21.04 -4.36
CA GLY B 174 18.16 -21.43 -5.30
C GLY B 174 17.62 -20.27 -6.12
N TRP B 175 17.83 -19.05 -5.64
CA TRP B 175 17.34 -17.86 -6.34
C TRP B 175 18.36 -16.73 -6.25
N ASP B 176 19.35 -16.76 -7.14
CA ASP B 176 20.43 -15.79 -7.10
C ASP B 176 20.98 -15.49 -8.47
N VAL B 177 21.59 -16.48 -9.13
CA VAL B 177 22.10 -16.23 -10.46
C VAL B 177 20.99 -15.85 -11.44
N GLN B 178 19.76 -16.33 -11.18
CA GLN B 178 18.65 -16.14 -12.14
C GLN B 178 18.12 -14.71 -12.16
N PRO B 179 17.75 -14.15 -10.99
CA PRO B 179 17.33 -12.74 -10.95
C PRO B 179 18.45 -11.76 -11.34
N VAL B 180 19.69 -12.08 -10.98
CA VAL B 180 20.81 -11.24 -11.35
C VAL B 180 21.05 -11.28 -12.88
N ARG B 181 21.07 -12.49 -13.44
CA ARG B 181 21.29 -12.65 -14.87
C ARG B 181 20.22 -11.93 -15.68
N ALA B 182 18.96 -12.14 -15.29
CA ALA B 182 17.85 -11.54 -15.99
C ALA B 182 17.95 -10.03 -15.94
N THR B 183 18.26 -9.49 -14.76
CA THR B 183 18.39 -8.03 -14.57
C THR B 183 19.54 -7.40 -15.36
N ARG B 184 20.72 -8.03 -15.31
CA ARG B 184 21.88 -7.47 -15.99
C ARG B 184 21.68 -7.52 -17.50
N GLU B 185 20.99 -8.55 -17.98
CA GLU B 185 20.66 -8.64 -19.40
C GLU B 185 19.78 -7.47 -19.83
N ALA B 186 18.84 -7.11 -18.98
CA ALA B 186 17.93 -6.04 -19.34
C ALA B 186 18.56 -4.69 -19.08
N PHE B 187 19.47 -4.64 -18.10
CA PHE B 187 20.11 -3.39 -17.67
C PHE B 187 21.63 -3.51 -17.51
N PRO B 188 22.36 -3.45 -18.65
CA PRO B 188 23.81 -3.67 -18.76
C PRO B 188 24.68 -2.71 -17.95
N ASP B 189 24.21 -1.49 -17.72
CA ASP B 189 25.08 -0.45 -17.15
C ASP B 189 24.71 0.01 -15.74
N ILE B 190 23.54 -0.37 -15.26
CA ILE B 190 23.11 0.10 -13.93
C ILE B 190 23.99 -0.45 -12.80
N ARG B 191 23.95 0.23 -11.67
CA ARG B 191 24.66 -0.21 -10.50
C ARG B 191 23.80 -1.26 -9.81
N LEU B 192 24.26 -2.51 -9.84
CA LEU B 192 23.46 -3.62 -9.33
C LEU B 192 24.22 -4.32 -8.19
N THR B 193 23.50 -4.59 -7.11
CA THR B 193 24.04 -5.25 -5.94
C THR B 193 23.05 -6.28 -5.42
N VAL B 194 23.51 -7.15 -4.52
CA VAL B 194 22.61 -8.13 -3.93
C VAL B 194 22.78 -8.21 -2.43
N ASP B 195 21.71 -8.60 -1.76
CA ASP B 195 21.74 -8.83 -0.34
C ASP B 195 21.59 -10.34 -0.12
N ALA B 196 22.66 -10.97 0.38
CA ALA B 196 22.69 -12.41 0.51
C ALA B 196 22.20 -12.89 1.89
N ASN B 197 21.92 -11.93 2.79
CA ASN B 197 21.17 -12.17 4.02
C ASN B 197 21.70 -13.34 4.87
N SER B 198 23.01 -13.51 4.92
CA SER B 198 23.66 -14.59 5.70
C SER B 198 23.08 -15.97 5.43
N ALA B 199 22.66 -16.22 4.20
CA ALA B 199 21.98 -17.46 3.91
C ALA B 199 22.88 -18.47 3.24
N TYR B 200 24.15 -18.13 3.07
CA TYR B 200 25.05 -19.02 2.33
C TYR B 200 26.14 -19.62 3.22
N THR B 201 26.92 -20.54 2.65
CA THR B 201 28.03 -21.19 3.37
C THR B 201 29.21 -21.22 2.41
N LEU B 202 30.38 -21.64 2.89
CA LEU B 202 31.54 -21.75 2.00
C LEU B 202 31.30 -22.76 0.89
N ALA B 203 30.44 -23.75 1.14
CA ALA B 203 30.10 -24.74 0.11
C ALA B 203 29.48 -24.05 -1.10
N ASP B 204 29.00 -22.82 -0.92
CA ASP B 204 28.31 -22.07 -1.96
C ASP B 204 29.21 -21.19 -2.84
N ALA B 205 30.53 -21.20 -2.58
CA ALA B 205 31.47 -20.37 -3.36
C ALA B 205 31.31 -20.52 -4.89
N GLY B 206 31.20 -21.76 -5.37
CA GLY B 206 31.05 -22.04 -6.81
C GLY B 206 29.80 -21.42 -7.44
N ARG B 207 28.71 -21.43 -6.69
CA ARG B 207 27.46 -20.82 -7.11
C ARG B 207 27.56 -19.30 -7.10
N LEU B 208 28.11 -18.75 -6.01
CA LEU B 208 28.30 -17.30 -5.89
C LEU B 208 29.27 -16.78 -6.94
N ARG B 209 30.27 -17.58 -7.28
CA ARG B 209 31.23 -17.20 -8.30
C ARG B 209 30.53 -16.96 -9.64
N GLN B 210 29.45 -17.70 -9.89
CA GLN B 210 28.63 -17.50 -11.09
C GLN B 210 28.03 -16.09 -11.22
N LEU B 211 28.03 -15.33 -10.13
CA LEU B 211 27.54 -13.94 -10.17
C LEU B 211 28.62 -13.01 -10.70
N ASP B 212 29.87 -13.47 -10.71
CA ASP B 212 31.02 -12.66 -11.10
C ASP B 212 30.87 -12.01 -12.48
N GLU B 213 30.28 -12.74 -13.41
CA GLU B 213 30.21 -12.23 -14.79
C GLU B 213 29.19 -11.11 -14.97
N TYR B 214 28.33 -10.88 -13.97
CA TYR B 214 27.33 -9.84 -14.08
C TYR B 214 27.72 -8.52 -13.38
N ASP B 215 28.99 -8.40 -13.02
CA ASP B 215 29.58 -7.16 -12.51
C ASP B 215 28.76 -6.46 -11.42
N LEU B 216 28.43 -7.22 -10.38
CA LEU B 216 27.79 -6.67 -9.18
C LEU B 216 28.77 -5.78 -8.42
N THR B 217 28.27 -4.70 -7.84
CA THR B 217 29.16 -3.81 -7.11
C THR B 217 29.60 -4.53 -5.84
N TYR B 218 28.73 -5.37 -5.30
CA TYR B 218 29.05 -6.17 -4.14
C TYR B 218 27.93 -7.14 -3.86
N ILE B 219 28.29 -8.17 -3.08
CA ILE B 219 27.33 -9.05 -2.43
C ILE B 219 27.41 -8.77 -0.94
N GLU B 220 26.25 -8.53 -0.32
CA GLU B 220 26.18 -8.16 1.07
C GLU B 220 26.09 -9.37 2.01
N GLN B 221 27.01 -9.39 2.98
CA GLN B 221 27.05 -10.38 4.07
C GLN B 221 26.49 -11.77 3.71
N PRO B 222 27.12 -12.49 2.76
CA PRO B 222 26.67 -13.82 2.36
C PRO B 222 26.75 -14.87 3.47
N LEU B 223 27.80 -14.80 4.30
CA LEU B 223 27.99 -15.81 5.32
C LEU B 223 27.52 -15.35 6.67
N ALA B 224 28.00 -15.97 7.74
CA ALA B 224 27.46 -15.68 9.09
C ALA B 224 27.51 -14.21 9.46
N TRP B 225 26.49 -13.76 10.19
CA TRP B 225 26.27 -12.35 10.49
C TRP B 225 27.38 -11.74 11.33
N ASP B 226 28.04 -12.57 12.13
CA ASP B 226 29.08 -12.07 12.99
C ASP B 226 30.47 -12.52 12.53
N ASP B 227 30.60 -12.90 11.27
CA ASP B 227 31.87 -13.39 10.79
C ASP B 227 32.66 -12.39 9.95
N LEU B 228 33.99 -12.44 10.09
CA LEU B 228 34.89 -11.80 9.11
C LEU B 228 35.82 -12.81 8.45
N VAL B 229 36.21 -13.83 9.21
CA VAL B 229 37.25 -14.76 8.77
C VAL B 229 36.82 -15.63 7.58
N ASP B 230 35.65 -16.26 7.65
CA ASP B 230 35.16 -17.03 6.51
C ASP B 230 34.83 -16.15 5.30
N HIS B 231 34.31 -14.95 5.56
CA HIS B 231 34.14 -13.96 4.50
C HIS B 231 35.45 -13.71 3.77
N ALA B 232 36.54 -13.54 4.52
CA ALA B 232 37.85 -13.37 3.88
C ALA B 232 38.19 -14.54 2.95
N GLU B 233 37.95 -15.76 3.41
CA GLU B 233 38.17 -16.93 2.57
C GLU B 233 37.26 -16.90 1.32
N LEU B 234 35.98 -16.59 1.50
CA LEU B 234 35.08 -16.51 0.35
C LEU B 234 35.55 -15.45 -0.64
N ALA B 235 36.02 -14.31 -0.11
CA ALA B 235 36.56 -13.23 -0.96
C ALA B 235 37.72 -13.70 -1.83
N ARG B 236 38.48 -14.69 -1.38
CA ARG B 236 39.56 -15.22 -2.18
C ARG B 236 39.05 -16.15 -3.30
N ARG B 237 37.87 -16.73 -3.11
CA ARG B 237 37.32 -17.68 -4.06
C ARG B 237 36.44 -17.10 -5.19
N ILE B 238 35.97 -15.87 -5.02
CA ILE B 238 35.14 -15.24 -6.04
C ILE B 238 35.68 -13.84 -6.28
N ARG B 239 35.32 -13.24 -7.41
CA ARG B 239 35.81 -11.90 -7.74
C ARG B 239 34.85 -10.78 -7.38
N THR B 240 33.56 -11.09 -7.21
CA THR B 240 32.58 -10.07 -6.81
C THR B 240 32.96 -9.57 -5.42
N PRO B 241 33.09 -8.25 -5.27
CA PRO B 241 33.38 -7.70 -3.95
C PRO B 241 32.35 -8.12 -2.90
N LEU B 242 32.81 -8.31 -1.67
CA LEU B 242 31.90 -8.53 -0.54
C LEU B 242 31.70 -7.24 0.26
N CYS B 243 30.46 -7.04 0.72
CA CYS B 243 30.10 -5.93 1.58
C CYS B 243 29.73 -6.48 2.97
N LEU B 244 30.31 -5.89 4.02
CA LEU B 244 30.02 -6.32 5.39
C LEU B 244 28.91 -5.48 6.00
N ASP B 245 28.10 -6.11 6.85
CA ASP B 245 26.99 -5.43 7.50
C ASP B 245 27.11 -5.68 9.01
N GLU B 246 26.49 -6.75 9.50
CA GLU B 246 26.33 -7.01 10.93
C GLU B 246 27.64 -7.23 11.66
N SER B 247 28.65 -7.70 10.94
CA SER B 247 29.96 -8.02 11.54
C SER B 247 30.88 -6.79 11.70
N VAL B 248 30.43 -5.64 11.21
CA VAL B 248 31.17 -4.39 11.45
C VAL B 248 30.37 -3.52 12.43
N ALA B 249 30.72 -3.62 13.70
CA ALA B 249 30.02 -2.91 14.76
C ALA B 249 30.87 -1.83 15.44
N SER B 250 32.05 -1.54 14.90
CA SER B 250 32.98 -0.52 15.45
C SER B 250 34.06 -0.22 14.42
N ALA B 251 34.86 0.82 14.66
CA ALA B 251 35.98 1.15 13.75
C ALA B 251 37.11 0.08 13.73
N SER B 252 37.34 -0.58 14.87
CA SER B 252 38.33 -1.63 14.93
C SER B 252 37.86 -2.89 14.20
N ASP B 253 36.54 -3.16 14.24
CA ASP B 253 35.94 -4.15 13.35
C ASP B 253 36.11 -3.75 11.87
N ALA B 254 35.98 -2.46 11.57
CA ALA B 254 36.10 -2.03 10.17
C ALA B 254 37.54 -2.29 9.73
N ARG B 255 38.48 -1.88 10.57
CA ARG B 255 39.90 -2.06 10.29
C ARG B 255 40.21 -3.53 10.07
N LYS B 256 39.72 -4.38 10.96
CA LYS B 256 39.99 -5.80 10.88
C LYS B 256 39.41 -6.41 9.63
N ALA B 257 38.15 -6.07 9.35
CA ALA B 257 37.49 -6.56 8.14
C ALA B 257 38.31 -6.21 6.88
N LEU B 258 38.74 -4.96 6.77
CA LEU B 258 39.38 -4.49 5.55
C LEU B 258 40.83 -5.01 5.44
N ALA B 259 41.54 -5.05 6.56
CA ALA B 259 42.89 -5.62 6.61
C ALA B 259 42.89 -7.11 6.32
N LEU B 260 41.87 -7.83 6.83
CA LEU B 260 41.75 -9.28 6.61
C LEU B 260 41.33 -9.62 5.18
N GLY B 261 40.85 -8.63 4.44
CA GLY B 261 40.24 -8.84 3.13
C GLY B 261 38.89 -9.53 3.26
N ALA B 262 38.16 -9.25 4.34
CA ALA B 262 36.83 -9.85 4.51
C ALA B 262 35.81 -9.24 3.55
N GLY B 263 36.11 -8.05 3.06
CA GLY B 263 35.25 -7.38 2.06
C GLY B 263 35.86 -6.05 1.66
N GLY B 264 35.28 -5.40 0.63
CA GLY B 264 35.83 -4.14 0.15
C GLY B 264 34.85 -2.98 0.25
N VAL B 265 33.71 -3.24 0.86
CA VAL B 265 32.66 -2.24 1.04
C VAL B 265 32.04 -2.52 2.40
N ILE B 266 31.62 -1.48 3.08
CA ILE B 266 30.91 -1.62 4.35
C ILE B 266 29.54 -0.97 4.27
N ASN B 267 28.51 -1.72 4.62
CA ASN B 267 27.17 -1.19 4.88
C ASN B 267 27.23 -0.59 6.27
N LEU B 268 27.21 0.74 6.34
CA LEU B 268 27.39 1.44 7.62
C LEU B 268 26.03 1.86 8.15
N LYS B 269 25.65 1.29 9.30
CA LYS B 269 24.40 1.62 9.99
C LYS B 269 24.80 2.31 11.28
N VAL B 270 24.39 3.57 11.42
CA VAL B 270 24.86 4.45 12.51
C VAL B 270 24.62 3.88 13.91
N ALA B 271 23.43 3.35 14.13
CA ALA B 271 23.07 2.81 15.44
C ALA B 271 23.79 1.51 15.77
N ARG B 272 23.95 0.66 14.75
CA ARG B 272 24.68 -0.61 14.88
C ARG B 272 26.08 -0.39 15.42
N VAL B 273 26.75 0.70 15.02
CA VAL B 273 28.14 0.90 15.47
C VAL B 273 28.24 1.79 16.71
N GLY B 274 27.11 2.31 17.16
CA GLY B 274 27.10 3.05 18.40
C GLY B 274 26.94 4.55 18.30
N GLY B 275 26.56 5.03 17.12
CA GLY B 275 26.30 6.47 16.96
C GLY B 275 27.17 7.14 15.92
N HIS B 276 27.06 8.47 15.84
CA HIS B 276 27.72 9.27 14.80
C HIS B 276 29.24 9.38 14.91
N ALA B 277 29.77 9.55 16.12
CA ALA B 277 31.23 9.66 16.27
C ALA B 277 31.92 8.37 15.83
N GLU B 278 31.43 7.24 16.33
CA GLU B 278 32.00 5.96 15.94
C GLU B 278 31.75 5.70 14.45
N SER B 279 30.60 6.15 13.94
CA SER B 279 30.31 6.03 12.49
C SER B 279 31.30 6.79 11.63
N ARG B 280 31.61 8.02 12.04
CA ARG B 280 32.62 8.77 11.34
C ARG B 280 33.97 8.04 11.42
N ARG B 281 34.26 7.44 12.55
CA ARG B 281 35.49 6.63 12.65
C ARG B 281 35.50 5.46 11.64
N VAL B 282 34.40 4.71 11.56
CA VAL B 282 34.32 3.60 10.59
C VAL B 282 34.51 4.15 9.16
N HIS B 283 33.82 5.25 8.86
CA HIS B 283 33.95 5.95 7.59
C HIS B 283 35.38 6.38 7.31
N ASP B 284 36.05 6.94 8.31
CA ASP B 284 37.43 7.36 8.11
C ASP B 284 38.39 6.17 7.99
N VAL B 285 38.19 5.12 8.77
CA VAL B 285 39.06 3.95 8.66
C VAL B 285 38.97 3.37 7.24
N ALA B 286 37.73 3.20 6.79
CA ALA B 286 37.43 2.70 5.46
C ALA B 286 38.08 3.55 4.38
N GLN B 287 37.85 4.87 4.44
CA GLN B 287 38.51 5.83 3.53
C GLN B 287 40.03 5.57 3.48
N SER B 288 40.64 5.33 4.64
CA SER B 288 42.11 5.21 4.68
C SER B 288 42.59 3.94 4.00
N PHE B 289 41.68 2.97 3.86
CA PHE B 289 41.92 1.74 3.11
C PHE B 289 41.47 1.92 1.67
N GLY B 290 40.97 3.11 1.34
CA GLY B 290 40.39 3.35 0.00
C GLY B 290 39.14 2.53 -0.28
N ALA B 291 38.38 2.22 0.78
CA ALA B 291 37.14 1.45 0.62
C ALA B 291 35.92 2.36 0.83
N PRO B 292 34.88 2.23 0.00
CA PRO B 292 33.73 3.12 0.22
C PRO B 292 32.79 2.61 1.31
N VAL B 293 32.04 3.52 1.92
CA VAL B 293 30.93 3.08 2.76
C VAL B 293 29.61 3.49 2.09
N TRP B 294 28.50 2.90 2.53
CA TRP B 294 27.20 3.44 2.15
C TRP B 294 26.24 3.33 3.33
N CYS B 295 25.21 4.15 3.33
CA CYS B 295 24.32 4.21 4.48
C CYS B 295 23.26 3.12 4.45
N GLY B 296 23.34 2.15 5.36
CA GLY B 296 22.31 1.12 5.48
C GLY B 296 21.07 1.65 6.18
N GLY B 297 19.94 0.97 5.97
CA GLY B 297 18.67 1.39 6.55
C GLY B 297 18.02 0.36 7.46
N MET B 298 17.13 0.85 8.33
CA MET B 298 16.46 0.02 9.31
C MET B 298 15.00 0.45 9.51
N LEU B 299 14.28 0.75 8.42
CA LEU B 299 12.86 1.06 8.48
C LEU B 299 12.56 2.18 9.49
N GLU B 300 13.33 3.26 9.40
CA GLU B 300 13.30 4.31 10.41
C GLU B 300 12.16 5.30 10.18
N SER B 301 11.64 5.84 11.28
CA SER B 301 10.77 7.00 11.20
C SER B 301 11.63 8.17 10.77
N GLY B 302 11.02 9.35 10.61
CA GLY B 302 11.74 10.51 10.12
C GLY B 302 12.90 10.89 11.02
N ILE B 303 12.79 10.56 12.32
CA ILE B 303 13.88 10.85 13.25
C ILE B 303 15.17 10.11 12.82
N GLY B 304 15.10 8.79 12.73
CA GLY B 304 16.23 7.98 12.30
C GLY B 304 16.65 8.22 10.87
N ARG B 305 15.68 8.41 9.98
CA ARG B 305 15.97 8.78 8.59
C ARG B 305 16.81 10.08 8.50
N ALA B 306 16.45 11.09 9.28
CA ALA B 306 17.14 12.37 9.27
C ALA B 306 18.59 12.26 9.78
N HIS B 307 18.79 11.53 10.87
CA HIS B 307 20.14 11.24 11.36
C HIS B 307 20.95 10.57 10.25
N ASN B 308 20.33 9.62 9.55
CA ASN B 308 20.99 8.88 8.47
C ASN B 308 21.41 9.77 7.31
N ILE B 309 20.53 10.71 6.95
CA ILE B 309 20.78 11.64 5.86
C ILE B 309 21.94 12.56 6.23
N HIS B 310 21.96 13.07 7.45
CA HIS B 310 23.08 13.92 7.87
C HIS B 310 24.43 13.16 7.88
N LEU B 311 24.45 11.96 8.45
CA LEU B 311 25.66 11.17 8.43
C LEU B 311 26.16 10.94 7.00
N SER B 312 25.21 10.71 6.09
CA SER B 312 25.45 10.39 4.69
C SER B 312 26.11 11.51 3.89
N THR B 313 26.14 12.72 4.43
CA THR B 313 26.76 13.85 3.71
C THR B 313 28.28 13.77 3.74
N LEU B 314 28.81 12.81 4.49
CA LEU B 314 30.25 12.63 4.61
C LEU B 314 30.81 12.08 3.30
N SER B 315 32.04 12.46 2.96
CA SER B 315 32.57 12.28 1.60
C SER B 315 32.83 10.84 1.17
N ASN B 316 33.10 9.96 2.12
CA ASN B 316 33.35 8.56 1.76
C ASN B 316 32.07 7.72 1.69
N PHE B 317 30.92 8.36 1.79
CA PHE B 317 29.66 7.72 1.44
C PHE B 317 29.48 7.77 -0.06
N ARG B 318 30.26 6.96 -0.78
CA ARG B 318 30.37 7.05 -2.23
C ARG B 318 29.46 6.09 -3.00
N LEU B 319 28.66 5.30 -2.31
CA LEU B 319 27.64 4.48 -2.97
C LEU B 319 26.30 4.88 -2.36
N PRO B 320 25.19 4.69 -3.10
CA PRO B 320 23.87 5.14 -2.62
C PRO B 320 23.34 4.45 -1.34
N GLY B 321 22.57 5.20 -0.53
CA GLY B 321 22.12 4.74 0.78
C GLY B 321 20.64 4.42 0.85
N ASP B 322 20.26 3.61 1.83
CA ASP B 322 18.85 3.27 2.05
C ASP B 322 18.25 4.38 2.91
N THR B 323 18.16 5.57 2.33
CA THR B 323 17.47 6.70 2.91
C THR B 323 16.48 7.23 1.86
N SER B 324 15.63 6.33 1.36
CA SER B 324 14.60 6.68 0.38
C SER B 324 13.40 7.35 1.07
N SER B 325 12.41 7.75 0.28
CA SER B 325 11.28 8.54 0.80
C SER B 325 10.58 7.93 1.99
N ALA B 326 10.28 8.77 2.98
CA ALA B 326 9.50 8.37 4.16
C ALA B 326 8.13 7.82 3.75
N SER B 327 7.56 8.38 2.69
CA SER B 327 6.22 7.99 2.23
C SER B 327 6.16 6.56 1.71
N ARG B 328 7.30 5.96 1.38
CA ARG B 328 7.35 4.56 0.98
C ARG B 328 7.08 3.63 2.18
N TYR B 329 7.11 4.19 3.37
CA TYR B 329 7.07 3.37 4.58
C TYR B 329 5.88 3.65 5.48
N TRP B 330 5.52 4.92 5.59
CA TRP B 330 4.52 5.34 6.55
C TRP B 330 3.42 6.11 5.85
N GLU B 331 2.16 5.82 6.18
CA GLU B 331 1.06 6.70 5.74
C GLU B 331 1.36 8.11 6.25
N ARG B 332 1.78 8.18 7.51
CA ARG B 332 2.18 9.45 8.12
C ARG B 332 3.39 9.30 9.07
N ASP B 333 4.35 10.20 8.94
CA ASP B 333 5.60 10.13 9.71
C ASP B 333 5.45 10.93 11.00
N LEU B 334 6.35 10.72 11.96
CA LEU B 334 6.23 11.41 13.24
C LEU B 334 7.02 12.72 13.32
N ILE B 335 7.51 13.19 12.19
CA ILE B 335 8.11 14.50 12.08
C ILE B 335 7.23 15.41 11.22
N GLN B 336 7.38 16.72 11.38
CA GLN B 336 6.61 17.68 10.60
C GLN B 336 7.11 17.79 9.14
N GLU B 337 8.37 17.47 8.93
CA GLU B 337 9.00 17.60 7.62
C GLU B 337 8.90 16.33 6.75
N PRO B 338 8.56 16.50 5.47
CA PRO B 338 8.60 15.35 4.57
C PRO B 338 10.03 15.06 4.11
N LEU B 339 10.44 13.79 4.18
CA LEU B 339 11.75 13.39 3.67
C LEU B 339 11.50 12.62 2.41
N GLU B 340 11.57 13.30 1.27
CA GLU B 340 11.18 12.71 0.00
C GLU B 340 12.29 12.82 -1.04
N ALA B 341 12.75 11.69 -1.55
CA ALA B 341 13.76 11.72 -2.58
C ALA B 341 13.13 11.95 -3.95
N VAL B 342 13.83 12.70 -4.78
CA VAL B 342 13.42 12.99 -6.14
C VAL B 342 14.58 12.57 -7.05
N ASP B 343 14.28 11.79 -8.08
CA ASP B 343 15.28 11.32 -9.03
C ASP B 343 16.51 10.73 -8.32
N GLY B 344 16.25 9.98 -7.25
CA GLY B 344 17.34 9.30 -6.52
C GLY B 344 18.22 10.22 -5.69
N LEU B 345 17.79 11.46 -5.50
CA LEU B 345 18.48 12.41 -4.62
C LEU B 345 17.64 12.82 -3.42
N MET B 346 18.13 12.55 -2.22
CA MET B 346 17.45 12.99 -1.01
C MET B 346 18.10 14.26 -0.51
N PRO B 347 17.32 15.34 -0.38
CA PRO B 347 17.87 16.56 0.21
C PRO B 347 18.10 16.47 1.72
N VAL B 348 19.10 17.22 2.17
CA VAL B 348 19.42 17.29 3.59
C VAL B 348 18.39 18.23 4.20
N PRO B 349 17.62 17.72 5.19
CA PRO B 349 16.59 18.55 5.83
C PRO B 349 17.22 19.76 6.47
N GLN B 350 16.64 20.93 6.21
CA GLN B 350 17.21 22.19 6.66
C GLN B 350 17.01 22.40 8.17
N GLY B 351 17.92 23.14 8.80
CA GLY B 351 17.80 23.47 10.22
C GLY B 351 18.98 22.98 11.05
N PRO B 352 18.99 23.31 12.35
CA PRO B 352 19.99 22.88 13.31
C PRO B 352 19.84 21.39 13.66
N GLY B 353 20.96 20.75 14.03
CA GLY B 353 20.92 19.32 14.30
C GLY B 353 20.39 18.51 13.13
N THR B 354 19.44 17.64 13.41
CA THR B 354 18.83 16.82 12.35
C THR B 354 18.00 17.63 11.33
N GLY B 355 17.59 18.84 11.71
CA GLY B 355 16.71 19.66 10.87
C GLY B 355 15.29 19.11 10.69
N VAL B 356 14.91 18.14 11.54
CA VAL B 356 13.52 17.66 11.56
C VAL B 356 12.92 17.82 12.97
N THR B 357 11.60 17.83 13.04
CA THR B 357 10.91 18.24 14.27
C THR B 357 9.77 17.31 14.53
N LEU B 358 9.74 16.73 15.73
CA LEU B 358 8.66 15.84 16.11
C LEU B 358 7.31 16.51 15.96
N ASP B 359 6.34 15.76 15.47
CA ASP B 359 4.96 16.21 15.54
C ASP B 359 4.41 15.60 16.83
N ARG B 360 4.49 16.37 17.92
CA ARG B 360 4.09 15.87 19.24
C ARG B 360 2.63 15.48 19.32
N GLU B 361 1.77 16.23 18.65
CA GLU B 361 0.35 15.93 18.67
C GLU B 361 0.03 14.65 17.89
N PHE B 362 0.67 14.45 16.74
CA PHE B 362 0.44 13.20 16.05
C PHE B 362 1.12 12.08 16.81
N LEU B 363 2.31 12.37 17.35
CA LEU B 363 3.04 11.41 18.16
C LEU B 363 2.17 10.86 19.29
N ALA B 364 1.40 11.74 19.94
CA ALA B 364 0.58 11.33 21.09
C ALA B 364 -0.46 10.30 20.71
N THR B 365 -0.91 10.34 19.44
CA THR B 365 -1.96 9.45 18.98
C THR B 365 -1.47 8.02 18.74
N VAL B 366 -0.16 7.84 18.59
CA VAL B 366 0.42 6.52 18.31
C VAL B 366 1.39 6.05 19.40
N THR B 367 1.37 6.73 20.55
CA THR B 367 2.22 6.39 21.67
C THR B 367 1.63 5.24 22.46
N GLU B 368 2.41 4.17 22.61
CA GLU B 368 2.04 3.07 23.50
C GLU B 368 2.45 3.39 24.93
N ALA B 369 3.67 3.87 25.09
CA ALA B 369 4.21 4.16 26.41
C ALA B 369 5.17 5.34 26.37
N GLN B 370 5.12 6.16 27.41
CA GLN B 370 6.10 7.22 27.61
C GLN B 370 6.47 7.35 29.07
N GLU B 371 7.58 8.05 29.33
CA GLU B 371 8.11 8.23 30.69
C GLU B 371 9.15 9.33 30.67
N GLU B 372 9.27 10.04 31.78
CA GLU B 372 10.26 11.09 31.89
C GLU B 372 11.23 10.76 33.02
N HIS B 373 12.48 11.19 32.86
CA HIS B 373 13.51 10.99 33.87
C HIS B 373 14.25 12.30 34.16
N ARG B 374 14.62 12.53 35.42
CA ARG B 374 15.36 13.72 35.82
C ARG B 374 16.46 13.40 36.82
N ALA B 375 17.07 14.46 37.36
CA ALA B 375 17.93 14.37 38.55
C ALA B 375 18.84 13.15 38.57
N ARG C 6 -51.68 -0.47 3.20
CA ARG C 6 -50.36 -0.37 3.91
C ARG C 6 -49.15 -0.83 3.08
N MET C 7 -48.03 -1.10 3.77
CA MET C 7 -46.74 -1.39 3.13
C MET C 7 -46.77 -2.62 2.22
N PHE C 8 -45.82 -2.72 1.29
CA PHE C 8 -45.77 -3.89 0.42
C PHE C 8 -44.38 -4.46 0.28
N LYS C 9 -44.32 -5.79 0.24
CA LYS C 9 -43.06 -6.50 0.16
C LYS C 9 -42.91 -7.11 -1.24
N ILE C 10 -41.80 -6.79 -1.90
CA ILE C 10 -41.54 -7.36 -3.22
C ILE C 10 -40.76 -8.66 -3.05
N GLU C 11 -41.44 -9.76 -3.34
CA GLU C 11 -40.89 -11.11 -3.11
C GLU C 11 -40.21 -11.74 -4.31
N ALA C 12 -40.70 -11.46 -5.51
CA ALA C 12 -40.10 -12.04 -6.70
C ALA C 12 -40.18 -11.09 -7.89
N ALA C 13 -39.30 -11.31 -8.85
CA ALA C 13 -39.31 -10.53 -10.07
C ALA C 13 -39.02 -11.40 -11.29
N GLU C 14 -39.92 -11.35 -12.27
CA GLU C 14 -39.69 -12.01 -13.54
C GLU C 14 -39.27 -11.02 -14.61
N ILE C 15 -38.25 -11.40 -15.36
CA ILE C 15 -37.90 -10.73 -16.60
C ILE C 15 -38.24 -11.66 -17.77
N VAL C 16 -39.11 -11.18 -18.65
CA VAL C 16 -39.59 -11.96 -19.77
C VAL C 16 -39.44 -11.11 -21.01
N VAL C 17 -38.69 -11.62 -21.98
CA VAL C 17 -38.48 -10.90 -23.22
C VAL C 17 -39.24 -11.58 -24.33
N ALA C 18 -40.07 -10.81 -25.02
CA ALA C 18 -40.89 -11.31 -26.09
C ALA C 18 -40.54 -10.58 -27.38
N ARG C 19 -40.76 -11.24 -28.51
CA ARG C 19 -40.77 -10.47 -29.74
C ARG C 19 -42.06 -10.63 -30.52
N LEU C 20 -42.54 -9.50 -31.02
CA LEU C 20 -43.86 -9.39 -31.56
C LEU C 20 -43.67 -8.90 -32.98
N PRO C 21 -44.29 -9.59 -33.96
CA PRO C 21 -44.21 -9.11 -35.34
C PRO C 21 -45.02 -7.82 -35.47
N LEU C 22 -44.55 -6.87 -36.28
CA LEU C 22 -45.26 -5.61 -36.44
C LEU C 22 -46.36 -5.75 -37.52
N LYS C 23 -46.79 -4.64 -38.10
CA LYS C 23 -47.78 -4.65 -39.18
C LYS C 23 -47.43 -3.64 -40.29
N PHE C 24 -47.19 -2.39 -39.90
CA PHE C 24 -46.65 -1.38 -40.81
C PHE C 24 -45.15 -1.22 -40.60
N ARG C 25 -44.43 -0.73 -41.62
CA ARG C 25 -42.98 -0.52 -41.51
C ARG C 25 -42.67 0.91 -41.03
N PHE C 26 -41.96 1.02 -39.91
CA PHE C 26 -41.73 2.32 -39.28
C PHE C 26 -40.40 2.94 -39.65
N GLU C 27 -40.44 3.83 -40.65
CA GLU C 27 -39.26 4.33 -41.35
C GLU C 27 -38.75 5.69 -40.87
N THR C 28 -38.47 5.81 -39.58
CA THR C 28 -37.93 7.05 -38.98
C THR C 28 -36.56 7.51 -39.55
N SER C 29 -36.15 8.72 -39.21
CA SER C 29 -34.88 9.27 -39.70
C SER C 29 -33.66 8.66 -39.01
N PHE C 30 -33.90 7.91 -37.92
CA PHE C 30 -32.82 7.12 -37.33
C PHE C 30 -32.85 5.65 -37.80
N GLY C 31 -33.70 5.37 -38.79
CA GLY C 31 -33.75 4.04 -39.40
C GLY C 31 -35.15 3.47 -39.62
N VAL C 32 -35.23 2.29 -40.22
CA VAL C 32 -36.51 1.62 -40.47
C VAL C 32 -36.77 0.50 -39.47
N GLN C 33 -37.96 0.50 -38.88
CA GLN C 33 -38.33 -0.53 -37.91
C GLN C 33 -39.53 -1.40 -38.35
N THR C 34 -39.35 -2.72 -38.27
CA THR C 34 -40.38 -3.68 -38.70
C THR C 34 -40.84 -4.64 -37.59
N HIS C 35 -39.94 -5.03 -36.70
CA HIS C 35 -40.30 -5.93 -35.60
C HIS C 35 -40.04 -5.29 -34.24
N LYS C 36 -40.33 -6.02 -33.17
CA LYS C 36 -40.37 -5.38 -31.86
C LYS C 36 -40.07 -6.34 -30.71
N VAL C 37 -39.00 -6.06 -29.99
CA VAL C 37 -38.64 -6.79 -28.79
C VAL C 37 -39.26 -6.09 -27.60
N VAL C 38 -39.97 -6.86 -26.78
CA VAL C 38 -40.70 -6.34 -25.62
C VAL C 38 -40.15 -6.88 -24.30
N PRO C 39 -39.34 -6.08 -23.59
CA PRO C 39 -38.84 -6.53 -22.29
C PRO C 39 -39.85 -6.20 -21.19
N LEU C 40 -40.35 -7.25 -20.55
CA LEU C 40 -41.34 -7.13 -19.51
C LEU C 40 -40.69 -7.37 -18.16
N LEU C 41 -41.04 -6.55 -17.19
CA LEU C 41 -40.72 -6.84 -15.80
C LEU C 41 -41.99 -7.05 -14.99
N ILE C 42 -42.07 -8.19 -14.34
CA ILE C 42 -43.17 -8.51 -13.46
C ILE C 42 -42.67 -8.54 -12.00
N LEU C 43 -43.26 -7.73 -11.13
CA LEU C 43 -42.96 -7.74 -9.71
C LEU C 43 -44.12 -8.41 -8.95
N HIS C 44 -43.77 -9.21 -7.95
CA HIS C 44 -44.75 -10.01 -7.20
C HIS C 44 -44.70 -9.59 -5.76
N GLY C 45 -45.88 -9.44 -5.15
CA GLY C 45 -45.94 -9.11 -3.74
C GLY C 45 -47.37 -9.00 -3.26
N GLU C 46 -47.61 -9.44 -2.03
CA GLU C 46 -48.91 -9.32 -1.37
C GLU C 46 -50.01 -9.94 -2.19
N GLY C 47 -49.73 -11.04 -2.88
CA GLY C 47 -50.73 -11.73 -3.70
C GLY C 47 -51.13 -11.04 -4.98
N VAL C 48 -50.46 -9.94 -5.34
CA VAL C 48 -50.76 -9.30 -6.62
C VAL C 48 -49.50 -9.20 -7.48
N GLN C 49 -49.64 -8.67 -8.69
CA GLN C 49 -48.45 -8.42 -9.48
C GLN C 49 -48.49 -7.09 -10.24
N GLY C 50 -47.34 -6.44 -10.36
CA GLY C 50 -47.16 -5.27 -11.22
C GLY C 50 -46.35 -5.65 -12.44
N VAL C 51 -46.80 -5.22 -13.62
CA VAL C 51 -46.08 -5.47 -14.85
C VAL C 51 -45.71 -4.15 -15.51
N ALA C 52 -44.47 -4.06 -15.96
CA ALA C 52 -44.08 -2.94 -16.80
C ALA C 52 -43.26 -3.40 -17.99
N GLU C 53 -43.13 -2.51 -18.97
CA GLU C 53 -42.45 -2.83 -20.22
C GLU C 53 -41.34 -1.84 -20.51
N GLY C 54 -40.15 -2.37 -20.79
CA GLY C 54 -39.01 -1.57 -21.21
C GLY C 54 -39.19 -0.97 -22.58
N THR C 55 -38.71 0.27 -22.75
CA THR C 55 -38.80 0.91 -24.06
C THR C 55 -37.45 1.06 -24.73
N MET C 56 -36.42 0.47 -24.11
CA MET C 56 -35.08 0.51 -24.72
C MET C 56 -35.00 -0.48 -25.89
N GLU C 57 -34.09 -0.20 -26.81
CA GLU C 57 -33.96 -0.98 -28.05
C GLU C 57 -32.78 -1.91 -27.94
N ALA C 58 -32.68 -2.83 -28.89
CA ALA C 58 -31.49 -3.68 -28.98
C ALA C 58 -30.24 -2.82 -29.16
N ARG C 59 -30.34 -1.80 -30.02
CA ARG C 59 -29.24 -0.89 -30.27
C ARG C 59 -29.67 0.54 -30.00
N PRO C 60 -28.73 1.39 -29.56
CA PRO C 60 -29.03 2.78 -29.16
C PRO C 60 -29.28 3.72 -30.35
N MET C 61 -30.48 3.68 -30.88
CA MET C 61 -30.83 4.43 -32.09
C MET C 61 -31.71 5.64 -31.78
N TYR C 62 -32.72 5.46 -30.94
CA TYR C 62 -33.57 6.56 -30.51
C TYR C 62 -32.90 7.34 -29.37
N ARG C 63 -32.33 6.60 -28.42
CA ARG C 63 -31.56 7.22 -27.32
C ARG C 63 -30.47 6.23 -26.86
N GLU C 64 -29.91 6.46 -25.68
CA GLU C 64 -28.62 5.85 -25.32
C GLU C 64 -28.68 4.45 -24.72
N GLU C 65 -29.85 4.04 -24.25
CA GLU C 65 -29.94 2.75 -23.56
C GLU C 65 -30.14 1.56 -24.51
N THR C 66 -29.75 0.37 -24.05
CA THR C 66 -30.00 -0.85 -24.82
C THR C 66 -30.60 -1.90 -23.93
N ILE C 67 -31.29 -2.86 -24.54
CA ILE C 67 -31.85 -3.97 -23.79
C ILE C 67 -30.76 -4.67 -23.00
N CYS C 68 -29.63 -4.92 -23.66
CA CYS C 68 -28.52 -5.66 -23.05
C CYS C 68 -28.04 -5.04 -21.77
N GLY C 69 -27.78 -3.75 -21.81
CA GLY C 69 -27.20 -3.04 -20.67
C GLY C 69 -28.21 -2.87 -19.55
N ALA C 70 -29.48 -2.71 -19.94
CA ALA C 70 -30.57 -2.52 -18.99
C ALA C 70 -30.89 -3.78 -18.18
N LEU C 71 -30.83 -4.93 -18.83
CA LEU C 71 -31.08 -6.18 -18.13
C LEU C 71 -29.93 -6.48 -17.16
N CYS C 72 -28.70 -6.27 -17.59
CA CYS C 72 -27.55 -6.36 -16.68
C CYS C 72 -27.75 -5.53 -15.43
N LEU C 73 -28.12 -4.27 -15.65
CA LEU C 73 -28.42 -3.34 -14.58
C LEU C 73 -29.59 -3.83 -13.68
N LEU C 74 -30.65 -4.33 -14.30
CA LEU C 74 -31.77 -4.93 -13.53
C LEU C 74 -31.30 -6.11 -12.68
N ARG C 75 -30.67 -7.09 -13.32
CA ARG C 75 -30.31 -8.31 -12.58
C ARG C 75 -29.15 -8.11 -11.61
N GLY C 76 -28.19 -7.26 -11.95
CA GLY C 76 -27.03 -7.11 -11.08
C GLY C 76 -27.15 -6.08 -9.97
N THR C 77 -28.12 -5.16 -10.10
CA THR C 77 -28.15 -3.98 -9.25
C THR C 77 -29.54 -3.63 -8.78
N PHE C 78 -30.43 -3.25 -9.71
CA PHE C 78 -31.76 -2.80 -9.32
C PHE C 78 -32.57 -3.85 -8.58
N LEU C 79 -32.64 -5.06 -9.13
CA LEU C 79 -33.45 -6.11 -8.50
C LEU C 79 -32.94 -6.54 -7.12
N PRO C 80 -31.64 -6.81 -6.97
CA PRO C 80 -31.07 -7.05 -5.65
C PRO C 80 -31.36 -6.00 -4.58
N ALA C 81 -31.38 -4.73 -4.97
CA ALA C 81 -31.71 -3.65 -4.04
C ALA C 81 -33.16 -3.69 -3.55
N ILE C 82 -34.04 -4.35 -4.29
CA ILE C 82 -35.47 -4.26 -3.92
C ILE C 82 -36.07 -5.57 -3.44
N LEU C 83 -35.46 -6.68 -3.83
CA LEU C 83 -36.04 -7.99 -3.53
C LEU C 83 -35.99 -8.32 -2.05
N GLY C 84 -37.14 -8.69 -1.50
CA GLY C 84 -37.25 -9.02 -0.10
C GLY C 84 -37.44 -7.79 0.77
N GLN C 85 -37.44 -6.62 0.15
CA GLN C 85 -37.60 -5.35 0.90
C GLN C 85 -39.06 -4.90 0.99
N THR C 86 -39.39 -4.15 2.04
CA THR C 86 -40.75 -3.64 2.25
C THR C 86 -40.82 -2.11 2.06
N PHE C 87 -41.81 -1.67 1.28
CA PHE C 87 -41.92 -0.28 0.89
C PHE C 87 -43.28 0.30 1.18
N ALA C 88 -43.32 1.59 1.46
CA ALA C 88 -44.57 2.30 1.74
C ALA C 88 -45.26 2.76 0.46
N ASN C 89 -44.49 2.95 -0.60
CA ASN C 89 -45.04 3.41 -1.86
C ASN C 89 -43.99 3.31 -2.94
N PRO C 90 -44.38 3.55 -4.21
CA PRO C 90 -43.45 3.52 -5.37
C PRO C 90 -42.31 4.52 -5.29
N GLU C 91 -42.52 5.64 -4.62
CA GLU C 91 -41.44 6.61 -4.41
C GLU C 91 -40.30 5.97 -3.57
N ALA C 92 -40.65 5.13 -2.59
CA ALA C 92 -39.64 4.46 -1.75
C ALA C 92 -38.87 3.39 -2.50
N VAL C 93 -39.55 2.68 -3.40
CA VAL C 93 -38.87 1.74 -4.28
C VAL C 93 -37.82 2.48 -5.09
N SER C 94 -38.26 3.58 -5.68
CA SER C 94 -37.43 4.36 -6.56
C SER C 94 -36.23 4.94 -5.76
N ASP C 95 -36.49 5.39 -4.53
CA ASP C 95 -35.47 5.90 -3.64
C ASP C 95 -34.37 4.86 -3.37
N ALA C 96 -34.77 3.59 -3.22
CA ALA C 96 -33.87 2.47 -2.88
C ALA C 96 -32.91 2.03 -3.99
N LEU C 97 -33.04 2.59 -5.19
CA LEU C 97 -32.14 2.23 -6.29
C LEU C 97 -30.92 3.15 -6.33
N GLY C 98 -30.35 3.44 -5.17
CA GLY C 98 -29.11 4.21 -5.10
C GLY C 98 -29.02 5.46 -5.97
N SER C 99 -27.80 5.98 -6.08
CA SER C 99 -27.56 7.20 -6.83
C SER C 99 -27.05 6.96 -8.25
N TYR C 100 -27.30 5.78 -8.80
CA TYR C 100 -26.81 5.46 -10.15
C TYR C 100 -27.23 6.48 -11.19
N ARG C 101 -26.37 6.66 -12.18
CA ARG C 101 -26.52 7.75 -13.13
C ARG C 101 -27.18 7.31 -14.44
N GLY C 102 -28.03 8.17 -14.96
CA GLY C 102 -28.72 7.94 -16.22
C GLY C 102 -29.56 6.67 -16.16
N ASN C 103 -29.60 5.95 -17.27
CA ASN C 103 -30.38 4.72 -17.31
C ASN C 103 -31.81 4.91 -16.80
N ARG C 104 -32.50 5.94 -17.28
CA ARG C 104 -33.87 6.20 -16.86
C ARG C 104 -34.86 5.09 -17.26
N MET C 105 -34.78 4.61 -18.49
CA MET C 105 -35.69 3.55 -18.96
C MET C 105 -35.60 2.26 -18.16
N ALA C 106 -34.37 1.83 -17.87
CA ALA C 106 -34.14 0.71 -16.96
C ALA C 106 -34.80 0.95 -15.60
N ARG C 107 -34.60 2.13 -15.02
CA ARG C 107 -35.20 2.48 -13.73
C ARG C 107 -36.72 2.47 -13.84
N ALA C 108 -37.23 2.95 -14.96
CA ALA C 108 -38.65 2.98 -15.23
C ALA C 108 -39.32 1.61 -15.19
N MET C 109 -38.64 0.56 -15.63
CA MET C 109 -39.22 -0.79 -15.60
C MET C 109 -39.57 -1.17 -14.16
N VAL C 110 -38.63 -0.92 -13.26
CA VAL C 110 -38.84 -1.20 -11.84
C VAL C 110 -39.92 -0.29 -11.28
N GLU C 111 -39.75 1.02 -11.51
CA GLU C 111 -40.61 2.01 -10.90
C GLU C 111 -42.06 1.84 -11.36
N MET C 112 -42.25 1.64 -12.67
CA MET C 112 -43.60 1.52 -13.22
C MET C 112 -44.26 0.21 -12.82
N ALA C 113 -43.50 -0.87 -12.78
CA ALA C 113 -44.01 -2.13 -12.20
C ALA C 113 -44.44 -1.92 -10.75
N ALA C 114 -43.64 -1.17 -9.99
CA ALA C 114 -43.97 -0.84 -8.59
C ALA C 114 -45.29 -0.09 -8.45
N TRP C 115 -45.53 0.89 -9.33
CA TRP C 115 -46.82 1.61 -9.40
C TRP C 115 -48.02 0.69 -9.65
N ASP C 116 -47.86 -0.23 -10.59
CA ASP C 116 -48.89 -1.21 -10.94
C ASP C 116 -49.17 -2.12 -9.75
N LEU C 117 -48.10 -2.65 -9.15
CA LEU C 117 -48.19 -3.51 -7.99
C LEU C 117 -48.89 -2.81 -6.82
N TRP C 118 -48.47 -1.59 -6.56
CA TRP C 118 -48.99 -0.79 -5.44
C TRP C 118 -50.48 -0.43 -5.56
N ALA C 119 -50.86 -0.04 -6.77
CA ALA C 119 -52.23 0.29 -7.08
C ALA C 119 -53.11 -0.94 -6.96
N ARG C 120 -52.59 -2.08 -7.40
CA ARG C 120 -53.31 -3.34 -7.30
C ARG C 120 -53.51 -3.82 -5.86
N THR C 121 -52.56 -3.53 -4.97
CA THR C 121 -52.72 -3.81 -3.55
C THR C 121 -53.85 -2.96 -2.95
N LEU C 122 -54.07 -1.77 -3.54
CA LEU C 122 -55.13 -0.87 -3.06
C LEU C 122 -56.47 -1.14 -3.76
N GLY C 123 -56.44 -1.86 -4.88
CA GLY C 123 -57.64 -2.04 -5.73
C GLY C 123 -58.06 -0.79 -6.48
N VAL C 124 -57.12 0.12 -6.73
CA VAL C 124 -57.43 1.41 -7.37
C VAL C 124 -56.78 1.48 -8.74
N PRO C 125 -57.45 2.14 -9.71
CA PRO C 125 -56.82 2.39 -11.00
C PRO C 125 -55.56 3.27 -10.88
N LEU C 126 -54.58 3.01 -11.74
CA LEU C 126 -53.30 3.73 -11.71
C LEU C 126 -53.43 5.24 -11.90
N GLY C 127 -54.11 5.65 -12.96
CA GLY C 127 -54.29 7.07 -13.25
C GLY C 127 -54.86 7.80 -12.06
N THR C 128 -55.73 7.13 -11.31
CA THR C 128 -56.44 7.74 -10.20
C THR C 128 -55.50 8.17 -9.10
N LEU C 129 -54.57 7.28 -8.77
CA LEU C 129 -53.52 7.53 -7.78
C LEU C 129 -52.52 8.61 -8.19
N LEU C 130 -52.37 8.80 -9.50
CA LEU C 130 -51.49 9.84 -10.03
C LEU C 130 -52.18 11.19 -10.14
N GLY C 131 -53.49 11.23 -9.86
CA GLY C 131 -54.24 12.48 -9.83
C GLY C 131 -55.11 12.78 -11.04
N GLY C 132 -55.13 11.87 -12.01
CA GLY C 132 -55.94 12.08 -13.22
C GLY C 132 -57.38 11.66 -12.99
N HIS C 133 -58.32 12.35 -13.62
CA HIS C 133 -59.72 11.93 -13.56
C HIS C 133 -60.41 12.02 -14.95
N LYS C 134 -59.61 12.09 -16.02
CA LYS C 134 -60.15 11.90 -17.38
C LYS C 134 -60.58 10.45 -17.60
N GLU C 135 -61.70 10.25 -18.28
CA GLU C 135 -62.22 8.90 -18.52
C GLU C 135 -61.83 8.33 -19.89
N GLN C 136 -61.44 9.23 -20.80
CA GLN C 136 -60.69 8.86 -22.00
C GLN C 136 -59.80 10.00 -22.52
N VAL C 137 -58.86 9.63 -23.39
CA VAL C 137 -57.81 10.54 -23.78
C VAL C 137 -57.80 10.72 -25.30
N GLU C 138 -57.53 11.95 -25.73
CA GLU C 138 -57.45 12.25 -27.16
C GLU C 138 -56.15 11.72 -27.69
N VAL C 139 -56.21 11.08 -28.84
CA VAL C 139 -55.01 10.53 -29.46
C VAL C 139 -54.91 10.95 -30.91
N GLY C 140 -53.68 11.05 -31.40
CA GLY C 140 -53.45 11.26 -32.81
C GLY C 140 -52.67 10.06 -33.35
N VAL C 141 -52.16 10.19 -34.56
CA VAL C 141 -51.29 9.17 -35.14
C VAL C 141 -50.03 9.83 -35.61
N SER C 142 -48.92 9.12 -35.49
CA SER C 142 -47.69 9.55 -36.13
C SER C 142 -47.42 8.61 -37.31
N LEU C 143 -47.22 9.20 -38.48
CA LEU C 143 -47.02 8.45 -39.69
C LEU C 143 -45.55 8.56 -40.11
N GLY C 144 -44.88 7.41 -40.17
CA GLY C 144 -43.49 7.34 -40.63
C GLY C 144 -43.29 7.95 -42.01
N ILE C 145 -42.07 7.82 -42.53
CA ILE C 145 -41.72 8.40 -43.84
C ILE C 145 -42.30 7.55 -44.99
N GLN C 146 -42.83 8.24 -46.01
CA GLN C 146 -43.65 7.61 -47.05
C GLN C 146 -43.65 8.32 -48.42
N ALA C 147 -43.68 7.52 -49.48
CA ALA C 147 -44.10 7.90 -50.86
C ALA C 147 -43.73 9.27 -51.46
N ASP C 148 -44.71 10.18 -51.53
CA ASP C 148 -44.54 11.46 -52.25
C ASP C 148 -45.60 12.52 -51.90
N GLU C 149 -45.50 13.68 -52.54
CA GLU C 149 -46.35 14.85 -52.25
C GLU C 149 -47.85 14.59 -52.07
N GLN C 150 -48.49 13.97 -53.06
CA GLN C 150 -49.91 13.63 -52.95
C GLN C 150 -50.14 12.19 -52.51
N ALA C 151 -49.29 11.29 -53.00
CA ALA C 151 -49.44 9.87 -52.68
C ALA C 151 -49.03 9.57 -51.24
N THR C 152 -49.13 10.60 -50.40
CA THR C 152 -48.92 10.47 -48.95
C THR C 152 -49.98 11.33 -48.24
N VAL C 153 -50.62 12.22 -48.98
CA VAL C 153 -51.80 12.93 -48.52
C VAL C 153 -52.95 11.93 -48.41
N ASP C 154 -52.69 10.72 -48.92
CA ASP C 154 -53.67 9.65 -48.93
C ASP C 154 -53.59 8.80 -47.66
N LEU C 155 -52.38 8.62 -47.14
CA LEU C 155 -52.23 7.88 -45.88
C LEU C 155 -52.74 8.73 -44.73
N VAL C 156 -52.58 10.04 -44.85
CA VAL C 156 -53.16 10.99 -43.93
C VAL C 156 -54.68 10.84 -44.00
N ARG C 157 -55.18 10.76 -45.23
CA ARG C 157 -56.60 10.56 -45.50
C ARG C 157 -57.20 9.43 -44.67
N ARG C 158 -56.59 8.26 -44.73
CA ARG C 158 -57.10 7.08 -44.01
C ARG C 158 -57.19 7.33 -42.50
N HIS C 159 -56.46 8.31 -42.00
CA HIS C 159 -56.44 8.54 -40.56
C HIS C 159 -57.39 9.63 -40.15
N VAL C 160 -57.54 10.64 -41.01
CA VAL C 160 -58.50 11.69 -40.78
C VAL C 160 -59.92 11.11 -40.84
N GLU C 161 -60.11 10.12 -41.72
CA GLU C 161 -61.40 9.42 -41.83
C GLU C 161 -61.68 8.58 -40.59
N GLN C 162 -60.62 8.22 -39.86
CA GLN C 162 -60.78 7.50 -38.60
C GLN C 162 -61.01 8.41 -37.38
N GLY C 163 -60.95 9.73 -37.58
CA GLY C 163 -61.18 10.67 -36.49
C GLY C 163 -59.99 10.96 -35.57
N TYR C 164 -58.79 10.55 -35.98
CA TYR C 164 -57.60 10.87 -35.18
C TYR C 164 -57.45 12.38 -35.02
N ARG C 165 -57.10 12.82 -33.82
CA ARG C 165 -57.21 14.25 -33.51
C ARG C 165 -55.95 15.08 -33.76
N ARG C 166 -54.88 14.38 -34.16
CA ARG C 166 -53.67 15.02 -34.65
C ARG C 166 -53.04 14.08 -35.67
N ILE C 167 -52.48 14.66 -36.73
CA ILE C 167 -51.66 13.91 -37.66
C ILE C 167 -50.21 14.39 -37.55
N LYS C 168 -49.31 13.46 -37.27
CA LYS C 168 -47.89 13.78 -37.18
C LYS C 168 -47.13 13.11 -38.30
N LEU C 169 -46.38 13.89 -39.06
CA LEU C 169 -45.55 13.38 -40.14
C LEU C 169 -44.08 13.40 -39.76
N LYS C 170 -43.44 12.23 -39.78
CA LYS C 170 -41.99 12.12 -39.56
C LYS C 170 -41.30 12.64 -40.81
N ILE C 171 -40.69 13.82 -40.71
CA ILE C 171 -39.88 14.41 -41.79
C ILE C 171 -38.38 14.13 -41.59
N LYS C 172 -37.55 14.67 -42.48
CA LYS C 172 -36.10 14.54 -42.37
C LYS C 172 -35.40 15.19 -43.57
N PRO C 173 -34.14 15.64 -43.37
CA PRO C 173 -33.36 16.35 -44.39
C PRO C 173 -33.55 15.80 -45.80
N GLY C 174 -34.20 16.58 -46.66
CA GLY C 174 -34.46 16.15 -48.03
C GLY C 174 -35.85 15.58 -48.22
N TRP C 175 -36.74 15.85 -47.25
CA TRP C 175 -38.16 15.45 -47.29
C TRP C 175 -38.92 16.15 -46.16
N ASP C 176 -39.45 17.35 -46.39
CA ASP C 176 -40.18 18.02 -45.30
C ASP C 176 -41.28 19.04 -45.66
N VAL C 177 -40.95 20.10 -46.39
CA VAL C 177 -41.90 21.19 -46.63
C VAL C 177 -43.08 20.79 -47.53
N GLN C 178 -42.91 19.68 -48.22
CA GLN C 178 -43.79 19.26 -49.29
C GLN C 178 -45.12 18.75 -48.77
N PRO C 179 -45.08 17.65 -47.99
CA PRO C 179 -46.29 17.08 -47.39
C PRO C 179 -47.03 18.14 -46.59
N VAL C 180 -46.30 19.02 -45.92
CA VAL C 180 -46.95 19.97 -45.03
C VAL C 180 -47.91 20.90 -45.78
N ARG C 181 -47.44 21.56 -46.84
CA ARG C 181 -48.33 22.34 -47.71
C ARG C 181 -49.29 21.42 -48.46
N ALA C 182 -48.82 20.21 -48.77
CA ALA C 182 -49.56 19.21 -49.55
C ALA C 182 -50.55 18.39 -48.71
N THR C 183 -50.48 18.54 -47.39
CA THR C 183 -51.43 17.92 -46.48
C THR C 183 -52.33 19.04 -45.99
N ARG C 184 -51.74 20.20 -45.74
CA ARG C 184 -52.52 21.40 -45.46
C ARG C 184 -53.32 21.73 -46.70
N GLU C 185 -52.88 21.15 -47.81
CA GLU C 185 -53.57 21.22 -49.09
C GLU C 185 -54.94 20.56 -48.96
N ALA C 186 -54.96 19.23 -49.01
CA ALA C 186 -56.20 18.45 -48.85
C ALA C 186 -56.92 18.73 -47.54
N PHE C 187 -56.16 18.89 -46.46
CA PHE C 187 -56.75 19.03 -45.12
C PHE C 187 -56.39 20.34 -44.46
N PRO C 188 -56.94 21.44 -44.97
CA PRO C 188 -56.62 22.78 -44.51
C PRO C 188 -56.89 23.01 -43.02
N ASP C 189 -57.67 22.12 -42.39
CA ASP C 189 -58.14 22.38 -41.02
C ASP C 189 -57.66 21.41 -39.94
N ILE C 190 -56.99 20.33 -40.33
CA ILE C 190 -56.55 19.33 -39.35
C ILE C 190 -55.43 19.84 -38.44
N ARG C 191 -55.44 19.41 -37.19
CA ARG C 191 -54.28 19.54 -36.30
C ARG C 191 -53.13 18.73 -36.93
N LEU C 192 -52.06 19.44 -37.31
CA LEU C 192 -50.97 18.83 -38.04
C LEU C 192 -49.64 19.17 -37.39
N THR C 193 -48.75 18.18 -37.33
CA THR C 193 -47.41 18.39 -36.74
C THR C 193 -46.37 17.61 -37.53
N VAL C 194 -45.10 17.92 -37.29
CA VAL C 194 -44.01 17.12 -37.85
C VAL C 194 -43.07 16.62 -36.75
N ASP C 195 -42.40 15.51 -37.00
CA ASP C 195 -41.36 15.03 -36.11
C ASP C 195 -40.06 15.18 -36.85
N ALA C 196 -39.56 16.41 -36.84
CA ALA C 196 -38.34 16.79 -37.53
C ALA C 196 -37.14 15.89 -37.21
N ASN C 197 -37.37 14.91 -36.34
CA ASN C 197 -36.45 13.79 -36.18
C ASN C 197 -34.99 14.16 -35.93
N SER C 198 -34.71 14.88 -34.83
CA SER C 198 -33.34 15.34 -34.50
C SER C 198 -32.41 15.35 -35.68
N ALA C 199 -32.93 15.70 -36.85
CA ALA C 199 -32.19 15.54 -38.07
C ALA C 199 -31.33 16.75 -38.35
N TYR C 200 -31.88 17.93 -38.09
CA TYR C 200 -31.29 19.17 -38.55
C TYR C 200 -30.25 19.77 -37.63
N THR C 201 -29.72 20.91 -38.06
CA THR C 201 -28.84 21.73 -37.25
C THR C 201 -29.30 23.17 -37.49
N LEU C 202 -28.73 24.11 -36.74
CA LEU C 202 -29.09 25.53 -36.91
C LEU C 202 -28.87 25.97 -38.34
N ALA C 203 -28.01 25.26 -39.06
CA ALA C 203 -27.80 25.50 -40.49
C ALA C 203 -29.15 25.45 -41.21
N ASP C 204 -29.94 24.42 -40.90
CA ASP C 204 -31.22 24.16 -41.57
C ASP C 204 -32.37 25.08 -41.12
N ALA C 205 -32.06 26.18 -40.44
CA ALA C 205 -33.08 27.02 -39.78
C ALA C 205 -34.09 27.73 -40.70
N GLY C 206 -33.64 28.24 -41.83
CA GLY C 206 -34.52 29.06 -42.69
C GLY C 206 -35.55 28.25 -43.44
N ARG C 207 -35.15 27.04 -43.82
CA ARG C 207 -36.03 26.08 -44.46
C ARG C 207 -37.19 25.75 -43.53
N LEU C 208 -36.87 25.51 -42.26
CA LEU C 208 -37.87 25.15 -41.25
C LEU C 208 -38.89 26.27 -41.04
N ARG C 209 -38.45 27.52 -41.24
CA ARG C 209 -39.35 28.67 -41.08
C ARG C 209 -40.45 28.66 -42.15
N GLN C 210 -40.19 27.97 -43.25
CA GLN C 210 -41.17 27.83 -44.33
C GLN C 210 -42.40 27.02 -43.89
N LEU C 211 -42.18 26.10 -42.94
CA LEU C 211 -43.28 25.30 -42.37
C LEU C 211 -44.24 26.18 -41.58
N ASP C 212 -43.86 27.44 -41.38
CA ASP C 212 -44.57 28.33 -40.47
C ASP C 212 -45.98 28.71 -40.89
N GLU C 213 -46.17 28.95 -42.19
CA GLU C 213 -47.47 29.38 -42.68
C GLU C 213 -48.46 28.21 -42.65
N TYR C 214 -47.91 27.01 -42.81
CA TYR C 214 -48.69 25.77 -42.87
C TYR C 214 -49.22 25.34 -41.51
N ASP C 215 -49.02 26.19 -40.52
CA ASP C 215 -49.85 26.20 -39.32
C ASP C 215 -49.79 24.92 -38.45
N LEU C 216 -48.58 24.40 -38.25
CA LEU C 216 -48.38 23.24 -37.37
C LEU C 216 -48.48 23.63 -35.90
N THR C 217 -48.95 22.70 -35.08
CA THR C 217 -49.06 22.93 -33.65
C THR C 217 -47.64 23.02 -33.06
N TYR C 218 -46.72 22.26 -33.65
CA TYR C 218 -45.34 22.25 -33.21
C TYR C 218 -44.47 21.51 -34.21
N ILE C 219 -43.17 21.75 -34.10
CA ILE C 219 -42.18 20.96 -34.81
C ILE C 219 -41.44 20.21 -33.72
N GLU C 220 -41.36 18.89 -33.85
CA GLU C 220 -40.79 18.05 -32.80
C GLU C 220 -39.29 17.77 -32.96
N GLN C 221 -38.54 18.08 -31.91
CA GLN C 221 -37.11 17.76 -31.83
C GLN C 221 -36.40 17.94 -33.14
N PRO C 222 -36.38 19.17 -33.67
CA PRO C 222 -35.67 19.40 -34.92
C PRO C 222 -34.13 19.23 -34.80
N LEU C 223 -33.55 19.62 -33.66
CA LEU C 223 -32.08 19.58 -33.53
C LEU C 223 -31.60 18.37 -32.70
N ALA C 224 -30.33 18.38 -32.29
CA ALA C 224 -29.72 17.23 -31.61
C ALA C 224 -30.56 16.68 -30.45
N TRP C 225 -30.53 15.36 -30.29
CA TRP C 225 -31.38 14.67 -29.31
C TRP C 225 -31.11 15.10 -27.88
N ASP C 226 -29.89 15.57 -27.63
CA ASP C 226 -29.47 15.93 -26.27
C ASP C 226 -29.39 17.44 -26.06
N ASP C 227 -29.93 18.21 -26.99
CA ASP C 227 -29.73 19.64 -26.97
C ASP C 227 -30.91 20.41 -26.40
N LEU C 228 -30.59 21.46 -25.66
CA LEU C 228 -31.54 22.49 -25.28
C LEU C 228 -31.19 23.84 -25.88
N VAL C 229 -29.90 24.18 -25.84
CA VAL C 229 -29.42 25.54 -26.15
C VAL C 229 -29.71 25.96 -27.60
N ASP C 230 -29.40 25.09 -28.55
CA ASP C 230 -29.62 25.44 -29.96
C ASP C 230 -31.10 25.54 -30.28
N HIS C 231 -31.90 24.69 -29.63
CA HIS C 231 -33.36 24.74 -29.79
C HIS C 231 -33.92 26.09 -29.38
N ALA C 232 -33.45 26.61 -28.24
CA ALA C 232 -33.80 27.97 -27.79
C ALA C 232 -33.40 29.05 -28.82
N GLU C 233 -32.22 28.90 -29.43
CA GLU C 233 -31.85 29.78 -30.56
C GLU C 233 -32.83 29.63 -31.75
N LEU C 234 -33.04 28.40 -32.22
CA LEU C 234 -33.95 28.16 -33.33
C LEU C 234 -35.38 28.66 -33.06
N ALA C 235 -35.89 28.42 -31.85
CA ALA C 235 -37.22 28.91 -31.45
C ALA C 235 -37.40 30.41 -31.66
N ARG C 236 -36.30 31.17 -31.57
CA ARG C 236 -36.34 32.62 -31.77
C ARG C 236 -36.44 32.98 -33.25
N ARG C 237 -36.06 32.05 -34.12
CA ARG C 237 -35.99 32.35 -35.54
C ARG C 237 -37.28 31.95 -36.28
N ILE C 238 -38.06 31.04 -35.69
CA ILE C 238 -39.30 30.62 -36.32
C ILE C 238 -40.51 30.84 -35.42
N ARG C 239 -41.69 30.93 -36.02
CA ARG C 239 -42.94 31.18 -35.30
C ARG C 239 -43.63 29.89 -34.81
N THR C 240 -43.39 28.79 -35.52
CA THR C 240 -43.94 27.50 -35.09
C THR C 240 -43.29 27.05 -33.77
N PRO C 241 -44.12 26.77 -32.76
CA PRO C 241 -43.59 26.25 -31.50
C PRO C 241 -42.71 25.01 -31.70
N LEU C 242 -41.69 24.88 -30.86
CA LEU C 242 -40.90 23.65 -30.85
C LEU C 242 -41.41 22.69 -29.79
N CYS C 243 -41.36 21.40 -30.08
CA CYS C 243 -41.68 20.38 -29.10
C CYS C 243 -40.43 19.55 -28.80
N LEU C 244 -40.10 19.37 -27.51
CA LEU C 244 -38.95 18.53 -27.16
C LEU C 244 -39.37 17.12 -26.81
N ASP C 245 -38.51 16.18 -27.16
CA ASP C 245 -38.71 14.77 -26.87
C ASP C 245 -37.45 14.26 -26.15
N GLU C 246 -36.49 13.76 -26.92
CA GLU C 246 -35.28 13.13 -26.40
C GLU C 246 -34.55 13.97 -25.34
N SER C 247 -34.64 15.29 -25.45
CA SER C 247 -33.80 16.18 -24.64
C SER C 247 -34.33 16.43 -23.22
N VAL C 248 -35.59 16.07 -22.96
CA VAL C 248 -36.16 16.14 -21.63
C VAL C 248 -36.27 14.75 -21.00
N ALA C 249 -35.31 14.39 -20.15
CA ALA C 249 -35.31 13.10 -19.47
C ALA C 249 -35.61 13.19 -17.98
N SER C 250 -36.01 14.37 -17.49
CA SER C 250 -36.29 14.57 -16.05
C SER C 250 -37.09 15.84 -15.85
N ALA C 251 -37.57 16.08 -14.63
CA ALA C 251 -38.31 17.33 -14.38
C ALA C 251 -37.38 18.56 -14.39
N SER C 252 -36.14 18.42 -13.92
CA SER C 252 -35.20 19.53 -14.02
C SER C 252 -34.78 19.83 -15.47
N ASP C 253 -34.72 18.81 -16.35
CA ASP C 253 -34.45 19.05 -17.77
C ASP C 253 -35.60 19.88 -18.32
N ALA C 254 -36.82 19.52 -17.93
CA ALA C 254 -38.01 20.24 -18.37
C ALA C 254 -37.99 21.69 -17.91
N ARG C 255 -37.63 21.89 -16.65
CA ARG C 255 -37.48 23.23 -16.11
C ARG C 255 -36.45 24.02 -16.91
N LYS C 256 -35.28 23.44 -17.12
CA LYS C 256 -34.25 24.12 -17.90
C LYS C 256 -34.69 24.39 -19.34
N ALA C 257 -35.25 23.38 -20.02
CA ALA C 257 -35.75 23.57 -21.37
C ALA C 257 -36.74 24.74 -21.44
N LEU C 258 -37.67 24.82 -20.49
CA LEU C 258 -38.72 25.82 -20.59
C LEU C 258 -38.20 27.19 -20.15
N ALA C 259 -37.34 27.24 -19.13
CA ALA C 259 -36.75 28.52 -18.70
C ALA C 259 -35.88 29.12 -19.82
N LEU C 260 -35.22 28.25 -20.58
CA LEU C 260 -34.38 28.65 -21.71
C LEU C 260 -35.18 29.08 -22.92
N GLY C 261 -36.40 28.60 -23.02
CA GLY C 261 -37.19 28.81 -24.23
C GLY C 261 -36.81 27.82 -25.33
N ALA C 262 -36.35 26.63 -24.97
CA ALA C 262 -36.02 25.60 -25.97
C ALA C 262 -37.24 25.02 -26.68
N GLY C 263 -38.39 25.07 -26.01
CA GLY C 263 -39.63 24.60 -26.61
C GLY C 263 -40.84 25.15 -25.88
N GLY C 264 -42.03 24.99 -26.46
CA GLY C 264 -43.29 25.37 -25.82
C GLY C 264 -44.18 24.17 -25.52
N VAL C 265 -43.73 23.00 -25.95
CA VAL C 265 -44.48 21.77 -25.79
C VAL C 265 -43.52 20.67 -25.43
N ILE C 266 -43.94 19.74 -24.57
CA ILE C 266 -43.11 18.59 -24.30
C ILE C 266 -43.84 17.29 -24.66
N ASN C 267 -43.19 16.48 -25.49
CA ASN C 267 -43.56 15.08 -25.67
C ASN C 267 -43.10 14.34 -24.42
N LEU C 268 -44.05 13.96 -23.56
CA LEU C 268 -43.71 13.24 -22.34
C LEU C 268 -43.76 11.73 -22.56
N LYS C 269 -42.59 11.10 -22.51
CA LYS C 269 -42.52 9.64 -22.56
C LYS C 269 -42.18 9.08 -21.19
N VAL C 270 -43.14 8.35 -20.62
CA VAL C 270 -43.05 7.93 -19.22
C VAL C 270 -41.73 7.22 -18.86
N ALA C 271 -41.32 6.28 -19.70
CA ALA C 271 -40.15 5.48 -19.38
C ALA C 271 -38.88 6.30 -19.64
N ARG C 272 -38.92 7.20 -20.62
CA ARG C 272 -37.79 8.06 -20.94
C ARG C 272 -37.38 8.95 -19.77
N VAL C 273 -38.35 9.43 -18.98
CA VAL C 273 -38.07 10.28 -17.83
C VAL C 273 -37.93 9.49 -16.52
N GLY C 274 -38.03 8.16 -16.59
CA GLY C 274 -37.79 7.33 -15.42
C GLY C 274 -39.03 6.88 -14.66
N GLY C 275 -40.21 7.00 -15.25
CA GLY C 275 -41.40 6.43 -14.63
C GLY C 275 -42.52 7.41 -14.33
N HIS C 276 -43.57 6.93 -13.64
CA HIS C 276 -44.78 7.72 -13.44
C HIS C 276 -44.60 8.94 -12.55
N ALA C 277 -43.96 8.75 -11.40
CA ALA C 277 -43.79 9.85 -10.45
C ALA C 277 -43.02 10.97 -11.10
N GLU C 278 -41.94 10.65 -11.80
CA GLU C 278 -41.17 11.71 -12.45
C GLU C 278 -41.95 12.32 -13.62
N SER C 279 -42.81 11.53 -14.26
CA SER C 279 -43.64 12.04 -15.36
C SER C 279 -44.65 13.05 -14.85
N ARG C 280 -45.27 12.74 -13.71
CA ARG C 280 -46.15 13.70 -13.07
C ARG C 280 -45.41 15.01 -12.77
N ARG C 281 -44.14 14.93 -12.36
CA ARG C 281 -43.37 16.13 -12.06
C ARG C 281 -43.10 16.90 -13.34
N VAL C 282 -42.64 16.19 -14.38
CA VAL C 282 -42.44 16.82 -15.70
C VAL C 282 -43.71 17.53 -16.16
N HIS C 283 -44.83 16.81 -16.08
CA HIS C 283 -46.18 17.30 -16.35
C HIS C 283 -46.57 18.57 -15.56
N ASP C 284 -46.27 18.60 -14.26
CA ASP C 284 -46.57 19.75 -13.41
C ASP C 284 -45.62 20.91 -13.63
N VAL C 285 -44.35 20.61 -13.85
CA VAL C 285 -43.38 21.64 -14.19
C VAL C 285 -43.80 22.36 -15.46
N ALA C 286 -44.06 21.61 -16.53
CA ALA C 286 -44.57 22.19 -17.78
C ALA C 286 -45.81 23.07 -17.53
N GLN C 287 -46.78 22.51 -16.80
CA GLN C 287 -48.00 23.22 -16.48
C GLN C 287 -47.75 24.55 -15.80
N SER C 288 -46.77 24.59 -14.88
CA SER C 288 -46.40 25.81 -14.16
C SER C 288 -45.80 26.88 -15.07
N PHE C 289 -45.34 26.46 -16.25
CA PHE C 289 -44.78 27.36 -17.26
C PHE C 289 -45.84 27.67 -18.33
N GLY C 290 -47.02 27.09 -18.16
CA GLY C 290 -48.09 27.20 -19.14
C GLY C 290 -47.79 26.49 -20.44
N ALA C 291 -47.00 25.42 -20.34
CA ALA C 291 -46.68 24.58 -21.49
C ALA C 291 -47.44 23.24 -21.43
N PRO C 292 -48.09 22.85 -22.54
CA PRO C 292 -48.77 21.55 -22.50
C PRO C 292 -47.79 20.39 -22.67
N VAL C 293 -48.21 19.20 -22.24
CA VAL C 293 -47.52 17.98 -22.62
C VAL C 293 -48.50 17.14 -23.41
N TRP C 294 -47.95 16.17 -24.13
CA TRP C 294 -48.72 15.14 -24.76
C TRP C 294 -47.92 13.85 -24.66
N CYS C 295 -48.61 12.72 -24.81
CA CYS C 295 -48.05 11.41 -24.54
C CYS C 295 -47.35 10.81 -25.74
N GLY C 296 -46.05 10.59 -25.64
CA GLY C 296 -45.33 9.91 -26.71
C GLY C 296 -45.60 8.43 -26.77
N GLY C 297 -45.18 7.79 -27.85
CA GLY C 297 -45.37 6.35 -27.97
C GLY C 297 -44.06 5.75 -28.43
N MET C 298 -43.84 4.49 -28.07
CA MET C 298 -42.61 3.81 -28.44
C MET C 298 -42.95 2.43 -28.97
N LEU C 299 -43.98 2.33 -29.80
CA LEU C 299 -44.45 1.04 -30.33
C LEU C 299 -44.70 0.00 -29.24
N GLU C 300 -45.37 0.38 -28.16
CA GLU C 300 -45.54 -0.52 -27.03
C GLU C 300 -46.59 -1.62 -27.22
N SER C 301 -46.38 -2.74 -26.57
CA SER C 301 -47.43 -3.72 -26.40
C SER C 301 -48.43 -3.11 -25.42
N GLY C 302 -49.50 -3.84 -25.13
CA GLY C 302 -50.61 -3.29 -24.40
C GLY C 302 -50.29 -2.99 -22.95
N ILE C 303 -49.22 -3.58 -22.44
CA ILE C 303 -48.71 -3.24 -21.12
C ILE C 303 -48.24 -1.77 -21.12
N GLY C 304 -47.22 -1.46 -21.92
CA GLY C 304 -46.77 -0.08 -22.09
C GLY C 304 -47.88 0.86 -22.51
N ARG C 305 -48.71 0.44 -23.48
CA ARG C 305 -49.83 1.28 -23.98
C ARG C 305 -50.80 1.67 -22.86
N ALA C 306 -51.11 0.72 -21.99
CA ALA C 306 -52.02 0.94 -20.86
C ALA C 306 -51.41 1.87 -19.79
N HIS C 307 -50.11 1.70 -19.50
CA HIS C 307 -49.41 2.62 -18.62
C HIS C 307 -49.53 4.05 -19.18
N ASN C 308 -49.35 4.19 -20.50
CA ASN C 308 -49.40 5.49 -21.17
C ASN C 308 -50.78 6.10 -21.05
N ILE C 309 -51.81 5.28 -21.24
CA ILE C 309 -53.17 5.78 -21.16
C ILE C 309 -53.52 6.32 -19.76
N HIS C 310 -53.13 5.60 -18.71
CA HIS C 310 -53.38 6.07 -17.36
C HIS C 310 -52.65 7.38 -17.03
N LEU C 311 -51.39 7.47 -17.44
CA LEU C 311 -50.65 8.71 -17.25
C LEU C 311 -51.36 9.85 -18.00
N SER C 312 -51.88 9.55 -19.18
CA SER C 312 -52.47 10.60 -20.02
C SER C 312 -53.76 11.17 -19.46
N THR C 313 -54.27 10.59 -18.38
CA THR C 313 -55.47 11.12 -17.75
C THR C 313 -55.23 12.40 -16.94
N LEU C 314 -53.96 12.75 -16.73
CA LEU C 314 -53.65 13.99 -15.97
C LEU C 314 -54.00 15.24 -16.78
N SER C 315 -54.24 16.36 -16.11
CA SER C 315 -54.91 17.51 -16.75
C SER C 315 -54.09 18.34 -17.74
N ASN C 316 -52.76 18.30 -17.65
CA ASN C 316 -51.94 19.05 -18.59
C ASN C 316 -51.59 18.27 -19.87
N PHE C 317 -52.18 17.09 -20.01
CA PHE C 317 -52.13 16.37 -21.28
C PHE C 317 -53.21 16.97 -22.19
N ARG C 318 -52.88 18.13 -22.77
CA ARG C 318 -53.87 18.97 -23.44
C ARG C 318 -53.81 18.85 -24.94
N LEU C 319 -52.87 18.05 -25.42
CA LEU C 319 -52.70 17.83 -26.84
C LEU C 319 -52.78 16.34 -27.08
N PRO C 320 -53.32 15.93 -28.25
CA PRO C 320 -53.47 14.49 -28.50
C PRO C 320 -52.12 13.74 -28.50
N GLY C 321 -52.07 12.58 -27.87
CA GLY C 321 -50.87 11.74 -27.84
C GLY C 321 -50.68 10.72 -28.97
N ASP C 322 -49.56 9.99 -28.92
CA ASP C 322 -49.22 8.99 -29.95
C ASP C 322 -49.77 7.62 -29.57
N THR C 323 -50.81 7.61 -28.74
CA THR C 323 -51.34 6.36 -28.22
C THR C 323 -52.50 5.85 -29.07
N SER C 324 -52.26 5.56 -30.34
CA SER C 324 -53.34 5.07 -31.19
C SER C 324 -53.68 3.60 -30.92
N SER C 325 -54.54 3.04 -31.75
CA SER C 325 -55.11 1.72 -31.50
C SER C 325 -54.07 0.63 -31.61
N ALA C 326 -54.14 -0.31 -30.67
CA ALA C 326 -53.20 -1.42 -30.61
C ALA C 326 -53.29 -2.26 -31.87
N SER C 327 -54.50 -2.38 -32.42
CA SER C 327 -54.73 -3.17 -33.64
C SER C 327 -53.95 -2.63 -34.83
N ARG C 328 -53.44 -1.40 -34.69
CA ARG C 328 -52.64 -0.77 -35.73
C ARG C 328 -51.27 -1.42 -35.82
N TYR C 329 -50.81 -2.01 -34.71
CA TYR C 329 -49.40 -2.43 -34.62
C TYR C 329 -49.23 -3.93 -34.63
N TRP C 330 -50.12 -4.64 -33.96
CA TRP C 330 -50.00 -6.08 -33.73
C TRP C 330 -51.24 -6.82 -34.25
N GLU C 331 -51.01 -7.99 -34.83
CA GLU C 331 -52.10 -8.92 -35.12
C GLU C 331 -52.63 -9.52 -33.83
N ARG C 332 -51.74 -9.66 -32.84
CA ARG C 332 -52.15 -10.05 -31.50
C ARG C 332 -51.24 -9.42 -30.46
N ASP C 333 -51.86 -8.81 -29.44
CA ASP C 333 -51.17 -8.12 -28.36
C ASP C 333 -50.88 -9.12 -27.22
N LEU C 334 -50.01 -8.73 -26.29
CA LEU C 334 -49.62 -9.56 -25.15
C LEU C 334 -50.66 -9.55 -24.01
N ILE C 335 -51.64 -8.68 -24.10
CA ILE C 335 -52.69 -8.62 -23.09
C ILE C 335 -54.01 -9.14 -23.64
N GLN C 336 -54.96 -9.37 -22.75
CA GLN C 336 -56.27 -9.86 -23.13
C GLN C 336 -57.19 -8.75 -23.69
N GLU C 337 -57.11 -7.57 -23.10
CA GLU C 337 -58.03 -6.49 -23.40
C GLU C 337 -57.68 -5.78 -24.69
N PRO C 338 -58.69 -5.35 -25.46
CA PRO C 338 -58.40 -4.46 -26.57
C PRO C 338 -58.15 -3.04 -26.07
N LEU C 339 -57.28 -2.32 -26.76
CA LEU C 339 -57.01 -0.91 -26.49
C LEU C 339 -57.21 -0.19 -27.80
N GLU C 340 -58.46 0.12 -28.09
CA GLU C 340 -58.83 0.65 -29.39
C GLU C 340 -59.45 2.02 -29.20
N ALA C 341 -58.93 2.98 -29.95
CA ALA C 341 -59.49 4.32 -29.97
C ALA C 341 -60.62 4.38 -31.01
N VAL C 342 -61.64 5.19 -30.73
CA VAL C 342 -62.65 5.52 -31.73
C VAL C 342 -62.88 7.03 -31.79
N ASP C 343 -62.79 7.58 -33.00
CA ASP C 343 -62.94 9.02 -33.21
C ASP C 343 -61.86 9.81 -32.46
N GLY C 344 -60.68 9.23 -32.33
CA GLY C 344 -59.56 9.90 -31.69
C GLY C 344 -59.66 9.97 -30.18
N LEU C 345 -60.53 9.16 -29.60
CA LEU C 345 -60.64 9.02 -28.16
C LEU C 345 -60.35 7.60 -27.69
N MET C 346 -59.36 7.46 -26.82
CA MET C 346 -58.99 6.17 -26.25
C MET C 346 -59.57 6.05 -24.83
N PRO C 347 -60.37 5.01 -24.56
CA PRO C 347 -60.91 4.85 -23.22
C PRO C 347 -59.89 4.28 -22.25
N VAL C 348 -60.03 4.64 -20.98
CA VAL C 348 -59.19 4.08 -19.95
C VAL C 348 -59.65 2.65 -19.65
N PRO C 349 -58.74 1.69 -19.79
CA PRO C 349 -59.06 0.30 -19.56
C PRO C 349 -59.39 0.11 -18.09
N GLN C 350 -60.51 -0.55 -17.81
CA GLN C 350 -61.02 -0.62 -16.46
C GLN C 350 -60.31 -1.68 -15.63
N GLY C 351 -60.34 -1.52 -14.30
CA GLY C 351 -59.71 -2.43 -13.36
C GLY C 351 -58.61 -1.76 -12.54
N PRO C 352 -58.04 -2.48 -11.56
CA PRO C 352 -57.01 -1.89 -10.68
C PRO C 352 -55.68 -1.76 -11.42
N GLY C 353 -54.82 -0.84 -10.98
CA GLY C 353 -53.55 -0.57 -11.66
C GLY C 353 -53.77 -0.17 -13.12
N THR C 354 -53.03 -0.79 -14.02
CA THR C 354 -53.16 -0.55 -15.46
C THR C 354 -54.50 -0.97 -16.07
N GLY C 355 -55.23 -1.84 -15.39
CA GLY C 355 -56.50 -2.33 -15.91
C GLY C 355 -56.38 -3.32 -17.06
N VAL C 356 -55.19 -3.85 -17.26
CA VAL C 356 -54.97 -4.82 -18.33
C VAL C 356 -54.25 -6.04 -17.76
N THR C 357 -54.24 -7.13 -18.53
CA THR C 357 -53.86 -8.44 -18.01
C THR C 357 -53.09 -9.20 -19.08
N LEU C 358 -51.87 -9.61 -18.74
CA LEU C 358 -51.07 -10.48 -19.60
C LEU C 358 -51.85 -11.70 -20.09
N ASP C 359 -51.70 -11.98 -21.38
CA ASP C 359 -52.24 -13.20 -21.96
C ASP C 359 -51.09 -14.21 -21.90
N ARG C 360 -50.99 -14.92 -20.79
CA ARG C 360 -49.81 -15.74 -20.50
C ARG C 360 -49.61 -16.87 -21.51
N GLU C 361 -50.69 -17.52 -21.92
CA GLU C 361 -50.60 -18.58 -22.93
C GLU C 361 -49.98 -18.02 -24.22
N PHE C 362 -50.53 -16.91 -24.71
CA PHE C 362 -49.98 -16.32 -25.94
C PHE C 362 -48.56 -15.76 -25.76
N LEU C 363 -48.31 -15.10 -24.64
CA LEU C 363 -46.97 -14.60 -24.33
C LEU C 363 -45.92 -15.71 -24.45
N ALA C 364 -46.23 -16.88 -23.88
CA ALA C 364 -45.31 -18.03 -23.91
C ALA C 364 -44.85 -18.40 -25.32
N THR C 365 -45.76 -18.28 -26.29
CA THR C 365 -45.46 -18.64 -27.68
C THR C 365 -44.52 -17.64 -28.37
N VAL C 366 -44.34 -16.47 -27.77
CA VAL C 366 -43.46 -15.44 -28.33
C VAL C 366 -42.34 -15.02 -27.38
N THR C 367 -42.18 -15.77 -26.29
CA THR C 367 -41.12 -15.51 -25.33
C THR C 367 -39.78 -16.07 -25.87
N GLU C 368 -38.72 -15.27 -25.75
CA GLU C 368 -37.38 -15.72 -26.15
C GLU C 368 -36.40 -15.74 -24.97
N ALA C 369 -36.80 -15.16 -23.84
CA ALA C 369 -36.01 -15.20 -22.61
C ALA C 369 -36.91 -15.05 -21.38
N GLN C 370 -36.53 -15.68 -20.28
CA GLN C 370 -37.34 -15.65 -19.07
C GLN C 370 -36.52 -16.06 -17.85
N GLU C 371 -36.43 -15.16 -16.87
CA GLU C 371 -35.70 -15.41 -15.63
C GLU C 371 -36.57 -15.05 -14.44
N GLU C 372 -36.40 -15.77 -13.35
CA GLU C 372 -36.98 -15.39 -12.06
C GLU C 372 -35.87 -14.96 -11.10
N HIS C 373 -36.16 -13.95 -10.29
CA HIS C 373 -35.22 -13.46 -9.29
C HIS C 373 -35.90 -13.34 -7.94
N ARG C 374 -35.22 -13.81 -6.90
CA ARG C 374 -35.73 -13.74 -5.53
C ARG C 374 -34.67 -13.22 -4.57
N ALA C 375 -35.04 -12.94 -3.33
CA ALA C 375 -34.07 -12.55 -2.31
C ALA C 375 -33.45 -13.77 -1.62
N ARG D 6 12.77 -42.59 26.75
CA ARG D 6 12.19 -41.92 25.53
C ARG D 6 12.02 -40.40 25.65
N MET D 7 11.07 -39.88 24.89
CA MET D 7 10.90 -38.44 24.72
C MET D 7 10.35 -37.73 25.95
N PHE D 8 10.61 -36.44 26.07
CA PHE D 8 10.10 -35.70 27.23
C PHE D 8 9.27 -34.47 26.84
N LYS D 9 8.26 -34.19 27.65
CA LYS D 9 7.38 -33.06 27.42
C LYS D 9 7.58 -31.99 28.48
N ILE D 10 7.92 -30.78 28.05
CA ILE D 10 8.11 -29.69 29.01
C ILE D 10 6.76 -29.07 29.33
N GLU D 11 6.25 -29.37 30.52
CA GLU D 11 4.91 -28.94 30.94
C GLU D 11 4.88 -27.55 31.60
N ALA D 12 5.88 -27.23 32.41
CA ALA D 12 5.91 -25.92 33.03
C ALA D 12 7.32 -25.38 33.21
N ALA D 13 7.42 -24.09 33.47
CA ALA D 13 8.69 -23.45 33.72
C ALA D 13 8.54 -22.36 34.78
N GLU D 14 9.44 -22.36 35.76
CA GLU D 14 9.46 -21.34 36.79
C GLU D 14 10.70 -20.51 36.61
N ILE D 15 10.54 -19.19 36.64
CA ILE D 15 11.66 -18.28 36.76
C ILE D 15 11.71 -17.77 38.20
N VAL D 16 12.82 -18.03 38.87
CA VAL D 16 12.95 -17.64 40.27
C VAL D 16 14.22 -16.83 40.43
N VAL D 17 14.10 -15.61 40.92
CA VAL D 17 15.25 -14.74 41.04
C VAL D 17 15.61 -14.58 42.50
N ALA D 18 16.84 -14.97 42.84
CA ALA D 18 17.30 -14.89 44.22
C ALA D 18 18.45 -13.90 44.39
N ARG D 19 18.67 -13.47 45.63
CA ARG D 19 19.81 -12.62 45.95
C ARG D 19 20.57 -13.23 47.13
N LEU D 20 21.87 -13.48 46.93
CA LEU D 20 22.74 -14.03 47.95
C LEU D 20 23.84 -13.05 48.31
N PRO D 21 24.09 -12.85 49.62
CA PRO D 21 25.24 -12.01 50.04
C PRO D 21 26.55 -12.72 49.74
N LEU D 22 27.58 -11.98 49.34
CA LEU D 22 28.88 -12.58 49.04
C LEU D 22 29.73 -12.63 50.31
N LYS D 23 30.92 -13.24 50.21
CA LYS D 23 31.79 -13.42 51.38
C LYS D 23 33.12 -12.69 51.23
N PHE D 24 33.48 -12.38 49.99
CA PHE D 24 34.70 -11.60 49.72
C PHE D 24 34.43 -10.47 48.73
N ARG D 25 35.34 -9.50 48.68
CA ARG D 25 35.28 -8.40 47.72
C ARG D 25 36.00 -8.81 46.41
N PHE D 26 35.54 -8.27 45.28
CA PHE D 26 35.88 -8.83 43.96
C PHE D 26 35.25 -7.89 42.92
N GLU D 27 35.86 -6.76 42.49
CA GLU D 27 37.29 -6.41 42.39
C GLU D 27 38.04 -7.20 41.29
N THR D 28 37.60 -6.93 40.06
CA THR D 28 38.00 -7.72 38.91
C THR D 28 38.64 -6.86 37.81
N SER D 29 38.37 -5.56 37.84
CA SER D 29 38.92 -4.62 36.84
C SER D 29 37.84 -4.07 35.90
N PHE D 30 36.71 -4.78 35.82
CA PHE D 30 35.52 -4.24 35.18
C PHE D 30 34.49 -3.78 36.23
N GLY D 31 34.93 -3.79 37.48
CA GLY D 31 34.08 -3.40 38.61
C GLY D 31 34.38 -4.17 39.90
N VAL D 32 33.65 -3.85 40.95
CA VAL D 32 33.76 -4.55 42.22
C VAL D 32 32.40 -5.13 42.61
N GLN D 33 32.36 -6.44 42.83
CA GLN D 33 31.13 -7.14 43.20
C GLN D 33 31.14 -7.60 44.65
N THR D 34 30.06 -7.27 45.37
CA THR D 34 29.89 -7.70 46.76
C THR D 34 28.72 -8.67 46.92
N HIS D 35 27.66 -8.51 46.12
CA HIS D 35 26.50 -9.41 46.18
C HIS D 35 26.32 -10.15 44.86
N LYS D 36 25.37 -11.09 44.85
CA LYS D 36 25.09 -11.92 43.68
C LYS D 36 23.59 -12.18 43.48
N VAL D 37 23.08 -11.79 42.32
CA VAL D 37 21.72 -12.12 41.92
C VAL D 37 21.77 -13.43 41.16
N VAL D 38 20.89 -14.35 41.53
CA VAL D 38 20.84 -15.66 40.90
C VAL D 38 19.49 -15.87 40.21
N PRO D 39 19.45 -15.72 38.86
CA PRO D 39 18.25 -16.08 38.13
C PRO D 39 18.24 -17.60 37.86
N LEU D 40 17.21 -18.26 38.34
CA LEU D 40 17.05 -19.70 38.18
C LEU D 40 15.93 -19.98 37.19
N LEU D 41 16.14 -20.98 36.35
CA LEU D 41 15.06 -21.51 35.52
C LEU D 41 14.85 -22.97 35.89
N ILE D 42 13.60 -23.29 36.23
CA ILE D 42 13.20 -24.66 36.54
C ILE D 42 12.20 -25.13 35.50
N LEU D 43 12.54 -26.23 34.81
CA LEU D 43 11.66 -26.85 33.83
C LEU D 43 11.10 -28.14 34.41
N HIS D 44 9.80 -28.37 34.19
CA HIS D 44 9.05 -29.51 34.73
C HIS D 44 8.60 -30.43 33.60
N GLY D 45 8.72 -31.73 33.80
CA GLY D 45 8.30 -32.66 32.77
C GLY D 45 8.55 -34.09 33.20
N GLU D 46 7.62 -34.98 32.85
CA GLU D 46 7.80 -36.40 33.04
C GLU D 46 8.07 -36.74 34.50
N GLY D 47 7.49 -35.95 35.40
CA GLY D 47 7.64 -36.20 36.82
C GLY D 47 8.95 -35.75 37.43
N VAL D 48 9.82 -35.10 36.65
CA VAL D 48 11.08 -34.58 37.19
C VAL D 48 11.24 -33.08 36.92
N GLN D 49 12.34 -32.51 37.39
CA GLN D 49 12.64 -31.14 37.00
C GLN D 49 14.10 -30.94 36.64
N GLY D 50 14.34 -29.98 35.74
CA GLY D 50 15.68 -29.48 35.49
C GLY D 50 15.78 -28.06 35.99
N VAL D 51 16.92 -27.75 36.62
CA VAL D 51 17.20 -26.41 37.09
C VAL D 51 18.48 -25.91 36.44
N ALA D 52 18.45 -24.67 35.93
CA ALA D 52 19.69 -23.99 35.55
C ALA D 52 19.75 -22.58 36.12
N GLU D 53 20.95 -22.03 36.11
CA GLU D 53 21.23 -20.72 36.66
C GLU D 53 21.82 -19.79 35.60
N GLY D 54 21.23 -18.61 35.46
CA GLY D 54 21.75 -17.57 34.60
C GLY D 54 23.03 -16.93 35.11
N THR D 55 23.96 -16.65 34.20
CA THR D 55 25.21 -15.98 34.57
C THR D 55 25.27 -14.53 34.11
N MET D 56 24.19 -14.03 33.52
CA MET D 56 24.16 -12.64 33.08
C MET D 56 24.01 -11.74 34.30
N GLU D 57 24.52 -10.52 34.20
CA GLU D 57 24.54 -9.57 35.32
C GLU D 57 23.40 -8.59 35.21
N ALA D 58 23.16 -7.85 36.28
CA ALA D 58 22.17 -6.76 36.23
C ALA D 58 22.56 -5.76 35.13
N ARG D 59 23.85 -5.44 35.05
CA ARG D 59 24.37 -4.51 34.06
C ARG D 59 25.48 -5.23 33.29
N PRO D 60 25.66 -4.88 32.01
CA PRO D 60 26.64 -5.55 31.09
C PRO D 60 28.07 -5.13 31.35
N MET D 61 28.72 -5.81 32.30
CA MET D 61 30.06 -5.44 32.76
C MET D 61 31.09 -6.50 32.34
N TYR D 62 30.76 -7.78 32.52
CA TYR D 62 31.61 -8.86 32.04
C TYR D 62 31.41 -9.08 30.52
N ARG D 63 30.16 -9.03 30.08
CA ARG D 63 29.82 -9.16 28.67
C ARG D 63 28.47 -8.47 28.39
N GLU D 64 27.81 -8.79 27.28
CA GLU D 64 26.74 -7.94 26.76
C GLU D 64 25.34 -8.18 27.34
N GLU D 65 25.10 -9.35 27.94
CA GLU D 65 23.74 -9.66 28.38
C GLU D 65 23.38 -9.08 29.75
N THR D 66 22.08 -8.89 29.98
CA THR D 66 21.57 -8.45 31.28
C THR D 66 20.44 -9.34 31.71
N ILE D 67 20.20 -9.41 33.01
CA ILE D 67 19.08 -10.16 33.55
C ILE D 67 17.77 -9.66 32.96
N CYS D 68 17.57 -8.35 32.98
CA CYS D 68 16.35 -7.77 32.41
C CYS D 68 16.12 -8.25 30.99
N GLY D 69 17.13 -8.11 30.14
CA GLY D 69 16.99 -8.49 28.75
C GLY D 69 16.81 -9.99 28.57
N ALA D 70 17.52 -10.79 29.37
CA ALA D 70 17.44 -12.25 29.29
C ALA D 70 16.08 -12.79 29.71
N LEU D 71 15.50 -12.21 30.76
CA LEU D 71 14.17 -12.62 31.24
C LEU D 71 13.05 -12.31 30.25
N CYS D 72 13.14 -11.13 29.61
CA CYS D 72 12.24 -10.79 28.51
C CYS D 72 12.29 -11.79 27.37
N LEU D 73 13.51 -12.15 26.99
CA LEU D 73 13.70 -13.12 25.93
C LEU D 73 13.10 -14.47 26.37
N LEU D 74 13.34 -14.86 27.62
CA LEU D 74 12.76 -16.07 28.19
C LEU D 74 11.22 -16.09 28.18
N ARG D 75 10.61 -15.10 28.81
CA ARG D 75 9.15 -15.14 28.90
C ARG D 75 8.45 -14.83 27.57
N GLY D 76 9.03 -13.95 26.76
CA GLY D 76 8.41 -13.60 25.48
C GLY D 76 8.63 -14.56 24.32
N THR D 77 9.76 -15.24 24.32
CA THR D 77 10.19 -15.97 23.11
C THR D 77 10.58 -17.41 23.40
N PHE D 78 11.62 -17.62 24.22
CA PHE D 78 12.11 -19.00 24.43
C PHE D 78 11.09 -19.94 25.08
N LEU D 79 10.49 -19.50 26.18
CA LEU D 79 9.53 -20.35 26.90
C LEU D 79 8.26 -20.69 26.09
N PRO D 80 7.63 -19.70 25.44
CA PRO D 80 6.56 -20.01 24.50
C PRO D 80 6.91 -21.03 23.40
N ALA D 81 8.15 -21.05 22.95
CA ALA D 81 8.58 -22.00 21.93
C ALA D 81 8.71 -23.45 22.44
N ILE D 82 8.76 -23.64 23.75
CA ILE D 82 9.05 -24.98 24.28
C ILE D 82 7.94 -25.59 25.12
N LEU D 83 7.12 -24.73 25.71
CA LEU D 83 6.07 -25.17 26.61
C LEU D 83 4.99 -25.99 25.91
N GLY D 84 4.70 -27.16 26.47
CA GLY D 84 3.73 -28.07 25.86
C GLY D 84 4.32 -28.91 24.75
N GLN D 85 5.55 -28.61 24.33
CA GLN D 85 6.21 -29.39 23.27
C GLN D 85 6.92 -30.63 23.81
N THR D 86 7.09 -31.62 22.94
CA THR D 86 7.76 -32.88 23.27
C THR D 86 9.07 -32.96 22.48
N PHE D 87 10.15 -33.38 23.16
CA PHE D 87 11.48 -33.36 22.58
C PHE D 87 12.19 -34.68 22.81
N ALA D 88 13.06 -35.06 21.87
CA ALA D 88 13.84 -36.30 21.99
C ALA D 88 15.09 -36.17 22.88
N ASN D 89 15.66 -34.97 22.91
CA ASN D 89 16.89 -34.71 23.64
C ASN D 89 17.05 -33.20 23.80
N PRO D 90 18.01 -32.75 24.62
CA PRO D 90 18.32 -31.31 24.78
C PRO D 90 18.71 -30.59 23.49
N GLU D 91 19.34 -31.30 22.55
CA GLU D 91 19.64 -30.72 21.23
C GLU D 91 18.35 -30.31 20.48
N ALA D 92 17.30 -31.12 20.57
CA ALA D 92 16.02 -30.75 19.96
C ALA D 92 15.41 -29.52 20.64
N VAL D 93 15.58 -29.42 21.95
CA VAL D 93 15.15 -28.21 22.66
C VAL D 93 15.88 -26.97 22.13
N SER D 94 17.20 -27.04 22.05
CA SER D 94 17.99 -25.93 21.49
C SER D 94 17.55 -25.57 20.08
N ASP D 95 17.36 -26.59 19.25
CA ASP D 95 16.93 -26.42 17.88
C ASP D 95 15.60 -25.66 17.80
N ALA D 96 14.69 -25.90 18.74
CA ALA D 96 13.37 -25.29 18.72
C ALA D 96 13.34 -23.81 19.10
N LEU D 97 14.47 -23.26 19.53
CA LEU D 97 14.52 -21.85 19.93
C LEU D 97 14.79 -20.87 18.78
N GLY D 98 14.66 -21.34 17.54
CA GLY D 98 14.81 -20.45 16.39
C GLY D 98 16.22 -19.98 16.09
N SER D 99 16.34 -19.05 15.15
CA SER D 99 17.63 -18.56 14.72
C SER D 99 17.99 -17.20 15.32
N TYR D 100 17.29 -16.81 16.39
CA TYR D 100 17.63 -15.60 17.14
C TYR D 100 19.12 -15.46 17.35
N ARG D 101 19.61 -14.22 17.31
CA ARG D 101 21.04 -13.94 17.33
C ARG D 101 21.58 -13.60 18.73
N GLY D 102 22.77 -14.07 19.04
CA GLY D 102 23.43 -13.80 20.31
C GLY D 102 22.69 -14.35 21.51
N ASN D 103 22.65 -13.56 22.58
CA ASN D 103 21.99 -13.96 23.82
C ASN D 103 22.29 -15.43 24.18
N ARG D 104 23.57 -15.77 24.23
CA ARG D 104 23.99 -17.12 24.58
C ARG D 104 23.58 -17.52 26.00
N MET D 105 23.90 -16.68 26.97
CA MET D 105 23.54 -16.96 28.36
C MET D 105 22.06 -17.18 28.59
N ALA D 106 21.22 -16.38 27.92
CA ALA D 106 19.77 -16.59 27.94
C ALA D 106 19.39 -17.98 27.42
N ARG D 107 19.97 -18.38 26.29
CA ARG D 107 19.72 -19.69 25.69
C ARG D 107 20.22 -20.79 26.59
N ALA D 108 21.34 -20.53 27.28
CA ALA D 108 21.95 -21.51 28.16
C ALA D 108 21.04 -21.90 29.31
N MET D 109 20.28 -20.95 29.83
CA MET D 109 19.34 -21.22 30.93
C MET D 109 18.36 -22.31 30.56
N VAL D 110 17.85 -22.22 29.33
CA VAL D 110 16.87 -23.18 28.82
C VAL D 110 17.58 -24.49 28.49
N GLU D 111 18.71 -24.40 27.77
CA GLU D 111 19.43 -25.58 27.30
C GLU D 111 19.96 -26.42 28.48
N MET D 112 20.59 -25.75 29.44
CA MET D 112 21.16 -26.43 30.60
C MET D 112 20.08 -27.02 31.51
N ALA D 113 18.98 -26.29 31.72
CA ALA D 113 17.83 -26.88 32.44
C ALA D 113 17.29 -28.13 31.74
N ALA D 114 17.25 -28.08 30.41
CA ALA D 114 16.80 -29.21 29.60
C ALA D 114 17.70 -30.43 29.74
N TRP D 115 19.03 -30.21 29.74
CA TRP D 115 19.99 -31.31 30.01
C TRP D 115 19.75 -31.98 31.38
N ASP D 116 19.42 -31.18 32.39
CA ASP D 116 19.21 -31.65 33.76
C ASP D 116 17.92 -32.46 33.83
N LEU D 117 16.87 -31.93 33.22
CA LEU D 117 15.60 -32.62 33.08
C LEU D 117 15.79 -33.93 32.38
N TRP D 118 16.37 -33.88 31.19
CA TRP D 118 16.56 -35.07 30.39
C TRP D 118 17.35 -36.15 31.13
N ALA D 119 18.44 -35.74 31.79
CA ALA D 119 19.28 -36.68 32.52
C ALA D 119 18.49 -37.28 33.68
N ARG D 120 17.63 -36.48 34.28
CA ARG D 120 16.84 -36.99 35.40
C ARG D 120 15.75 -37.95 34.96
N THR D 121 15.25 -37.80 33.73
CA THR D 121 14.29 -38.77 33.18
C THR D 121 14.93 -40.14 32.94
N LEU D 122 16.24 -40.16 32.70
CA LEU D 122 17.00 -41.39 32.47
C LEU D 122 17.60 -41.95 33.78
N GLY D 123 17.66 -41.11 34.81
CA GLY D 123 18.30 -41.50 36.08
C GLY D 123 19.80 -41.53 36.03
N VAL D 124 20.39 -40.74 35.12
CA VAL D 124 21.83 -40.79 34.84
C VAL D 124 22.47 -39.45 35.20
N PRO D 125 23.71 -39.47 35.74
CA PRO D 125 24.39 -38.20 36.00
C PRO D 125 24.64 -37.42 34.70
N LEU D 126 24.68 -36.11 34.81
CA LEU D 126 24.80 -35.23 33.65
C LEU D 126 26.13 -35.40 32.92
N GLY D 127 27.25 -35.29 33.65
CA GLY D 127 28.57 -35.50 33.08
C GLY D 127 28.65 -36.78 32.26
N THR D 128 28.02 -37.83 32.77
CA THR D 128 28.06 -39.14 32.12
C THR D 128 27.52 -39.11 30.69
N LEU D 129 26.40 -38.39 30.51
CA LEU D 129 25.73 -38.27 29.21
C LEU D 129 26.50 -37.37 28.24
N LEU D 130 27.35 -36.51 28.81
CA LEU D 130 28.19 -35.63 28.02
C LEU D 130 29.49 -36.32 27.58
N GLY D 131 29.79 -37.47 28.18
CA GLY D 131 30.95 -38.29 27.82
C GLY D 131 32.10 -38.32 28.82
N GLY D 132 31.93 -37.63 29.95
CA GLY D 132 32.98 -37.56 30.96
C GLY D 132 32.97 -38.81 31.82
N HIS D 133 34.14 -39.21 32.29
CA HIS D 133 34.23 -40.29 33.28
C HIS D 133 35.25 -39.97 34.38
N LYS D 134 35.60 -38.70 34.56
CA LYS D 134 36.37 -38.27 35.74
C LYS D 134 35.46 -38.24 36.96
N GLU D 135 35.99 -38.64 38.11
CA GLU D 135 35.16 -38.75 39.33
C GLU D 135 35.43 -37.57 40.27
N GLN D 136 36.52 -36.88 40.01
CA GLN D 136 36.82 -35.62 40.67
C GLN D 136 37.58 -34.70 39.70
N VAL D 137 37.50 -33.40 39.95
CA VAL D 137 38.04 -32.43 39.03
C VAL D 137 39.04 -31.51 39.74
N GLU D 138 40.14 -31.19 39.07
CA GLU D 138 41.15 -30.32 39.66
C GLU D 138 40.69 -28.89 39.57
N VAL D 139 40.87 -28.15 40.66
CA VAL D 139 40.39 -26.78 40.72
C VAL D 139 41.47 -25.84 41.23
N GLY D 140 41.42 -24.60 40.79
CA GLY D 140 42.32 -23.61 41.27
C GLY D 140 41.49 -22.55 41.96
N VAL D 141 42.11 -21.39 42.17
CA VAL D 141 41.41 -20.32 42.81
C VAL D 141 41.77 -19.03 42.10
N SER D 142 40.75 -18.19 41.94
CA SER D 142 40.88 -16.91 41.28
C SER D 142 40.80 -15.82 42.33
N LEU D 143 41.89 -15.05 42.47
CA LEU D 143 41.94 -14.02 43.49
C LEU D 143 41.76 -12.62 42.89
N GLY D 144 40.68 -11.95 43.28
CA GLY D 144 40.39 -10.56 42.91
C GLY D 144 41.54 -9.60 43.17
N ILE D 145 41.37 -8.34 42.75
CA ILE D 145 42.45 -7.36 42.75
C ILE D 145 43.02 -7.01 44.15
N GLN D 146 44.32 -6.74 44.16
CA GLN D 146 45.21 -6.89 45.32
C GLN D 146 45.55 -5.61 46.10
N ALA D 147 46.79 -5.51 46.61
CA ALA D 147 47.21 -4.37 47.45
C ALA D 147 48.72 -4.12 47.62
N ASP D 148 49.54 -5.18 47.68
CA ASP D 148 51.00 -5.02 47.54
C ASP D 148 51.80 -6.33 47.50
N GLU D 149 53.08 -6.21 47.14
CA GLU D 149 53.95 -7.36 46.86
C GLU D 149 53.99 -8.49 47.91
N GLN D 150 54.43 -8.19 49.13
CA GLN D 150 54.43 -9.19 50.20
C GLN D 150 53.03 -9.44 50.74
N ALA D 151 52.36 -8.35 51.12
CA ALA D 151 51.08 -8.42 51.80
C ALA D 151 49.90 -8.72 50.85
N THR D 152 50.19 -9.39 49.74
CA THR D 152 49.13 -9.99 48.91
C THR D 152 49.46 -11.45 48.59
N VAL D 153 50.69 -11.86 48.91
CA VAL D 153 51.00 -13.27 49.03
C VAL D 153 50.19 -13.82 50.21
N ASP D 154 49.61 -12.90 50.98
CA ASP D 154 48.82 -13.28 52.15
C ASP D 154 47.60 -14.08 51.73
N LEU D 155 46.87 -13.57 50.74
CA LEU D 155 45.71 -14.28 50.22
C LEU D 155 46.19 -15.51 49.44
N VAL D 156 47.37 -15.41 48.82
CA VAL D 156 47.92 -16.51 48.03
C VAL D 156 48.42 -17.66 48.90
N ARG D 157 49.27 -17.34 49.88
CA ARG D 157 49.76 -18.34 50.83
C ARG D 157 48.60 -19.11 51.42
N ARG D 158 47.57 -18.37 51.83
CA ARG D 158 46.33 -18.95 52.32
C ARG D 158 45.84 -20.12 51.43
N HIS D 159 45.74 -19.85 50.13
CA HIS D 159 45.16 -20.82 49.21
C HIS D 159 46.10 -21.94 48.82
N VAL D 160 47.39 -21.64 48.78
CA VAL D 160 48.40 -22.66 48.48
C VAL D 160 48.41 -23.72 49.60
N GLU D 161 48.16 -23.28 50.83
CA GLU D 161 48.09 -24.19 51.96
C GLU D 161 46.79 -25.00 51.97
N GLN D 162 45.82 -24.58 51.18
CA GLN D 162 44.60 -25.38 50.99
C GLN D 162 44.75 -26.41 49.88
N GLY D 163 45.87 -26.36 49.16
CA GLY D 163 46.11 -27.31 48.08
C GLY D 163 45.50 -26.94 46.73
N TYR D 164 45.08 -25.70 46.55
CA TYR D 164 44.56 -25.30 45.23
C TYR D 164 45.62 -25.52 44.14
N ARG D 165 45.21 -26.07 43.02
CA ARG D 165 46.17 -26.54 42.01
C ARG D 165 46.62 -25.50 40.99
N ARG D 166 45.97 -24.34 41.00
CA ARG D 166 46.41 -23.19 40.24
C ARG D 166 46.03 -21.92 41.02
N ILE D 167 46.92 -20.93 41.02
CA ILE D 167 46.60 -19.62 41.57
C ILE D 167 46.49 -18.58 40.44
N LYS D 168 45.37 -17.88 40.40
CA LYS D 168 45.14 -16.89 39.37
C LYS D 168 44.95 -15.53 40.01
N LEU D 169 45.83 -14.61 39.63
CA LEU D 169 45.81 -13.23 40.13
C LEU D 169 45.21 -12.29 39.09
N LYS D 170 44.24 -11.48 39.52
CA LYS D 170 43.70 -10.43 38.66
C LYS D 170 44.75 -9.35 38.44
N ILE D 171 44.60 -8.62 37.33
CA ILE D 171 45.45 -7.47 37.03
C ILE D 171 44.64 -6.44 36.23
N LYS D 172 45.20 -5.24 36.17
CA LYS D 172 44.73 -4.19 35.27
C LYS D 172 45.94 -3.29 35.03
N PRO D 173 45.91 -2.51 33.93
CA PRO D 173 46.91 -1.46 33.73
C PRO D 173 47.20 -0.71 35.04
N GLY D 174 48.42 -0.85 35.55
CA GLY D 174 48.78 -0.33 36.86
C GLY D 174 49.48 -1.39 37.70
N TRP D 175 48.74 -2.41 38.10
CA TRP D 175 49.29 -3.51 38.93
C TRP D 175 49.52 -4.77 38.09
N ASP D 176 50.78 -5.06 37.80
CA ASP D 176 51.12 -6.02 36.75
C ASP D 176 52.22 -6.99 37.14
N VAL D 177 53.46 -6.54 36.96
CA VAL D 177 54.62 -7.42 36.98
C VAL D 177 55.09 -7.85 38.37
N GLN D 178 55.03 -6.94 39.34
CA GLN D 178 55.61 -7.19 40.66
C GLN D 178 54.88 -8.30 41.45
N PRO D 179 53.54 -8.21 41.54
CA PRO D 179 52.73 -9.27 42.16
C PRO D 179 53.16 -10.65 41.68
N VAL D 180 53.44 -10.77 40.39
CA VAL D 180 53.83 -12.04 39.80
C VAL D 180 55.25 -12.45 40.23
N ARG D 181 56.17 -11.49 40.31
CA ARG D 181 57.49 -11.77 40.89
C ARG D 181 57.39 -11.95 42.41
N ALA D 182 56.62 -11.09 43.05
CA ALA D 182 56.38 -11.13 44.50
C ALA D 182 55.56 -12.34 44.95
N THR D 183 55.04 -13.10 43.99
CA THR D 183 54.38 -14.36 44.26
C THR D 183 55.28 -15.49 43.79
N ARG D 184 55.91 -15.32 42.62
CA ARG D 184 56.76 -16.39 42.09
C ARG D 184 58.08 -16.55 42.84
N GLU D 185 58.50 -15.52 43.57
CA GLU D 185 59.64 -15.66 44.46
C GLU D 185 59.18 -16.02 45.85
N ALA D 186 58.07 -15.40 46.30
CA ALA D 186 57.41 -15.80 47.54
C ALA D 186 56.84 -17.23 47.47
N PHE D 187 56.43 -17.65 46.26
CA PHE D 187 56.01 -19.02 45.99
C PHE D 187 56.59 -19.53 44.67
N PRO D 188 57.88 -19.87 44.69
CA PRO D 188 58.65 -20.21 43.49
C PRO D 188 58.10 -21.31 42.57
N ASP D 189 57.24 -22.20 43.08
CA ASP D 189 56.90 -23.41 42.30
C ASP D 189 55.44 -23.64 41.87
N ILE D 190 54.53 -22.81 42.34
CA ILE D 190 53.11 -23.00 42.05
C ILE D 190 52.74 -22.81 40.56
N ARG D 191 51.71 -23.52 40.11
CA ARG D 191 51.02 -23.14 38.88
C ARG D 191 50.40 -21.78 39.11
N LEU D 192 50.82 -20.80 38.32
CA LEU D 192 50.41 -19.42 38.51
C LEU D 192 49.98 -18.82 37.18
N THR D 193 48.87 -18.09 37.20
CA THR D 193 48.34 -17.44 36.00
C THR D 193 47.87 -16.03 36.34
N VAL D 194 47.62 -15.21 35.33
CA VAL D 194 47.01 -13.87 35.51
C VAL D 194 45.75 -13.72 34.64
N ASP D 195 44.90 -12.76 35.00
CA ASP D 195 43.69 -12.40 34.24
C ASP D 195 43.82 -10.97 33.68
N ALA D 196 42.71 -10.23 33.65
CA ALA D 196 42.67 -8.84 33.12
C ALA D 196 41.30 -8.53 32.56
N ASN D 197 40.49 -9.59 32.41
CA ASN D 197 39.16 -9.50 31.81
C ASN D 197 39.12 -8.50 30.68
N SER D 198 40.14 -8.59 29.81
CA SER D 198 40.28 -7.79 28.60
C SER D 198 40.44 -6.29 28.83
N ALA D 199 41.59 -5.89 29.39
CA ALA D 199 41.78 -4.52 29.82
C ALA D 199 43.07 -3.88 29.29
N TYR D 200 43.75 -4.54 28.36
CA TYR D 200 44.93 -3.96 27.73
C TYR D 200 44.67 -3.74 26.25
N THR D 201 45.65 -3.11 25.60
CA THR D 201 45.69 -3.00 24.14
C THR D 201 47.12 -3.35 23.72
N LEU D 202 47.37 -3.44 22.41
CA LEU D 202 48.69 -3.82 21.89
C LEU D 202 49.80 -2.85 22.30
N ALA D 203 49.42 -1.62 22.67
CA ALA D 203 50.37 -0.64 23.15
C ALA D 203 51.11 -1.18 24.37
N ASP D 204 50.41 -2.02 25.15
CA ASP D 204 50.93 -2.54 26.42
C ASP D 204 51.70 -3.87 26.27
N ALA D 205 51.99 -4.28 25.04
CA ALA D 205 52.63 -5.57 24.78
C ALA D 205 54.04 -5.69 25.36
N GLY D 206 54.66 -4.56 25.64
CA GLY D 206 56.00 -4.55 26.22
C GLY D 206 55.93 -4.68 27.72
N ARG D 207 55.05 -3.87 28.33
CA ARG D 207 54.75 -3.92 29.76
C ARG D 207 54.25 -5.31 30.14
N LEU D 208 54.20 -6.20 29.15
CA LEU D 208 53.46 -7.44 29.27
C LEU D 208 54.36 -8.62 28.97
N ARG D 209 55.38 -8.39 28.13
CA ARG D 209 56.27 -9.46 27.72
C ARG D 209 57.09 -10.04 28.88
N GLN D 210 57.46 -9.21 29.86
CA GLN D 210 58.19 -9.81 30.96
C GLN D 210 57.35 -10.17 32.18
N LEU D 211 56.19 -10.76 31.89
CA LEU D 211 55.53 -11.69 32.77
C LEU D 211 56.12 -13.04 32.38
N ASP D 212 56.89 -13.05 31.30
CA ASP D 212 57.33 -14.28 30.64
C ASP D 212 58.29 -15.13 31.46
N GLU D 213 59.20 -14.47 32.17
CA GLU D 213 60.21 -15.17 32.92
C GLU D 213 59.57 -15.98 34.05
N TYR D 214 58.43 -15.48 34.53
CA TYR D 214 57.72 -16.05 35.66
C TYR D 214 56.98 -17.35 35.38
N ASP D 215 57.30 -17.99 34.26
CA ASP D 215 56.62 -19.22 33.82
C ASP D 215 55.14 -19.33 34.25
N LEU D 216 54.34 -18.33 33.88
CA LEU D 216 52.88 -18.44 34.01
C LEU D 216 52.33 -19.44 32.99
N THR D 217 51.33 -20.22 33.41
CA THR D 217 50.66 -21.14 32.50
C THR D 217 50.01 -20.35 31.34
N TYR D 218 49.48 -19.17 31.65
CA TYR D 218 48.86 -18.36 30.61
C TYR D 218 48.55 -16.98 31.13
N ILE D 219 48.26 -16.09 30.20
CA ILE D 219 47.71 -14.79 30.51
C ILE D 219 46.32 -14.81 29.92
N GLU D 220 45.32 -14.55 30.74
CA GLU D 220 43.93 -14.60 30.31
C GLU D 220 43.39 -13.28 29.77
N GLN D 221 42.83 -13.33 28.56
CA GLN D 221 42.13 -12.19 27.94
C GLN D 221 42.81 -10.88 28.25
N PRO D 222 44.03 -10.69 27.74
CA PRO D 222 44.71 -9.41 27.92
C PRO D 222 44.04 -8.25 27.15
N LEU D 223 43.59 -8.51 25.91
CA LEU D 223 43.09 -7.42 25.07
C LEU D 223 41.56 -7.40 25.04
N ALA D 224 40.98 -6.63 24.12
CA ALA D 224 39.53 -6.36 24.11
C ALA D 224 38.69 -7.63 24.22
N TRP D 225 37.55 -7.52 24.93
CA TRP D 225 36.72 -8.69 25.22
C TRP D 225 36.22 -9.42 24.00
N ASP D 226 36.02 -8.71 22.90
CA ASP D 226 35.47 -9.33 21.67
C ASP D 226 36.52 -9.59 20.58
N ASP D 227 37.79 -9.47 20.94
CA ASP D 227 38.83 -9.53 19.93
C ASP D 227 39.49 -10.88 19.83
N LEU D 228 39.84 -11.25 18.60
CA LEU D 228 40.68 -12.42 18.33
C LEU D 228 41.95 -11.99 17.58
N VAL D 229 41.83 -11.02 16.66
CA VAL D 229 42.95 -10.62 15.78
C VAL D 229 44.15 -9.98 16.47
N ASP D 230 43.89 -9.05 17.40
CA ASP D 230 44.95 -8.40 18.15
C ASP D 230 45.61 -9.39 19.09
N HIS D 231 44.82 -10.33 19.64
CA HIS D 231 45.40 -11.38 20.49
C HIS D 231 46.41 -12.22 19.73
N ALA D 232 46.10 -12.58 18.49
CA ALA D 232 47.00 -13.34 17.60
C ALA D 232 48.33 -12.60 17.38
N GLU D 233 48.26 -11.30 17.14
CA GLU D 233 49.46 -10.48 17.06
C GLU D 233 50.23 -10.47 18.40
N LEU D 234 49.53 -10.22 19.50
CA LEU D 234 50.18 -10.21 20.80
C LEU D 234 50.88 -11.54 21.10
N ALA D 235 50.19 -12.65 20.83
CA ALA D 235 50.76 -13.98 21.07
C ALA D 235 52.11 -14.17 20.39
N ARG D 236 52.30 -13.49 19.25
CA ARG D 236 53.54 -13.59 18.48
C ARG D 236 54.67 -12.80 19.12
N ARG D 237 54.33 -11.93 20.06
CA ARG D 237 55.32 -11.04 20.64
C ARG D 237 55.77 -11.46 22.04
N ILE D 238 55.04 -12.41 22.62
CA ILE D 238 55.38 -12.90 23.95
C ILE D 238 55.38 -14.42 23.97
N ARG D 239 56.07 -14.99 24.96
CA ARG D 239 56.25 -16.44 25.04
C ARG D 239 55.24 -17.12 25.99
N THR D 240 54.67 -16.37 26.93
CA THR D 240 53.57 -16.90 27.73
C THR D 240 52.31 -17.13 26.87
N PRO D 241 51.74 -18.33 26.94
CA PRO D 241 50.47 -18.60 26.26
C PRO D 241 49.36 -17.63 26.66
N LEU D 242 48.52 -17.27 25.70
CA LEU D 242 47.35 -16.44 25.97
C LEU D 242 46.17 -17.38 26.15
N CYS D 243 45.27 -17.01 27.05
CA CYS D 243 44.04 -17.73 27.28
C CYS D 243 42.86 -16.86 26.94
N LEU D 244 41.95 -17.37 26.11
CA LEU D 244 40.78 -16.60 25.75
C LEU D 244 39.59 -16.97 26.63
N ASP D 245 38.82 -15.95 27.00
CA ASP D 245 37.57 -16.11 27.75
C ASP D 245 36.39 -15.47 26.98
N GLU D 246 36.15 -14.19 27.22
CA GLU D 246 35.03 -13.46 26.63
C GLU D 246 34.95 -13.58 25.09
N SER D 247 36.08 -13.82 24.45
CA SER D 247 36.19 -13.84 22.98
C SER D 247 35.63 -15.10 22.32
N VAL D 248 35.41 -16.14 23.12
CA VAL D 248 34.99 -17.42 22.57
C VAL D 248 33.61 -17.75 23.07
N ALA D 249 32.61 -17.44 22.24
CA ALA D 249 31.23 -17.65 22.63
C ALA D 249 30.57 -18.77 21.83
N SER D 250 31.36 -19.55 21.09
CA SER D 250 30.85 -20.70 20.34
C SER D 250 31.97 -21.60 19.88
N ALA D 251 31.62 -22.78 19.39
CA ALA D 251 32.62 -23.69 18.81
C ALA D 251 33.28 -23.08 17.57
N SER D 252 32.52 -22.39 16.71
CA SER D 252 33.16 -21.75 15.54
C SER D 252 34.09 -20.60 15.93
N ASP D 253 33.76 -19.86 17.01
CA ASP D 253 34.68 -18.85 17.56
C ASP D 253 35.97 -19.52 18.02
N ALA D 254 35.84 -20.68 18.68
CA ALA D 254 37.01 -21.40 19.19
C ALA D 254 37.90 -21.84 18.03
N ARG D 255 37.28 -22.34 16.97
CA ARG D 255 38.00 -22.71 15.74
C ARG D 255 38.75 -21.52 15.18
N LYS D 256 38.06 -20.39 15.05
CA LYS D 256 38.69 -19.21 14.49
C LYS D 256 39.83 -18.69 15.36
N ALA D 257 39.63 -18.69 16.66
CA ALA D 257 40.63 -18.22 17.58
C ALA D 257 41.90 -19.08 17.51
N LEU D 258 41.72 -20.40 17.44
CA LEU D 258 42.87 -21.32 17.46
C LEU D 258 43.60 -21.35 16.11
N ALA D 259 42.85 -21.30 15.00
CA ALA D 259 43.44 -21.25 13.67
C ALA D 259 44.24 -19.96 13.48
N LEU D 260 43.76 -18.87 14.08
CA LEU D 260 44.41 -17.56 13.99
C LEU D 260 45.67 -17.52 14.84
N GLY D 261 45.69 -18.35 15.88
CA GLY D 261 46.74 -18.29 16.88
C GLY D 261 46.49 -17.19 17.92
N ALA D 262 45.21 -16.91 18.21
CA ALA D 262 44.82 -15.89 19.20
C ALA D 262 45.07 -16.33 20.65
N GLY D 263 45.17 -17.64 20.87
CA GLY D 263 45.48 -18.20 22.18
C GLY D 263 45.81 -19.69 22.05
N GLY D 264 46.33 -20.27 23.13
CA GLY D 264 46.69 -21.68 23.16
C GLY D 264 45.85 -22.40 24.21
N VAL D 265 45.06 -21.61 24.93
CA VAL D 265 44.24 -22.13 26.02
C VAL D 265 42.87 -21.48 25.97
N ILE D 266 41.82 -22.24 26.26
CA ILE D 266 40.50 -21.63 26.34
C ILE D 266 39.87 -21.82 27.72
N ASN D 267 39.45 -20.70 28.31
CA ASN D 267 38.58 -20.69 29.48
C ASN D 267 37.16 -20.93 29.00
N LEU D 268 36.65 -22.14 29.22
CA LEU D 268 35.31 -22.51 28.80
C LEU D 268 34.27 -22.24 29.89
N LYS D 269 33.39 -21.28 29.63
CA LYS D 269 32.26 -20.97 30.51
C LYS D 269 30.99 -21.47 29.87
N VAL D 270 30.41 -22.51 30.46
CA VAL D 270 29.29 -23.25 29.86
C VAL D 270 28.15 -22.34 29.35
N ALA D 271 27.75 -21.37 30.16
CA ALA D 271 26.62 -20.51 29.82
C ALA D 271 27.02 -19.45 28.78
N ARG D 272 28.28 -18.99 28.84
CA ARG D 272 28.78 -18.02 27.88
C ARG D 272 28.71 -18.56 26.45
N VAL D 273 28.92 -19.86 26.25
CA VAL D 273 28.87 -20.45 24.91
C VAL D 273 27.48 -21.01 24.54
N GLY D 274 26.52 -20.89 25.44
CA GLY D 274 25.17 -21.35 25.12
C GLY D 274 24.78 -22.71 25.65
N GLY D 275 25.57 -23.29 26.56
CA GLY D 275 25.15 -24.53 27.21
C GLY D 275 26.08 -25.72 27.04
N HIS D 276 25.63 -26.90 27.48
CA HIS D 276 26.49 -28.09 27.54
C HIS D 276 26.89 -28.66 26.21
N ALA D 277 25.93 -28.80 25.30
CA ALA D 277 26.22 -29.40 24.00
C ALA D 277 27.21 -28.52 23.27
N GLU D 278 26.96 -27.21 23.25
CA GLU D 278 27.92 -26.30 22.62
C GLU D 278 29.27 -26.30 23.36
N SER D 279 29.24 -26.48 24.68
CA SER D 279 30.47 -26.62 25.45
C SER D 279 31.27 -27.87 25.09
N ARG D 280 30.57 -29.00 24.94
CA ARG D 280 31.23 -30.22 24.44
C ARG D 280 31.88 -29.94 23.09
N ARG D 281 31.19 -29.19 22.22
CA ARG D 281 31.79 -28.86 20.90
C ARG D 281 33.00 -27.97 21.05
N VAL D 282 32.91 -26.93 21.88
CA VAL D 282 34.08 -26.08 22.12
C VAL D 282 35.26 -26.92 22.64
N HIS D 283 34.95 -27.77 23.63
CA HIS D 283 35.90 -28.67 24.27
C HIS D 283 36.61 -29.55 23.22
N ASP D 284 35.84 -30.14 22.29
CA ASP D 284 36.38 -31.04 21.27
C ASP D 284 37.15 -30.30 20.18
N VAL D 285 36.67 -29.12 19.81
CA VAL D 285 37.41 -28.28 18.86
C VAL D 285 38.79 -27.90 19.41
N ALA D 286 38.81 -27.45 20.66
CA ALA D 286 40.10 -27.15 21.31
C ALA D 286 40.99 -28.40 21.31
N GLN D 287 40.44 -29.53 21.70
CA GLN D 287 41.17 -30.81 21.73
C GLN D 287 41.81 -31.14 20.38
N SER D 288 41.07 -30.92 19.29
CA SER D 288 41.51 -31.22 17.92
C SER D 288 42.69 -30.34 17.49
N PHE D 289 42.86 -29.20 18.16
CA PHE D 289 43.96 -28.28 17.92
C PHE D 289 45.11 -28.50 18.93
N GLY D 290 44.90 -29.40 19.87
CA GLY D 290 45.88 -29.67 20.94
C GLY D 290 45.90 -28.59 22.01
N ALA D 291 44.80 -27.85 22.10
CA ALA D 291 44.63 -26.80 23.08
C ALA D 291 43.79 -27.29 24.27
N PRO D 292 44.27 -27.08 25.50
CA PRO D 292 43.39 -27.53 26.58
C PRO D 292 42.28 -26.51 26.90
N VAL D 293 41.25 -26.97 27.60
CA VAL D 293 40.33 -26.05 28.24
C VAL D 293 40.37 -26.22 29.76
N TRP D 294 39.81 -25.23 30.43
CA TRP D 294 39.61 -25.28 31.86
C TRP D 294 38.30 -24.54 32.13
N CYS D 295 37.69 -24.85 33.27
CA CYS D 295 36.36 -24.39 33.62
C CYS D 295 36.38 -23.03 34.28
N GLY D 296 35.80 -22.04 33.62
CA GLY D 296 35.66 -20.73 34.23
C GLY D 296 34.58 -20.65 35.31
N GLY D 297 34.58 -19.57 36.05
CA GLY D 297 33.59 -19.41 37.10
C GLY D 297 32.93 -18.06 36.97
N MET D 298 31.69 -17.98 37.47
CA MET D 298 30.93 -16.75 37.43
C MET D 298 30.24 -16.55 38.79
N LEU D 299 30.94 -16.88 39.87
CA LEU D 299 30.36 -16.76 41.22
C LEU D 299 29.01 -17.45 41.35
N GLU D 300 28.90 -18.69 40.88
CA GLU D 300 27.62 -19.37 40.85
C GLU D 300 27.16 -19.95 42.18
N SER D 301 25.84 -20.05 42.34
CA SER D 301 25.25 -20.81 43.43
C SER D 301 25.52 -22.27 43.11
N GLY D 302 25.06 -23.17 43.99
CA GLY D 302 25.37 -24.57 43.83
C GLY D 302 24.80 -25.23 42.59
N ILE D 303 23.78 -24.60 42.02
CA ILE D 303 23.16 -25.04 40.78
C ILE D 303 24.17 -24.93 39.63
N GLY D 304 24.57 -23.70 39.32
CA GLY D 304 25.63 -23.45 38.34
C GLY D 304 26.98 -24.10 38.68
N ARG D 305 27.35 -24.19 39.96
CA ARG D 305 28.62 -24.81 40.32
C ARG D 305 28.60 -26.30 39.96
N ALA D 306 27.47 -26.97 40.24
CA ALA D 306 27.27 -28.37 39.93
C ALA D 306 27.27 -28.66 38.42
N HIS D 307 26.66 -27.77 37.62
CA HIS D 307 26.69 -27.90 36.16
C HIS D 307 28.14 -27.85 35.67
N ASN D 308 28.87 -26.87 36.19
CA ASN D 308 30.31 -26.73 35.96
C ASN D 308 31.11 -27.98 36.28
N ILE D 309 30.87 -28.56 37.45
CA ILE D 309 31.61 -29.76 37.86
C ILE D 309 31.40 -30.93 36.87
N HIS D 310 30.15 -31.19 36.51
CA HIS D 310 29.83 -32.24 35.54
C HIS D 310 30.44 -32.01 34.16
N LEU D 311 30.33 -30.79 33.65
CA LEU D 311 30.99 -30.49 32.39
C LEU D 311 32.51 -30.75 32.52
N SER D 312 33.07 -30.49 33.69
CA SER D 312 34.53 -30.55 33.87
C SER D 312 35.08 -31.96 33.90
N THR D 313 34.20 -32.95 33.86
CA THR D 313 34.61 -34.34 33.84
C THR D 313 35.13 -34.75 32.47
N LEU D 314 34.86 -33.93 31.45
CA LEU D 314 35.33 -34.25 30.09
C LEU D 314 36.86 -34.21 30.01
N SER D 315 37.42 -34.97 29.07
CA SER D 315 38.86 -35.28 29.11
C SER D 315 39.80 -34.12 28.76
N ASN D 316 39.35 -33.17 27.94
CA ASN D 316 40.22 -32.04 27.60
C ASN D 316 40.21 -30.89 28.62
N PHE D 317 39.46 -31.07 29.71
CA PHE D 317 39.57 -30.18 30.85
C PHE D 317 40.84 -30.53 31.62
N ARG D 318 41.98 -30.09 31.08
CA ARG D 318 43.29 -30.54 31.52
C ARG D 318 44.03 -29.57 32.41
N LEU D 319 43.47 -28.38 32.59
CA LEU D 319 44.05 -27.41 33.50
C LEU D 319 43.02 -27.17 34.60
N PRO D 320 43.48 -26.82 35.82
CA PRO D 320 42.53 -26.56 36.92
C PRO D 320 41.55 -25.39 36.63
N GLY D 321 40.30 -25.57 37.01
CA GLY D 321 39.26 -24.55 36.78
C GLY D 321 38.97 -23.62 37.96
N ASP D 322 38.12 -22.62 37.74
CA ASP D 322 37.78 -21.62 38.77
C ASP D 322 36.70 -22.16 39.70
N THR D 323 36.53 -23.48 39.74
CA THR D 323 35.44 -24.07 40.51
C THR D 323 35.86 -24.35 41.96
N SER D 324 36.18 -23.32 42.72
CA SER D 324 36.54 -23.56 44.12
C SER D 324 35.33 -23.86 45.02
N SER D 325 35.61 -24.03 46.31
CA SER D 325 34.61 -24.48 47.28
C SER D 325 33.53 -23.44 47.49
N ALA D 326 32.29 -23.91 47.56
CA ALA D 326 31.12 -23.05 47.71
C ALA D 326 31.17 -22.22 49.00
N SER D 327 31.72 -22.81 50.06
CA SER D 327 31.86 -22.13 51.35
C SER D 327 32.76 -20.89 51.28
N ARG D 328 33.50 -20.74 50.19
CA ARG D 328 34.32 -19.55 49.98
C ARG D 328 33.43 -18.36 49.64
N TYR D 329 32.26 -18.65 49.08
CA TYR D 329 31.42 -17.63 48.46
C TYR D 329 30.19 -17.25 49.28
N TRP D 330 29.56 -18.26 49.89
CA TRP D 330 28.27 -18.11 50.56
C TRP D 330 28.29 -18.63 51.99
N GLU D 331 27.64 -17.90 52.89
CA GLU D 331 27.35 -18.44 54.22
C GLU D 331 26.31 -19.56 54.11
N ARG D 332 25.45 -19.46 53.11
CA ARG D 332 24.51 -20.52 52.81
C ARG D 332 24.18 -20.55 51.31
N ASP D 333 24.23 -21.74 50.73
CA ASP D 333 24.00 -21.95 49.29
C ASP D 333 22.53 -22.30 49.04
N LEU D 334 22.10 -22.23 47.78
CA LEU D 334 20.70 -22.48 47.41
C LEU D 334 20.37 -23.98 47.30
N ILE D 335 21.39 -24.82 47.39
CA ILE D 335 21.19 -26.27 47.35
C ILE D 335 21.47 -26.90 48.73
N GLN D 336 21.05 -28.15 48.90
CA GLN D 336 21.28 -28.86 50.16
C GLN D 336 22.68 -29.45 50.28
N GLU D 337 23.25 -29.87 49.16
CA GLU D 337 24.52 -30.56 49.15
C GLU D 337 25.69 -29.59 49.26
N PRO D 338 26.74 -29.99 50.00
CA PRO D 338 27.96 -29.20 50.03
C PRO D 338 28.78 -29.45 48.76
N LEU D 339 29.42 -28.40 48.26
CA LEU D 339 30.29 -28.51 47.10
C LEU D 339 31.65 -27.96 47.50
N GLU D 340 32.44 -28.83 48.12
CA GLU D 340 33.67 -28.43 48.76
C GLU D 340 34.87 -29.16 48.16
N ALA D 341 35.86 -28.40 47.72
CA ALA D 341 37.09 -29.00 47.23
C ALA D 341 38.00 -29.29 48.42
N VAL D 342 38.82 -30.34 48.31
CA VAL D 342 39.90 -30.61 49.25
C VAL D 342 41.17 -30.96 48.48
N ASP D 343 42.28 -30.30 48.84
CA ASP D 343 43.56 -30.51 48.17
C ASP D 343 43.44 -30.24 46.66
N GLY D 344 42.59 -29.26 46.33
CA GLY D 344 42.45 -28.86 44.95
C GLY D 344 41.72 -29.86 44.09
N LEU D 345 41.02 -30.82 44.72
CA LEU D 345 40.14 -31.75 44.00
C LEU D 345 38.67 -31.58 44.41
N MET D 346 37.82 -31.31 43.43
CA MET D 346 36.38 -31.20 43.69
C MET D 346 35.70 -32.50 43.28
N PRO D 347 35.00 -33.15 44.22
CA PRO D 347 34.36 -34.38 43.79
C PRO D 347 33.06 -34.09 43.02
N VAL D 348 32.67 -35.02 42.17
CA VAL D 348 31.42 -34.96 41.44
C VAL D 348 30.21 -35.33 42.32
N PRO D 349 29.29 -34.37 42.51
CA PRO D 349 28.09 -34.53 43.32
C PRO D 349 27.22 -35.66 42.79
N GLN D 350 26.94 -36.65 43.63
CA GLN D 350 26.23 -37.85 43.20
C GLN D 350 24.73 -37.64 43.01
N GLY D 351 24.12 -38.46 42.15
CA GLY D 351 22.73 -38.31 41.77
C GLY D 351 22.54 -38.11 40.26
N PRO D 352 21.29 -38.19 39.78
CA PRO D 352 20.95 -37.99 38.36
C PRO D 352 21.09 -36.50 37.99
N GLY D 353 21.24 -36.19 36.71
CA GLY D 353 21.48 -34.80 36.30
C GLY D 353 22.64 -34.16 37.06
N THR D 354 22.39 -32.99 37.63
CA THR D 354 23.44 -32.26 38.37
C THR D 354 23.88 -32.92 39.70
N GLY D 355 23.08 -33.83 40.21
CA GLY D 355 23.40 -34.42 41.49
C GLY D 355 23.18 -33.45 42.65
N VAL D 356 22.49 -32.34 42.40
CA VAL D 356 22.19 -31.40 43.49
C VAL D 356 20.72 -31.05 43.55
N THR D 357 20.31 -30.49 44.69
CA THR D 357 18.88 -30.31 44.99
C THR D 357 18.65 -28.95 45.62
N LEU D 358 17.68 -28.21 45.11
CA LEU D 358 17.37 -26.91 45.69
C LEU D 358 16.91 -27.03 47.14
N ASP D 359 17.39 -26.12 47.98
CA ASP D 359 16.87 -25.95 49.33
C ASP D 359 15.70 -24.98 49.19
N ARG D 360 14.49 -25.52 49.05
CA ARG D 360 13.33 -24.70 48.67
C ARG D 360 12.94 -23.73 49.78
N GLU D 361 12.98 -24.19 51.02
CA GLU D 361 12.70 -23.32 52.16
C GLU D 361 13.70 -22.16 52.21
N PHE D 362 14.99 -22.47 52.15
CA PHE D 362 15.96 -21.39 52.22
C PHE D 362 15.88 -20.47 50.99
N LEU D 363 15.67 -21.07 49.82
CA LEU D 363 15.49 -20.30 48.59
C LEU D 363 14.37 -19.26 48.75
N ALA D 364 13.23 -19.70 49.28
CA ALA D 364 12.08 -18.83 49.51
C ALA D 364 12.41 -17.56 50.32
N THR D 365 13.37 -17.67 51.23
CA THR D 365 13.73 -16.55 52.10
C THR D 365 14.60 -15.51 51.39
N VAL D 366 15.26 -15.91 50.31
CA VAL D 366 16.11 -14.98 49.55
C VAL D 366 15.60 -14.76 48.12
N THR D 367 14.39 -15.22 47.84
CA THR D 367 13.72 -14.96 46.58
C THR D 367 13.21 -13.51 46.52
N GLU D 368 13.49 -12.83 45.41
CA GLU D 368 12.93 -11.50 45.17
C GLU D 368 11.94 -11.48 44.00
N ALA D 369 11.94 -12.54 43.19
CA ALA D 369 10.99 -12.67 42.09
C ALA D 369 10.69 -14.13 41.74
N GLN D 370 9.44 -14.41 41.43
CA GLN D 370 9.07 -15.74 40.95
C GLN D 370 7.82 -15.71 40.07
N GLU D 371 7.83 -16.52 39.03
CA GLU D 371 6.74 -16.55 38.09
C GLU D 371 6.73 -17.93 37.46
N GLU D 372 5.55 -18.36 37.04
CA GLU D 372 5.43 -19.66 36.39
C GLU D 372 4.77 -19.50 35.03
N HIS D 373 5.23 -20.30 34.08
CA HIS D 373 4.72 -20.23 32.72
C HIS D 373 4.23 -21.60 32.25
N ARG D 374 3.08 -21.60 31.57
CA ARG D 374 2.44 -22.83 31.08
C ARG D 374 2.14 -22.70 29.59
N ALA D 375 1.85 -23.81 28.93
CA ALA D 375 1.43 -23.74 27.54
C ALA D 375 -0.05 -23.34 27.43
#